data_2NCA
#
_entry.id   2NCA
#
_entity_poly.entity_id   1
_entity_poly.type   'polypeptide(L)'
_entity_poly.pdbx_seq_one_letter_code
;GHMVDYSVWDHIEVSDDEDETHPNIDTASLFRWRHQARVERMEQFQKEKEELDRGCRECKRKVAECQRKLKELEVAEGGK
AELERLQAEAQQLRKEERSWEQKLEEMRKKEKSMPWNVDTLSKDGFSK
;
_entity_poly.pdbx_strand_id   A
#
# COMPACT_ATOMS: atom_id res chain seq x y z
N MET A 3 17.38 -11.83 16.19
CA MET A 3 18.33 -10.80 16.60
C MET A 3 19.04 -10.21 15.39
N VAL A 4 19.82 -11.03 14.70
CA VAL A 4 20.56 -10.59 13.53
C VAL A 4 19.61 -10.04 12.47
N ASP A 5 20.05 -8.96 11.82
CA ASP A 5 19.23 -8.32 10.78
C ASP A 5 19.09 -9.23 9.57
N TYR A 6 18.28 -8.80 8.61
CA TYR A 6 18.06 -9.59 7.40
C TYR A 6 18.59 -8.86 6.17
N SER A 7 19.86 -8.46 6.23
CA SER A 7 20.48 -7.74 5.13
C SER A 7 20.62 -8.65 3.90
N VAL A 8 19.64 -8.58 3.01
CA VAL A 8 19.64 -9.38 1.80
C VAL A 8 18.44 -9.05 0.91
N TRP A 9 17.33 -8.69 1.54
CA TRP A 9 16.12 -8.34 0.81
C TRP A 9 16.26 -6.99 0.14
N ASP A 10 17.36 -6.30 0.42
CA ASP A 10 17.61 -4.99 -0.16
C ASP A 10 19.02 -4.51 0.17
N HIS A 11 19.49 -4.85 1.37
CA HIS A 11 20.82 -4.45 1.81
C HIS A 11 21.87 -4.84 0.77
N ILE A 12 21.56 -5.84 -0.04
CA ILE A 12 22.48 -6.30 -1.07
C ILE A 12 22.83 -5.19 -2.05
N GLU A 13 21.97 -4.17 -2.10
CA GLU A 13 22.19 -3.03 -2.98
C GLU A 13 22.24 -3.48 -4.43
N VAL A 14 21.12 -3.32 -5.14
CA VAL A 14 21.04 -3.71 -6.54
C VAL A 14 20.62 -2.53 -7.41
N SER A 15 20.58 -1.34 -6.81
CA SER A 15 20.19 -0.14 -7.55
C SER A 15 18.72 -0.21 -7.98
N ASP A 16 17.90 -0.87 -7.16
CA ASP A 16 16.48 -1.01 -7.45
C ASP A 16 16.27 -1.84 -8.71
N ASP A 17 17.24 -2.71 -9.01
CA ASP A 17 17.16 -3.55 -10.19
C ASP A 17 16.97 -2.72 -11.46
N GLU A 18 18.07 -2.37 -12.10
CA GLU A 18 18.04 -1.58 -13.32
C GLU A 18 17.30 -0.26 -13.08
N ASP A 19 17.10 0.51 -14.15
CA ASP A 19 16.41 1.79 -14.05
C ASP A 19 14.92 1.63 -14.37
N GLU A 20 14.22 2.75 -14.47
CA GLU A 20 12.80 2.74 -14.77
C GLU A 20 12.55 2.67 -16.27
N THR A 21 13.63 2.57 -17.04
CA THR A 21 13.54 2.50 -18.49
C THR A 21 14.43 1.40 -19.05
N HIS A 22 13.98 0.76 -20.12
CA HIS A 22 14.75 -0.31 -20.75
C HIS A 22 14.00 -0.85 -21.96
N PRO A 23 13.90 -0.04 -23.01
CA PRO A 23 13.23 -0.42 -24.26
C PRO A 23 13.99 -1.48 -25.04
N ASN A 24 13.27 -2.49 -25.52
CA ASN A 24 13.89 -3.57 -26.29
C ASN A 24 12.88 -4.22 -27.23
N ILE A 25 12.51 -3.49 -28.27
CA ILE A 25 11.55 -3.98 -29.25
C ILE A 25 12.23 -4.27 -30.58
N ASP A 26 11.44 -4.74 -31.55
CA ASP A 26 11.97 -5.05 -32.87
C ASP A 26 10.86 -4.97 -33.92
N THR A 27 9.99 -5.97 -33.92
CA THR A 27 8.88 -6.01 -34.88
C THR A 27 7.55 -6.22 -34.18
N ALA A 28 7.32 -7.43 -33.69
CA ALA A 28 6.08 -7.75 -32.99
C ALA A 28 6.15 -7.34 -31.53
N SER A 29 7.38 -7.27 -30.99
CA SER A 29 7.59 -6.88 -29.60
C SER A 29 6.89 -5.56 -29.30
N LEU A 30 6.81 -4.70 -30.30
CA LEU A 30 6.17 -3.39 -30.13
C LEU A 30 4.71 -3.55 -29.73
N PHE A 31 3.93 -4.24 -30.56
CA PHE A 31 2.53 -4.46 -30.28
C PHE A 31 2.34 -5.25 -28.98
N ARG A 32 3.11 -6.31 -28.84
CA ARG A 32 3.03 -7.15 -27.65
C ARG A 32 3.28 -6.33 -26.38
N TRP A 33 4.39 -5.60 -26.37
CA TRP A 33 4.74 -4.77 -25.22
C TRP A 33 3.68 -3.69 -24.98
N ARG A 34 3.12 -3.18 -26.07
CA ARG A 34 2.10 -2.15 -25.98
C ARG A 34 0.88 -2.64 -25.22
N HIS A 35 0.26 -3.71 -25.72
CA HIS A 35 -0.92 -4.28 -25.07
C HIS A 35 -0.61 -4.70 -23.64
N GLN A 36 0.47 -5.47 -23.48
CA GLN A 36 0.87 -5.93 -22.16
C GLN A 36 1.07 -4.77 -21.20
N ALA A 37 1.76 -3.73 -21.67
CA ALA A 37 2.01 -2.55 -20.86
C ALA A 37 0.71 -1.92 -20.38
N ARG A 38 -0.17 -1.60 -21.32
CA ARG A 38 -1.45 -0.99 -20.99
C ARG A 38 -2.20 -1.81 -19.95
N VAL A 39 -2.31 -3.11 -20.20
CA VAL A 39 -3.00 -4.00 -19.27
C VAL A 39 -2.33 -4.01 -17.91
N GLU A 40 -1.00 -4.00 -17.91
CA GLU A 40 -0.22 -3.99 -16.67
C GLU A 40 -0.58 -2.79 -15.81
N ARG A 41 -0.34 -1.60 -16.34
CA ARG A 41 -0.63 -0.37 -15.62
C ARG A 41 -2.13 -0.23 -15.35
N MET A 42 -2.93 -0.86 -16.21
CA MET A 42 -4.38 -0.82 -16.06
C MET A 42 -4.82 -1.49 -14.76
N GLU A 43 -4.50 -2.78 -14.63
CA GLU A 43 -4.87 -3.54 -13.44
C GLU A 43 -4.12 -3.02 -12.22
N GLN A 44 -2.88 -2.59 -12.42
CA GLN A 44 -2.06 -2.07 -11.33
C GLN A 44 -2.63 -0.77 -10.80
N PHE A 45 -2.75 0.22 -11.67
CA PHE A 45 -3.29 1.53 -11.28
C PHE A 45 -4.70 1.38 -10.74
N GLN A 46 -5.50 0.53 -11.37
CA GLN A 46 -6.88 0.31 -10.94
C GLN A 46 -6.92 -0.24 -9.52
N LYS A 47 -6.12 -1.26 -9.26
CA LYS A 47 -6.06 -1.87 -7.94
C LYS A 47 -5.60 -0.87 -6.88
N GLU A 48 -4.40 -0.34 -7.05
CA GLU A 48 -3.85 0.63 -6.11
C GLU A 48 -4.82 1.79 -5.90
N LYS A 49 -5.51 2.17 -6.97
CA LYS A 49 -6.48 3.26 -6.89
C LYS A 49 -7.62 2.92 -5.94
N GLU A 50 -8.33 1.84 -6.24
CA GLU A 50 -9.45 1.41 -5.41
C GLU A 50 -9.03 1.29 -3.95
N GLU A 51 -7.84 0.74 -3.73
CA GLU A 51 -7.32 0.56 -2.38
C GLU A 51 -7.07 1.91 -1.71
N LEU A 52 -6.54 2.85 -2.49
CA LEU A 52 -6.26 4.19 -1.98
C LEU A 52 -7.53 4.89 -1.52
N ASP A 53 -8.46 5.06 -2.44
CA ASP A 53 -9.73 5.71 -2.13
C ASP A 53 -10.47 4.97 -1.01
N ARG A 54 -10.37 3.64 -1.03
CA ARG A 54 -11.02 2.81 -0.03
C ARG A 54 -10.42 3.05 1.36
N GLY A 55 -9.09 2.94 1.44
CA GLY A 55 -8.41 3.13 2.70
C GLY A 55 -8.49 4.57 3.18
N CYS A 56 -8.56 5.50 2.23
CA CYS A 56 -8.64 6.92 2.56
C CYS A 56 -9.98 7.26 3.19
N ARG A 57 -11.06 6.87 2.53
CA ARG A 57 -12.40 7.13 3.04
C ARG A 57 -12.66 6.37 4.33
N GLU A 58 -12.27 5.11 4.36
CA GLU A 58 -12.46 4.28 5.54
C GLU A 58 -11.69 4.84 6.74
N CYS A 59 -10.42 5.13 6.52
CA CYS A 59 -9.56 5.68 7.58
C CYS A 59 -10.13 6.98 8.11
N LYS A 60 -10.36 7.93 7.19
CA LYS A 60 -10.90 9.23 7.57
C LYS A 60 -12.18 9.08 8.38
N ARG A 61 -13.07 8.20 7.93
CA ARG A 61 -14.33 7.97 8.61
C ARG A 61 -14.09 7.50 10.06
N LYS A 62 -13.41 6.38 10.20
CA LYS A 62 -13.11 5.83 11.52
C LYS A 62 -12.39 6.85 12.38
N VAL A 63 -11.25 7.33 11.89
CA VAL A 63 -10.46 8.32 12.62
C VAL A 63 -11.32 9.51 13.04
N ALA A 64 -12.19 9.96 12.13
CA ALA A 64 -13.07 11.08 12.42
C ALA A 64 -13.96 10.79 13.62
N GLU A 65 -14.73 9.71 13.54
CA GLU A 65 -15.62 9.33 14.63
C GLU A 65 -14.83 9.08 15.92
N CYS A 66 -13.86 8.18 15.83
CA CYS A 66 -13.03 7.85 16.99
C CYS A 66 -12.47 9.11 17.64
N GLN A 67 -11.90 9.98 16.82
CA GLN A 67 -11.32 11.22 17.32
C GLN A 67 -12.36 12.04 18.09
N ARG A 68 -13.51 12.27 17.45
CA ARG A 68 -14.58 13.03 18.07
C ARG A 68 -15.01 12.41 19.40
N LYS A 69 -14.95 11.09 19.46
CA LYS A 69 -15.33 10.36 20.68
C LYS A 69 -14.32 10.61 21.79
N LEU A 70 -13.09 10.20 21.59
CA LEU A 70 -12.03 10.38 22.57
C LEU A 70 -11.85 11.85 22.91
N LYS A 71 -12.20 12.71 21.96
CA LYS A 71 -12.08 14.16 22.16
C LYS A 71 -13.17 14.67 23.08
N GLU A 72 -14.40 14.24 22.84
CA GLU A 72 -15.53 14.66 23.67
C GLU A 72 -15.44 14.06 25.07
N LEU A 73 -14.81 12.89 25.17
CA LEU A 73 -14.65 12.22 26.45
C LEU A 73 -13.42 12.73 27.18
N GLU A 74 -12.41 13.14 26.42
CA GLU A 74 -11.17 13.65 27.00
C GLU A 74 -11.46 14.78 27.98
N VAL A 75 -12.61 15.42 27.81
CA VAL A 75 -13.00 16.52 28.69
C VAL A 75 -13.64 16.01 29.98
N ALA A 76 -14.26 14.83 29.89
CA ALA A 76 -14.89 14.22 31.05
C ALA A 76 -13.87 13.82 32.11
N GLU A 77 -14.24 13.97 33.37
CA GLU A 77 -13.36 13.62 34.48
C GLU A 77 -12.81 12.21 34.31
N GLY A 78 -11.76 11.89 35.06
CA GLY A 78 -11.16 10.57 34.98
C GLY A 78 -9.65 10.62 35.00
N GLY A 79 -9.07 10.45 36.19
CA GLY A 79 -7.63 10.48 36.33
C GLY A 79 -6.93 9.52 35.37
N LYS A 80 -6.85 8.26 35.77
CA LYS A 80 -6.20 7.25 34.94
C LYS A 80 -6.85 7.17 33.56
N ALA A 81 -8.11 7.59 33.48
CA ALA A 81 -8.85 7.58 32.22
C ALA A 81 -8.08 8.31 31.13
N GLU A 82 -7.27 9.29 31.55
CA GLU A 82 -6.47 10.07 30.60
C GLU A 82 -5.56 9.16 29.78
N LEU A 83 -4.97 8.18 30.44
CA LEU A 83 -4.06 7.25 29.78
C LEU A 83 -4.83 6.33 28.83
N GLU A 84 -6.05 5.98 29.22
CA GLU A 84 -6.89 5.11 28.40
C GLU A 84 -7.24 5.78 27.07
N ARG A 85 -7.69 7.02 27.16
CA ARG A 85 -8.06 7.78 25.96
C ARG A 85 -6.83 8.12 25.13
N LEU A 86 -5.75 8.51 25.79
CA LEU A 86 -4.51 8.86 25.11
C LEU A 86 -3.89 7.64 24.45
N GLN A 87 -4.02 6.48 25.11
CA GLN A 87 -3.46 5.24 24.59
C GLN A 87 -4.23 4.78 23.35
N ALA A 88 -5.56 4.71 23.48
CA ALA A 88 -6.41 4.28 22.38
C ALA A 88 -6.27 5.22 21.19
N GLU A 89 -6.22 6.52 21.47
CA GLU A 89 -6.09 7.53 20.43
C GLU A 89 -4.73 7.43 19.73
N ALA A 90 -3.67 7.69 20.49
CA ALA A 90 -2.32 7.64 19.96
C ALA A 90 -2.09 6.35 19.18
N GLN A 91 -2.64 5.24 19.70
CA GLN A 91 -2.49 3.95 19.06
C GLN A 91 -3.33 3.86 17.79
N GLN A 92 -4.49 4.51 17.81
CA GLN A 92 -5.39 4.51 16.66
C GLN A 92 -4.73 5.14 15.45
N LEU A 93 -4.23 6.36 15.63
CA LEU A 93 -3.56 7.08 14.55
C LEU A 93 -2.24 6.41 14.18
N ARG A 94 -1.41 6.17 15.18
CA ARG A 94 -0.11 5.53 14.96
C ARG A 94 -0.27 4.24 14.16
N LYS A 95 -1.32 3.49 14.46
CA LYS A 95 -1.59 2.23 13.77
C LYS A 95 -2.13 2.49 12.36
N GLU A 96 -2.99 3.49 12.25
CA GLU A 96 -3.57 3.85 10.96
C GLU A 96 -2.50 4.29 9.97
N GLU A 97 -1.64 5.20 10.42
CA GLU A 97 -0.56 5.71 9.57
C GLU A 97 0.48 4.62 9.30
N ARG A 98 0.86 3.91 10.35
CA ARG A 98 1.85 2.84 10.23
C ARG A 98 1.36 1.75 9.28
N SER A 99 0.10 1.34 9.46
CA SER A 99 -0.49 0.30 8.62
C SER A 99 -0.57 0.75 7.17
N TRP A 100 -1.14 1.94 6.96
CA TRP A 100 -1.28 2.48 5.62
C TRP A 100 0.08 2.61 4.93
N GLU A 101 1.04 3.19 5.66
CA GLU A 101 2.39 3.36 5.12
C GLU A 101 2.98 2.03 4.67
N GLN A 102 3.02 1.08 5.58
CA GLN A 102 3.56 -0.24 5.28
C GLN A 102 2.79 -0.91 4.14
N LYS A 103 1.48 -1.08 4.35
CA LYS A 103 0.63 -1.71 3.35
C LYS A 103 0.80 -1.03 1.99
N LEU A 104 1.07 0.28 2.02
CA LEU A 104 1.24 1.04 0.79
C LEU A 104 2.53 0.63 0.08
N GLU A 105 3.65 0.75 0.78
CA GLU A 105 4.94 0.38 0.22
C GLU A 105 4.91 -1.03 -0.36
N GLU A 106 4.26 -1.94 0.36
CA GLU A 106 4.15 -3.33 -0.08
C GLU A 106 3.18 -3.45 -1.25
N MET A 107 2.08 -2.72 -1.17
CA MET A 107 1.07 -2.75 -2.23
C MET A 107 1.66 -2.32 -3.56
N ARG A 108 2.47 -1.26 -3.53
CA ARG A 108 3.10 -0.74 -4.74
C ARG A 108 4.31 -1.59 -5.13
N LYS A 109 5.02 -2.08 -4.13
CA LYS A 109 6.20 -2.91 -4.36
C LYS A 109 5.81 -4.23 -5.03
N LYS A 110 4.65 -4.74 -4.68
CA LYS A 110 4.16 -5.99 -5.24
C LYS A 110 3.42 -5.74 -6.55
N GLU A 111 2.52 -4.77 -6.56
CA GLU A 111 1.76 -4.43 -7.75
C GLU A 111 2.68 -4.06 -8.90
N LYS A 112 3.78 -3.37 -8.58
CA LYS A 112 4.73 -2.95 -9.60
C LYS A 112 5.42 -4.17 -10.22
N SER A 113 5.53 -5.24 -9.44
CA SER A 113 6.17 -6.46 -9.92
C SER A 113 5.17 -7.61 -10.00
N MET A 114 3.90 -7.26 -10.15
CA MET A 114 2.84 -8.25 -10.26
C MET A 114 3.17 -9.30 -11.32
N PRO A 115 2.59 -10.50 -11.18
CA PRO A 115 2.80 -11.60 -12.11
C PRO A 115 2.16 -11.34 -13.47
N TRP A 116 1.19 -10.43 -13.49
CA TRP A 116 0.49 -10.09 -14.73
C TRP A 116 1.35 -9.22 -15.62
N ASN A 117 2.28 -8.48 -15.01
CA ASN A 117 3.17 -7.60 -15.75
C ASN A 117 3.98 -8.38 -16.77
N VAL A 118 4.48 -9.54 -16.37
CA VAL A 118 5.27 -10.39 -17.26
C VAL A 118 4.38 -11.38 -18.01
N ASP A 119 3.24 -11.69 -17.43
CA ASP A 119 2.30 -12.61 -18.06
C ASP A 119 2.90 -14.00 -18.19
N THR A 120 2.22 -14.88 -18.91
CA THR A 120 2.69 -16.24 -19.11
C THR A 120 2.75 -17.01 -17.80
N LEU A 121 1.58 -17.30 -17.24
CA LEU A 121 1.50 -18.03 -15.97
C LEU A 121 0.04 -18.27 -15.58
N SER A 122 -0.16 -18.93 -14.45
CA SER A 122 -1.50 -19.22 -13.96
C SER A 122 -2.14 -17.99 -13.33
N LYS A 123 -3.41 -18.11 -12.96
CA LYS A 123 -4.14 -17.01 -12.34
C LYS A 123 -3.88 -16.96 -10.84
N ASP A 124 -4.18 -15.82 -10.23
CA ASP A 124 -3.99 -15.65 -8.79
C ASP A 124 -5.30 -15.26 -8.11
N GLY A 125 -6.41 -15.56 -8.77
CA GLY A 125 -7.71 -15.23 -8.21
C GLY A 125 -7.91 -13.73 -8.03
N PHE A 126 -7.52 -12.96 -9.03
CA PHE A 126 -7.65 -11.51 -8.99
C PHE A 126 -9.12 -11.10 -8.95
N SER A 127 -9.46 -10.20 -8.03
CA SER A 127 -10.83 -9.73 -7.88
C SER A 127 -10.94 -8.26 -8.25
N LYS A 128 -12.02 -7.89 -8.92
CA LYS A 128 -12.25 -6.51 -9.32
C LYS A 128 -13.39 -5.88 -8.52
N MET A 3 8.98 -1.21 13.03
CA MET A 3 9.66 -0.12 12.35
C MET A 3 10.66 -0.64 11.32
N VAL A 4 11.54 -1.54 11.77
CA VAL A 4 12.54 -2.12 10.88
C VAL A 4 12.57 -3.64 11.02
N ASP A 5 12.63 -4.33 9.88
CA ASP A 5 12.68 -5.79 9.89
C ASP A 5 13.79 -6.30 8.99
N TYR A 6 14.13 -7.58 9.14
CA TYR A 6 15.19 -8.19 8.34
C TYR A 6 14.76 -8.31 6.87
N SER A 7 15.34 -7.48 6.02
CA SER A 7 15.02 -7.49 4.60
C SER A 7 16.23 -7.09 3.77
N VAL A 8 17.01 -8.09 3.35
CA VAL A 8 18.19 -7.84 2.55
C VAL A 8 17.83 -7.42 1.13
N TRP A 9 16.55 -7.60 0.79
CA TRP A 9 16.07 -7.24 -0.55
C TRP A 9 16.32 -5.76 -0.83
N ASP A 10 16.45 -4.97 0.23
CA ASP A 10 16.69 -3.55 0.09
C ASP A 10 18.02 -3.16 0.73
N HIS A 11 18.71 -4.13 1.31
CA HIS A 11 19.98 -3.89 1.96
C HIS A 11 20.93 -3.14 1.01
N ILE A 12 20.81 -3.42 -0.28
CA ILE A 12 21.66 -2.77 -1.27
C ILE A 12 20.83 -1.99 -2.28
N GLU A 13 19.59 -2.43 -2.48
CA GLU A 13 18.69 -1.76 -3.41
C GLU A 13 19.25 -1.81 -4.83
N VAL A 14 18.71 -2.71 -5.65
CA VAL A 14 19.15 -2.85 -7.04
C VAL A 14 17.97 -2.74 -8.00
N SER A 15 16.81 -2.36 -7.47
CA SER A 15 15.62 -2.23 -8.29
C SER A 15 15.18 -3.59 -8.85
N ASP A 16 15.41 -4.63 -8.06
CA ASP A 16 15.05 -5.99 -8.47
C ASP A 16 15.83 -6.41 -9.71
N ASP A 17 17.02 -5.84 -9.87
CA ASP A 17 17.87 -6.16 -11.02
C ASP A 17 17.13 -5.94 -12.33
N GLU A 18 16.87 -4.67 -12.66
CA GLU A 18 16.17 -4.32 -13.89
C GLU A 18 16.02 -2.82 -14.02
N ASP A 19 16.59 -2.26 -15.08
CA ASP A 19 16.51 -0.82 -15.32
C ASP A 19 15.40 -0.49 -16.31
N GLU A 20 15.33 0.77 -16.72
CA GLU A 20 14.31 1.21 -17.65
C GLU A 20 14.89 1.34 -19.06
N THR A 21 16.16 0.99 -19.21
CA THR A 21 16.83 1.07 -20.49
C THR A 21 16.88 -0.30 -21.17
N HIS A 22 15.79 -1.04 -21.07
CA HIS A 22 15.71 -2.36 -21.67
C HIS A 22 14.31 -2.63 -22.23
N PRO A 23 13.95 -1.90 -23.29
CA PRO A 23 12.64 -2.03 -23.94
C PRO A 23 12.50 -3.37 -24.68
N ASN A 24 13.50 -3.71 -25.47
CA ASN A 24 13.48 -4.95 -26.23
C ASN A 24 12.25 -5.02 -27.14
N ILE A 25 12.13 -4.04 -28.03
CA ILE A 25 11.00 -3.99 -28.94
C ILE A 25 11.44 -4.33 -30.37
N ASP A 26 10.46 -4.53 -31.25
CA ASP A 26 10.75 -4.87 -32.64
C ASP A 26 9.47 -4.85 -33.48
N THR A 27 8.56 -5.76 -33.16
CA THR A 27 7.29 -5.85 -33.89
C THR A 27 6.17 -6.32 -32.97
N ALA A 28 6.19 -7.61 -32.62
CA ALA A 28 5.18 -8.18 -31.74
C ALA A 28 5.32 -7.66 -30.32
N SER A 29 6.55 -7.32 -29.94
CA SER A 29 6.82 -6.81 -28.61
C SER A 29 5.93 -5.61 -28.29
N LEU A 30 5.59 -4.84 -29.32
CA LEU A 30 4.74 -3.67 -29.16
C LEU A 30 3.37 -4.05 -28.61
N PHE A 31 2.68 -4.92 -29.33
CA PHE A 31 1.35 -5.38 -28.92
C PHE A 31 1.42 -6.09 -27.57
N ARG A 32 2.34 -7.04 -27.45
CA ARG A 32 2.50 -7.79 -26.22
C ARG A 32 2.73 -6.86 -25.03
N TRP A 33 3.73 -5.99 -25.15
CA TRP A 33 4.05 -5.04 -24.09
C TRP A 33 2.83 -4.23 -23.70
N ARG A 34 2.17 -3.63 -24.69
CA ARG A 34 0.99 -2.83 -24.44
C ARG A 34 -0.05 -3.60 -23.64
N HIS A 35 -0.26 -4.86 -24.02
CA HIS A 35 -1.22 -5.72 -23.34
C HIS A 35 -0.84 -5.90 -21.86
N GLN A 36 0.34 -6.46 -21.63
CA GLN A 36 0.82 -6.69 -20.27
C GLN A 36 0.74 -5.40 -19.45
N ALA A 37 1.33 -4.33 -19.98
CA ALA A 37 1.32 -3.04 -19.29
C ALA A 37 -0.10 -2.65 -18.87
N ARG A 38 -1.03 -2.74 -19.81
CA ARG A 38 -2.42 -2.39 -19.55
C ARG A 38 -3.01 -3.30 -18.47
N VAL A 39 -2.62 -4.57 -18.49
CA VAL A 39 -3.11 -5.53 -17.52
C VAL A 39 -2.71 -5.14 -16.11
N GLU A 40 -1.41 -5.00 -15.87
CA GLU A 40 -0.91 -4.63 -14.57
C GLU A 40 -1.31 -3.20 -14.21
N ARG A 41 -1.50 -2.37 -15.23
CA ARG A 41 -1.89 -0.99 -15.03
C ARG A 41 -3.28 -0.89 -14.39
N MET A 42 -4.27 -1.45 -15.08
CA MET A 42 -5.65 -1.43 -14.58
C MET A 42 -5.78 -2.27 -13.32
N GLU A 43 -5.11 -3.43 -13.31
CA GLU A 43 -5.16 -4.33 -12.16
C GLU A 43 -4.70 -3.62 -10.90
N GLN A 44 -3.46 -3.12 -10.92
CA GLN A 44 -2.90 -2.41 -9.78
C GLN A 44 -3.67 -1.13 -9.50
N PHE A 45 -4.13 -0.48 -10.56
CA PHE A 45 -4.88 0.76 -10.42
C PHE A 45 -6.09 0.57 -9.52
N GLN A 46 -7.01 -0.29 -9.93
CA GLN A 46 -8.21 -0.55 -9.16
C GLN A 46 -7.87 -1.24 -7.84
N LYS A 47 -6.85 -2.10 -7.86
CA LYS A 47 -6.42 -2.81 -6.67
C LYS A 47 -6.00 -1.84 -5.57
N GLU A 48 -4.98 -1.03 -5.86
CA GLU A 48 -4.50 -0.06 -4.89
C GLU A 48 -5.55 1.00 -4.60
N LYS A 49 -6.34 1.34 -5.61
CA LYS A 49 -7.39 2.34 -5.46
C LYS A 49 -8.36 1.95 -4.34
N GLU A 50 -8.95 0.77 -4.47
CA GLU A 50 -9.89 0.29 -3.46
C GLU A 50 -9.18 0.00 -2.15
N GLU A 51 -8.00 -0.59 -2.23
CA GLU A 51 -7.22 -0.91 -1.04
C GLU A 51 -6.95 0.34 -0.20
N LEU A 52 -6.27 1.30 -0.80
CA LEU A 52 -5.95 2.54 -0.11
C LEU A 52 -7.22 3.27 0.32
N ASP A 53 -8.11 3.51 -0.63
CA ASP A 53 -9.37 4.20 -0.34
C ASP A 53 -10.09 3.53 0.83
N ARG A 54 -9.99 2.21 0.90
CA ARG A 54 -10.64 1.45 1.97
C ARG A 54 -9.98 1.74 3.31
N GLY A 55 -8.65 1.62 3.35
CA GLY A 55 -7.92 1.86 4.57
C GLY A 55 -8.00 3.31 5.01
N CYS A 56 -8.14 4.22 4.06
CA CYS A 56 -8.22 5.64 4.35
C CYS A 56 -9.57 5.99 4.97
N ARG A 57 -10.65 5.58 4.31
CA ARG A 57 -12.00 5.86 4.78
C ARG A 57 -12.25 5.16 6.12
N GLU A 58 -11.77 3.93 6.24
CA GLU A 58 -11.95 3.16 7.48
C GLU A 58 -11.16 3.79 8.62
N CYS A 59 -9.87 4.00 8.38
CA CYS A 59 -8.99 4.59 9.40
C CYS A 59 -9.49 5.97 9.79
N LYS A 60 -9.94 6.74 8.82
CA LYS A 60 -10.44 8.09 9.06
C LYS A 60 -11.68 8.06 9.96
N ARG A 61 -12.66 7.25 9.58
CA ARG A 61 -13.89 7.12 10.34
C ARG A 61 -13.61 6.59 11.75
N LYS A 62 -12.67 5.65 11.85
CA LYS A 62 -12.29 5.07 13.13
C LYS A 62 -11.74 6.14 14.07
N VAL A 63 -10.67 6.79 13.66
CA VAL A 63 -10.04 7.83 14.46
C VAL A 63 -11.01 8.98 14.72
N ALA A 64 -11.91 9.21 13.77
CA ALA A 64 -12.89 10.28 13.89
C ALA A 64 -13.83 10.03 15.07
N GLU A 65 -14.52 8.90 15.04
CA GLU A 65 -15.45 8.54 16.10
C GLU A 65 -14.73 8.42 17.44
N CYS A 66 -13.64 7.67 17.45
CA CYS A 66 -12.86 7.47 18.65
C CYS A 66 -12.44 8.80 19.27
N GLN A 67 -11.86 9.67 18.46
CA GLN A 67 -11.41 10.97 18.92
C GLN A 67 -12.58 11.76 19.52
N ARG A 68 -13.68 11.83 18.78
CA ARG A 68 -14.86 12.56 19.24
C ARG A 68 -15.34 12.01 20.58
N LYS A 69 -15.21 10.70 20.76
CA LYS A 69 -15.63 10.05 22.00
C LYS A 69 -14.75 10.47 23.16
N LEU A 70 -13.47 10.13 23.09
CA LEU A 70 -12.52 10.47 24.13
C LEU A 70 -12.47 11.99 24.36
N LYS A 71 -12.83 12.74 23.32
CA LYS A 71 -12.83 14.19 23.41
C LYS A 71 -14.02 14.68 24.23
N GLU A 72 -15.20 14.16 23.93
CA GLU A 72 -16.42 14.54 24.64
C GLU A 72 -16.37 14.05 26.08
N LEU A 73 -15.68 12.93 26.31
CA LEU A 73 -15.57 12.36 27.64
C LEU A 73 -14.42 13.00 28.41
N GLU A 74 -13.39 13.44 27.68
CA GLU A 74 -12.23 14.07 28.30
C GLU A 74 -12.65 15.23 29.20
N VAL A 75 -13.83 15.77 28.93
CA VAL A 75 -14.35 16.88 29.72
C VAL A 75 -15.04 16.38 30.99
N ALA A 76 -15.60 15.18 30.92
CA ALA A 76 -16.29 14.58 32.05
C ALA A 76 -15.30 14.08 33.09
N GLU A 77 -14.09 13.74 32.65
CA GLU A 77 -13.06 13.25 33.55
C GLU A 77 -11.72 13.93 33.26
N GLY A 78 -11.05 14.36 34.32
CA GLY A 78 -9.75 15.02 34.16
C GLY A 78 -8.69 14.41 35.03
N GLY A 79 -7.42 14.70 34.71
CA GLY A 79 -6.32 14.17 35.48
C GLY A 79 -5.70 12.94 34.85
N LYS A 80 -6.11 11.77 35.32
CA LYS A 80 -5.60 10.51 34.79
C LYS A 80 -6.23 10.18 33.43
N ALA A 81 -7.47 10.63 33.25
CA ALA A 81 -8.19 10.39 32.01
C ALA A 81 -7.41 10.93 30.81
N GLU A 82 -6.61 11.97 31.04
CA GLU A 82 -5.82 12.58 29.99
C GLU A 82 -4.88 11.55 29.36
N LEU A 83 -4.27 10.72 30.20
CA LEU A 83 -3.36 9.69 29.73
C LEU A 83 -4.09 8.61 28.95
N GLU A 84 -5.32 8.31 29.37
CA GLU A 84 -6.13 7.30 28.71
C GLU A 84 -6.48 7.72 27.28
N ARG A 85 -6.95 8.95 27.13
CA ARG A 85 -7.31 9.48 25.82
C ARG A 85 -6.07 9.68 24.95
N LEU A 86 -5.00 10.19 25.56
CA LEU A 86 -3.76 10.42 24.83
C LEU A 86 -3.11 9.11 24.42
N GLN A 87 -3.23 8.10 25.26
CA GLN A 87 -2.66 6.79 24.98
C GLN A 87 -3.41 6.10 23.84
N ALA A 88 -4.73 6.02 23.96
CA ALA A 88 -5.55 5.40 22.94
C ALA A 88 -5.43 6.14 21.60
N GLU A 89 -5.40 7.46 21.67
CA GLU A 89 -5.28 8.27 20.46
C GLU A 89 -3.91 8.09 19.82
N ALA A 90 -2.87 8.52 20.53
CA ALA A 90 -1.50 8.40 20.02
C ALA A 90 -1.23 6.99 19.50
N GLN A 91 -1.75 5.99 20.20
CA GLN A 91 -1.56 4.60 19.80
C GLN A 91 -2.39 4.27 18.57
N GLN A 92 -3.57 4.88 18.48
CA GLN A 92 -4.46 4.65 17.35
C GLN A 92 -3.81 5.06 16.03
N LEU A 93 -3.36 6.31 15.97
CA LEU A 93 -2.71 6.84 14.78
C LEU A 93 -1.36 6.17 14.55
N ARG A 94 -0.54 6.16 15.60
CA ARG A 94 0.79 5.54 15.51
C ARG A 94 0.70 4.12 14.96
N LYS A 95 -0.31 3.39 15.40
CA LYS A 95 -0.52 2.02 14.95
C LYS A 95 -1.06 1.98 13.52
N GLU A 96 -1.96 2.91 13.22
CA GLU A 96 -2.54 2.98 11.89
C GLU A 96 -1.49 3.28 10.83
N GLU A 97 -0.64 4.27 11.11
CA GLU A 97 0.42 4.66 10.19
C GLU A 97 1.49 3.59 10.12
N ARG A 98 1.89 3.08 11.29
CA ARG A 98 2.92 2.04 11.35
C ARG A 98 2.48 0.79 10.63
N SER A 99 1.26 0.34 10.93
CA SER A 99 0.71 -0.87 10.30
C SER A 99 0.57 -0.68 8.80
N TRP A 100 -0.12 0.38 8.40
CA TRP A 100 -0.33 0.67 6.98
C TRP A 100 1.01 0.82 6.25
N GLU A 101 1.94 1.51 6.90
CA GLU A 101 3.27 1.72 6.31
C GLU A 101 3.95 0.38 6.01
N GLN A 102 4.07 -0.46 7.03
CA GLN A 102 4.71 -1.76 6.86
C GLN A 102 3.98 -2.59 5.82
N LYS A 103 2.69 -2.83 6.04
CA LYS A 103 1.89 -3.62 5.11
C LYS A 103 2.01 -3.08 3.70
N LEU A 104 2.14 -1.76 3.58
CA LEU A 104 2.27 -1.12 2.28
C LEU A 104 3.58 -1.50 1.61
N GLU A 105 4.69 -1.22 2.29
CA GLU A 105 6.01 -1.54 1.76
C GLU A 105 6.09 -3.01 1.33
N GLU A 106 5.47 -3.88 2.13
CA GLU A 106 5.48 -5.31 1.84
C GLU A 106 4.55 -5.63 0.67
N MET A 107 3.38 -4.98 0.65
CA MET A 107 2.41 -5.21 -0.41
C MET A 107 3.00 -4.82 -1.76
N ARG A 108 3.72 -3.72 -1.80
CA ARG A 108 4.34 -3.24 -3.04
C ARG A 108 5.61 -4.03 -3.35
N LYS A 109 6.35 -4.38 -2.31
CA LYS A 109 7.59 -5.14 -2.47
C LYS A 109 7.31 -6.52 -3.05
N LYS A 110 6.17 -7.09 -2.68
CA LYS A 110 5.78 -8.41 -3.16
C LYS A 110 5.05 -8.32 -4.49
N GLU A 111 4.09 -7.40 -4.57
CA GLU A 111 3.32 -7.20 -5.79
C GLU A 111 4.23 -6.75 -6.94
N LYS A 112 5.32 -6.09 -6.59
CA LYS A 112 6.27 -5.59 -7.59
C LYS A 112 6.76 -6.73 -8.47
N SER A 113 6.73 -7.96 -7.94
CA SER A 113 7.17 -9.13 -8.68
C SER A 113 6.00 -9.83 -9.35
N MET A 114 4.94 -9.07 -9.61
CA MET A 114 3.75 -9.62 -10.25
C MET A 114 4.11 -10.36 -11.53
N PRO A 115 3.21 -11.23 -11.99
CA PRO A 115 3.40 -12.03 -13.21
C PRO A 115 3.36 -11.16 -14.47
N TRP A 116 2.83 -9.96 -14.34
CA TRP A 116 2.74 -9.04 -15.47
C TRP A 116 3.77 -7.92 -15.35
N ASN A 117 3.97 -7.44 -14.14
CA ASN A 117 4.93 -6.36 -13.88
C ASN A 117 6.35 -6.85 -14.11
N VAL A 118 6.57 -8.14 -13.96
CA VAL A 118 7.89 -8.73 -14.15
C VAL A 118 7.83 -9.91 -15.11
N ASP A 119 7.25 -11.01 -14.65
CA ASP A 119 7.13 -12.21 -15.48
C ASP A 119 6.50 -11.89 -16.82
N THR A 120 6.69 -12.78 -17.80
CA THR A 120 6.15 -12.58 -19.13
C THR A 120 4.67 -12.95 -19.17
N LEU A 121 4.10 -12.95 -20.38
CA LEU A 121 2.68 -13.29 -20.55
C LEU A 121 2.52 -14.35 -21.64
N SER A 122 1.32 -14.94 -21.70
CA SER A 122 1.03 -15.96 -22.69
C SER A 122 -0.34 -15.73 -23.33
N LYS A 123 -0.76 -14.47 -23.36
CA LYS A 123 -2.05 -14.11 -23.94
C LYS A 123 -3.20 -14.76 -23.18
N ASP A 124 -3.59 -14.12 -22.07
CA ASP A 124 -4.68 -14.64 -21.24
C ASP A 124 -6.02 -14.11 -21.74
N GLY A 125 -5.99 -13.01 -22.50
CA GLY A 125 -7.21 -12.42 -23.02
C GLY A 125 -7.78 -11.36 -22.10
N PHE A 126 -6.90 -10.57 -21.51
CA PHE A 126 -7.32 -9.51 -20.60
C PHE A 126 -7.64 -8.23 -21.36
N SER A 127 -8.93 -7.89 -21.42
CA SER A 127 -9.36 -6.69 -22.13
C SER A 127 -8.88 -5.43 -21.42
N LYS A 128 -8.29 -4.52 -22.19
CA LYS A 128 -7.78 -3.27 -21.63
C LYS A 128 -6.86 -3.53 -20.45
N MET A 3 24.34 2.43 13.96
CA MET A 3 23.11 3.23 13.95
C MET A 3 23.04 4.09 12.69
N VAL A 4 21.88 4.71 12.47
CA VAL A 4 21.68 5.56 11.31
C VAL A 4 22.05 4.84 10.03
N ASP A 5 21.08 4.13 9.45
CA ASP A 5 21.30 3.39 8.22
C ASP A 5 20.46 3.96 7.07
N TYR A 6 21.02 3.95 5.87
CA TYR A 6 20.32 4.46 4.70
C TYR A 6 19.93 5.92 4.90
N SER A 7 19.38 6.53 3.86
CA SER A 7 18.96 7.93 3.92
C SER A 7 17.98 8.25 2.79
N VAL A 8 18.50 8.29 1.57
CA VAL A 8 17.67 8.60 0.40
C VAL A 8 17.41 7.34 -0.42
N TRP A 9 18.16 6.28 -0.15
CA TRP A 9 18.01 5.02 -0.86
C TRP A 9 16.70 4.34 -0.49
N ASP A 10 16.15 4.71 0.66
CA ASP A 10 14.89 4.14 1.13
C ASP A 10 13.79 5.19 1.15
N HIS A 11 14.18 6.45 0.93
CA HIS A 11 13.21 7.55 0.92
C HIS A 11 12.03 7.23 0.00
N ILE A 12 12.29 6.47 -1.06
CA ILE A 12 11.26 6.10 -2.01
C ILE A 12 11.20 4.59 -2.19
N GLU A 13 12.35 3.94 -2.10
CA GLU A 13 12.43 2.50 -2.26
C GLU A 13 11.97 2.07 -3.65
N VAL A 14 12.93 1.73 -4.50
CA VAL A 14 12.63 1.31 -5.87
C VAL A 14 13.28 -0.03 -6.18
N SER A 15 13.83 -0.68 -5.16
CA SER A 15 14.48 -1.98 -5.32
C SER A 15 15.72 -1.85 -6.18
N ASP A 16 16.39 -0.71 -6.08
CA ASP A 16 17.60 -0.46 -6.85
C ASP A 16 17.29 -0.43 -8.35
N ASP A 17 16.05 -0.08 -8.69
CA ASP A 17 15.63 -0.01 -10.08
C ASP A 17 15.94 -1.32 -10.81
N GLU A 18 15.11 -2.33 -10.57
CA GLU A 18 15.29 -3.64 -11.20
C GLU A 18 14.21 -4.61 -10.74
N ASP A 19 13.77 -5.47 -11.66
CA ASP A 19 12.75 -6.46 -11.35
C ASP A 19 13.28 -7.87 -11.53
N GLU A 20 12.40 -8.86 -11.40
CA GLU A 20 12.78 -10.25 -11.55
C GLU A 20 12.19 -10.86 -12.83
N THR A 21 11.50 -10.02 -13.60
CA THR A 21 10.89 -10.47 -14.84
C THR A 21 11.38 -9.65 -16.03
N HIS A 22 12.53 -10.04 -16.57
CA HIS A 22 13.11 -9.34 -17.71
C HIS A 22 13.48 -10.31 -18.81
N PRO A 23 12.46 -10.91 -19.45
CA PRO A 23 12.65 -11.88 -20.53
C PRO A 23 13.18 -11.22 -21.80
N ASN A 24 13.23 -11.99 -22.89
CA ASN A 24 13.71 -11.49 -24.16
C ASN A 24 12.61 -11.53 -25.21
N ILE A 25 12.74 -10.69 -26.23
CA ILE A 25 11.75 -10.64 -27.31
C ILE A 25 12.32 -11.20 -28.60
N ASP A 26 11.53 -11.17 -29.66
CA ASP A 26 11.95 -11.68 -30.97
C ASP A 26 11.25 -10.93 -32.09
N THR A 27 9.96 -11.21 -32.26
CA THR A 27 9.16 -10.57 -33.31
C THR A 27 7.86 -10.00 -32.74
N ALA A 28 6.92 -10.88 -32.43
CA ALA A 28 5.64 -10.47 -31.88
C ALA A 28 5.76 -10.14 -30.39
N SER A 29 6.75 -10.73 -29.74
CA SER A 29 6.97 -10.49 -28.32
C SER A 29 7.17 -9.01 -28.03
N LEU A 30 7.74 -8.30 -29.00
CA LEU A 30 7.99 -6.87 -28.85
C LEU A 30 6.67 -6.10 -28.70
N PHE A 31 5.77 -6.30 -29.64
CA PHE A 31 4.47 -5.62 -29.60
C PHE A 31 3.67 -6.04 -28.37
N ARG A 32 3.60 -7.35 -28.14
CA ARG A 32 2.87 -7.88 -27.00
C ARG A 32 3.43 -7.33 -25.69
N TRP A 33 4.74 -7.42 -25.52
CA TRP A 33 5.39 -6.92 -24.32
C TRP A 33 5.12 -5.43 -24.13
N ARG A 34 5.19 -4.68 -25.21
CA ARG A 34 4.95 -3.24 -25.17
C ARG A 34 3.55 -2.93 -24.64
N HIS A 35 2.54 -3.42 -25.34
CA HIS A 35 1.15 -3.19 -24.95
C HIS A 35 0.93 -3.64 -23.51
N GLN A 36 1.22 -4.91 -23.24
CA GLN A 36 1.05 -5.47 -21.90
C GLN A 36 1.74 -4.60 -20.85
N ALA A 37 3.00 -4.26 -21.12
CA ALA A 37 3.78 -3.43 -20.21
C ALA A 37 3.03 -2.15 -19.85
N ARG A 38 2.62 -1.41 -20.87
CA ARG A 38 1.89 -0.16 -20.68
C ARG A 38 0.61 -0.40 -19.88
N VAL A 39 -0.06 -1.51 -20.16
CA VAL A 39 -1.29 -1.86 -19.46
C VAL A 39 -1.06 -2.04 -17.97
N GLU A 40 -0.16 -2.95 -17.62
CA GLU A 40 0.16 -3.21 -16.23
C GLU A 40 0.78 -1.99 -15.57
N ARG A 41 1.41 -1.14 -16.38
CA ARG A 41 2.05 0.07 -15.87
C ARG A 41 1.00 1.07 -15.39
N MET A 42 0.12 1.48 -16.28
CA MET A 42 -0.93 2.43 -15.92
C MET A 42 -1.93 1.81 -14.97
N GLU A 43 -2.22 0.53 -15.15
CA GLU A 43 -3.16 -0.18 -14.29
C GLU A 43 -2.65 -0.25 -12.86
N GLN A 44 -1.45 -0.81 -12.69
CA GLN A 44 -0.86 -0.95 -11.37
C GLN A 44 -0.61 0.43 -10.74
N PHE A 45 0.07 1.29 -11.49
CA PHE A 45 0.37 2.64 -11.01
C PHE A 45 -0.89 3.34 -10.52
N GLN A 46 -1.94 3.28 -11.34
CA GLN A 46 -3.21 3.92 -11.00
C GLN A 46 -3.85 3.23 -9.80
N LYS A 47 -3.67 1.92 -9.70
CA LYS A 47 -4.23 1.14 -8.60
C LYS A 47 -3.55 1.51 -7.27
N GLU A 48 -2.25 1.29 -7.21
CA GLU A 48 -1.48 1.60 -6.01
C GLU A 48 -1.64 3.06 -5.62
N LYS A 49 -1.60 3.94 -6.62
CA LYS A 49 -1.73 5.37 -6.39
C LYS A 49 -3.07 5.69 -5.73
N GLU A 50 -4.16 5.31 -6.40
CA GLU A 50 -5.50 5.55 -5.88
C GLU A 50 -5.63 5.03 -4.45
N GLU A 51 -5.14 3.82 -4.22
CA GLU A 51 -5.21 3.21 -2.89
C GLU A 51 -4.37 4.00 -1.89
N LEU A 52 -3.27 4.58 -2.36
CA LEU A 52 -2.39 5.36 -1.51
C LEU A 52 -3.08 6.63 -1.03
N ASP A 53 -3.47 7.48 -1.98
CA ASP A 53 -4.15 8.73 -1.66
C ASP A 53 -5.43 8.46 -0.87
N ARG A 54 -6.11 7.38 -1.22
CA ARG A 54 -7.36 7.01 -0.56
C ARG A 54 -7.11 6.63 0.90
N GLY A 55 -6.17 5.71 1.11
CA GLY A 55 -5.85 5.26 2.45
C GLY A 55 -5.20 6.36 3.28
N CYS A 56 -4.47 7.25 2.60
CA CYS A 56 -3.78 8.34 3.28
C CYS A 56 -4.78 9.36 3.81
N ARG A 57 -5.67 9.83 2.95
CA ARG A 57 -6.67 10.82 3.33
C ARG A 57 -7.66 10.21 4.34
N GLU A 58 -8.09 8.99 4.08
CA GLU A 58 -9.04 8.32 4.96
C GLU A 58 -8.44 8.10 6.35
N CYS A 59 -7.25 7.52 6.38
CA CYS A 59 -6.55 7.26 7.64
C CYS A 59 -6.34 8.55 8.42
N LYS A 60 -5.74 9.53 7.77
CA LYS A 60 -5.47 10.83 8.40
C LYS A 60 -6.75 11.42 8.98
N ARG A 61 -7.82 11.36 8.21
CA ARG A 61 -9.11 11.90 8.64
C ARG A 61 -9.57 11.22 9.94
N LYS A 62 -9.75 9.91 9.86
CA LYS A 62 -10.20 9.14 11.02
C LYS A 62 -9.26 9.35 12.20
N VAL A 63 -7.97 9.06 12.00
CA VAL A 63 -6.98 9.22 13.05
C VAL A 63 -7.05 10.62 13.66
N ALA A 64 -7.23 11.63 12.81
CA ALA A 64 -7.32 13.00 13.26
C ALA A 64 -8.47 13.19 14.22
N GLU A 65 -9.68 12.86 13.77
CA GLU A 65 -10.87 13.01 14.60
C GLU A 65 -10.73 12.21 15.89
N CYS A 66 -10.49 10.92 15.76
CA CYS A 66 -10.33 10.06 16.93
C CYS A 66 -9.30 10.62 17.90
N GLN A 67 -8.13 10.99 17.36
CA GLN A 67 -7.07 11.54 18.18
C GLN A 67 -7.57 12.72 19.02
N ARG A 68 -8.14 13.71 18.34
CA ARG A 68 -8.66 14.90 19.02
C ARG A 68 -9.70 14.50 20.07
N LYS A 69 -10.46 13.46 19.78
CA LYS A 69 -11.49 12.98 20.69
C LYS A 69 -10.86 12.36 21.94
N LEU A 70 -10.14 11.26 21.74
CA LEU A 70 -9.48 10.58 22.84
C LEU A 70 -8.56 11.51 23.60
N LYS A 71 -8.04 12.52 22.91
CA LYS A 71 -7.14 13.50 23.53
C LYS A 71 -7.92 14.44 24.44
N GLU A 72 -9.03 14.98 23.94
CA GLU A 72 -9.86 15.89 24.71
C GLU A 72 -10.49 15.18 25.90
N LEU A 73 -10.74 13.88 25.74
CA LEU A 73 -11.35 13.09 26.81
C LEU A 73 -10.29 12.56 27.77
N GLU A 74 -9.08 12.34 27.24
CA GLU A 74 -7.98 11.85 28.06
C GLU A 74 -7.77 12.73 29.28
N VAL A 75 -8.21 13.98 29.19
CA VAL A 75 -8.06 14.93 30.29
C VAL A 75 -9.18 14.76 31.31
N ALA A 76 -10.34 14.28 30.85
CA ALA A 76 -11.47 14.08 31.73
C ALA A 76 -11.20 12.97 32.73
N GLU A 77 -11.52 13.22 33.99
CA GLU A 77 -11.30 12.23 35.05
C GLU A 77 -11.93 10.89 34.68
N GLY A 78 -11.61 9.85 35.45
CA GLY A 78 -12.14 8.53 35.18
C GLY A 78 -11.18 7.43 35.59
N GLY A 79 -11.58 6.65 36.59
CA GLY A 79 -10.74 5.56 37.07
C GLY A 79 -10.47 4.52 35.99
N LYS A 80 -11.18 3.40 36.06
CA LYS A 80 -11.02 2.32 35.10
C LYS A 80 -11.23 2.83 33.68
N ALA A 81 -12.02 3.90 33.55
CA ALA A 81 -12.30 4.48 32.24
C ALA A 81 -11.01 4.76 31.48
N GLU A 82 -9.96 5.12 32.21
CA GLU A 82 -8.67 5.42 31.60
C GLU A 82 -8.21 4.27 30.71
N LEU A 83 -8.48 3.04 31.15
CA LEU A 83 -8.09 1.85 30.40
C LEU A 83 -8.88 1.76 29.10
N GLU A 84 -10.17 2.03 29.17
CA GLU A 84 -11.03 1.97 28.00
C GLU A 84 -10.60 2.99 26.95
N ARG A 85 -10.22 4.18 27.43
CA ARG A 85 -9.78 5.25 26.54
C ARG A 85 -8.48 4.89 25.84
N LEU A 86 -7.45 4.59 26.64
CA LEU A 86 -6.15 4.22 26.11
C LEU A 86 -6.25 2.96 25.26
N GLN A 87 -7.22 2.10 25.57
CA GLN A 87 -7.42 0.86 24.83
C GLN A 87 -7.93 1.14 23.43
N ALA A 88 -9.02 1.89 23.34
CA ALA A 88 -9.62 2.23 22.05
C ALA A 88 -8.64 3.04 21.19
N GLU A 89 -7.92 3.95 21.83
CA GLU A 89 -6.96 4.78 21.13
C GLU A 89 -5.77 3.95 20.64
N ALA A 90 -5.02 3.41 21.60
CA ALA A 90 -3.85 2.60 21.28
C ALA A 90 -4.19 1.54 20.22
N GLN A 91 -5.38 0.96 20.33
CA GLN A 91 -5.82 -0.06 19.39
C GLN A 91 -6.17 0.56 18.04
N GLN A 92 -6.73 1.77 18.08
CA GLN A 92 -7.12 2.47 16.86
C GLN A 92 -5.91 2.71 15.97
N LEU A 93 -4.89 3.34 16.52
CA LEU A 93 -3.67 3.63 15.76
C LEU A 93 -2.91 2.34 15.44
N ARG A 94 -2.68 1.52 16.46
CA ARG A 94 -1.97 0.27 16.28
C ARG A 94 -2.60 -0.56 15.16
N LYS A 95 -3.91 -0.55 15.09
CA LYS A 95 -4.64 -1.30 14.06
C LYS A 95 -4.54 -0.60 12.72
N GLU A 96 -4.62 0.73 12.73
CA GLU A 96 -4.53 1.52 11.51
C GLU A 96 -3.18 1.34 10.84
N GLU A 97 -2.11 1.46 11.63
CA GLU A 97 -0.75 1.31 11.10
C GLU A 97 -0.47 -0.13 10.72
N ARG A 98 -0.85 -1.06 11.60
CA ARG A 98 -0.64 -2.48 11.36
C ARG A 98 -1.38 -2.93 10.10
N SER A 99 -2.65 -2.56 10.00
CA SER A 99 -3.48 -2.93 8.85
C SER A 99 -2.93 -2.31 7.57
N TRP A 100 -2.78 -0.99 7.57
CA TRP A 100 -2.26 -0.28 6.41
C TRP A 100 -0.90 -0.82 6.01
N GLU A 101 -0.04 -1.07 6.99
CA GLU A 101 1.30 -1.59 6.73
C GLU A 101 1.23 -2.92 5.98
N GLN A 102 0.54 -3.88 6.58
CA GLN A 102 0.39 -5.20 5.97
C GLN A 102 -0.23 -5.10 4.59
N LYS A 103 -1.34 -4.38 4.49
CA LYS A 103 -2.03 -4.20 3.21
C LYS A 103 -1.08 -3.65 2.16
N LEU A 104 -0.22 -2.73 2.57
CA LEU A 104 0.75 -2.13 1.64
C LEU A 104 1.75 -3.17 1.15
N GLU A 105 2.41 -3.83 2.09
CA GLU A 105 3.40 -4.85 1.75
C GLU A 105 2.82 -5.87 0.78
N GLU A 106 1.56 -6.26 1.02
CA GLU A 106 0.89 -7.23 0.17
C GLU A 106 0.52 -6.60 -1.17
N MET A 107 -0.02 -5.39 -1.12
CA MET A 107 -0.43 -4.69 -2.33
C MET A 107 0.73 -4.57 -3.31
N ARG A 108 1.91 -4.23 -2.79
CA ARG A 108 3.10 -4.08 -3.62
C ARG A 108 3.69 -5.44 -3.98
N LYS A 109 3.66 -6.36 -3.02
CA LYS A 109 4.19 -7.70 -3.22
C LYS A 109 3.43 -8.42 -4.33
N LYS A 110 2.12 -8.16 -4.40
CA LYS A 110 1.28 -8.79 -5.41
C LYS A 110 1.30 -7.98 -6.71
N GLU A 111 1.23 -6.67 -6.60
CA GLU A 111 1.26 -5.79 -7.77
C GLU A 111 2.49 -6.06 -8.62
N LYS A 112 3.66 -6.13 -7.97
CA LYS A 112 4.91 -6.38 -8.66
C LYS A 112 4.87 -7.72 -9.39
N SER A 113 4.01 -8.62 -8.93
CA SER A 113 3.87 -9.94 -9.54
C SER A 113 2.55 -10.06 -10.29
N MET A 114 2.02 -8.92 -10.72
CA MET A 114 0.76 -8.90 -11.46
C MET A 114 0.81 -9.86 -12.64
N PRO A 115 -0.38 -10.23 -13.15
CA PRO A 115 -0.50 -11.15 -14.29
C PRO A 115 -0.03 -10.52 -15.60
N TRP A 116 -0.49 -9.30 -15.86
CA TRP A 116 -0.11 -8.59 -17.08
C TRP A 116 1.39 -8.29 -17.09
N ASN A 117 1.98 -8.19 -15.91
CA ASN A 117 3.40 -7.90 -15.78
C ASN A 117 4.24 -9.07 -16.31
N VAL A 118 4.07 -10.23 -15.70
CA VAL A 118 4.81 -11.42 -16.10
C VAL A 118 4.31 -11.95 -17.43
N ASP A 119 3.04 -11.66 -17.74
CA ASP A 119 2.44 -12.10 -18.99
C ASP A 119 2.37 -13.62 -19.05
N THR A 120 1.48 -14.21 -18.26
CA THR A 120 1.32 -15.65 -18.23
C THR A 120 0.15 -16.10 -19.10
N LEU A 121 -0.18 -17.38 -19.01
CA LEU A 121 -1.28 -17.94 -19.80
C LEU A 121 -2.56 -17.12 -19.59
N SER A 122 -3.36 -17.01 -20.64
CA SER A 122 -4.60 -16.25 -20.59
C SER A 122 -5.54 -16.83 -19.52
N LYS A 123 -6.73 -16.27 -19.42
CA LYS A 123 -7.72 -16.73 -18.45
C LYS A 123 -7.21 -16.52 -17.03
N ASP A 124 -7.35 -15.31 -16.52
CA ASP A 124 -6.90 -14.98 -15.17
C ASP A 124 -8.09 -14.59 -14.29
N GLY A 125 -9.19 -14.21 -14.92
CA GLY A 125 -10.38 -13.81 -14.18
C GLY A 125 -10.63 -12.33 -14.25
N PHE A 126 -10.50 -11.75 -15.43
CA PHE A 126 -10.72 -10.32 -15.62
C PHE A 126 -12.21 -10.01 -15.73
N SER A 127 -12.69 -9.17 -14.82
CA SER A 127 -14.11 -8.79 -14.81
C SER A 127 -14.27 -7.32 -15.13
N LYS A 128 -15.16 -7.01 -16.07
CA LYS A 128 -15.41 -5.64 -16.47
C LYS A 128 -16.75 -5.53 -17.19
N MET A 3 15.81 -1.03 18.15
CA MET A 3 15.20 -2.36 18.08
C MET A 3 14.92 -2.77 16.63
N VAL A 4 13.93 -2.12 16.03
CA VAL A 4 13.56 -2.41 14.65
C VAL A 4 14.73 -2.18 13.71
N ASP A 5 14.68 -2.82 12.54
CA ASP A 5 15.74 -2.68 11.55
C ASP A 5 15.25 -1.89 10.34
N TYR A 6 16.18 -1.30 9.61
CA TYR A 6 15.86 -0.51 8.43
C TYR A 6 16.73 -0.89 7.24
N SER A 7 16.23 -0.64 6.04
CA SER A 7 16.98 -0.97 4.83
C SER A 7 16.46 -0.15 3.65
N VAL A 8 17.04 1.03 3.46
CA VAL A 8 16.65 1.91 2.37
C VAL A 8 16.89 1.25 1.01
N TRP A 9 17.90 0.39 0.95
CA TRP A 9 18.24 -0.31 -0.28
C TRP A 9 17.12 -1.27 -0.69
N ASP A 10 16.29 -1.64 0.27
CA ASP A 10 15.18 -2.54 0.02
C ASP A 10 13.85 -1.87 0.29
N HIS A 11 13.89 -0.61 0.72
CA HIS A 11 12.69 0.15 1.01
C HIS A 11 11.71 0.09 -0.16
N ILE A 12 12.24 0.03 -1.37
CA ILE A 12 11.42 -0.03 -2.57
C ILE A 12 11.67 -1.32 -3.34
N GLU A 13 12.87 -1.87 -3.19
CA GLU A 13 13.24 -3.11 -3.88
C GLU A 13 13.19 -2.92 -5.40
N VAL A 14 14.36 -2.75 -6.00
CA VAL A 14 14.45 -2.57 -7.45
C VAL A 14 15.41 -3.57 -8.07
N SER A 15 15.86 -4.53 -7.27
CA SER A 15 16.79 -5.55 -7.75
C SER A 15 18.14 -4.92 -8.11
N ASP A 16 18.52 -3.87 -7.39
CA ASP A 16 19.77 -3.18 -7.64
C ASP A 16 19.78 -2.54 -9.02
N ASP A 17 18.59 -2.21 -9.52
CA ASP A 17 18.45 -1.59 -10.83
C ASP A 17 19.11 -2.44 -11.90
N GLU A 18 18.70 -3.70 -11.99
CA GLU A 18 19.25 -4.62 -12.98
C GLU A 18 18.61 -6.00 -12.85
N ASP A 19 17.44 -6.17 -13.45
CA ASP A 19 16.73 -7.44 -13.41
C ASP A 19 17.13 -8.32 -14.59
N GLU A 20 16.44 -9.45 -14.73
CA GLU A 20 16.71 -10.38 -15.82
C GLU A 20 15.55 -10.45 -16.79
N THR A 21 14.53 -9.63 -16.54
CA THR A 21 13.35 -9.59 -17.40
C THR A 21 13.23 -8.25 -18.12
N HIS A 22 14.37 -7.76 -18.62
CA HIS A 22 14.38 -6.49 -19.33
C HIS A 22 14.93 -6.67 -20.75
N PRO A 23 14.15 -7.33 -21.61
CA PRO A 23 14.53 -7.58 -23.00
C PRO A 23 14.54 -6.30 -23.84
N ASN A 24 14.71 -6.47 -25.14
CA ASN A 24 14.74 -5.34 -26.06
C ASN A 24 13.51 -5.34 -26.97
N ILE A 25 13.28 -4.22 -27.66
CA ILE A 25 12.15 -4.09 -28.56
C ILE A 25 12.61 -4.10 -30.01
N ASP A 26 11.68 -4.38 -30.92
CA ASP A 26 11.98 -4.42 -32.34
C ASP A 26 10.73 -4.16 -33.18
N THR A 27 9.75 -5.05 -33.06
CA THR A 27 8.51 -4.93 -33.81
C THR A 27 7.33 -5.46 -33.01
N ALA A 28 7.33 -6.76 -32.76
CA ALA A 28 6.26 -7.40 -31.99
C ALA A 28 6.44 -7.16 -30.50
N SER A 29 7.69 -7.10 -30.06
CA SER A 29 7.99 -6.87 -28.65
C SER A 29 7.32 -5.61 -28.14
N LEU A 30 7.20 -4.61 -29.01
CA LEU A 30 6.56 -3.35 -28.65
C LEU A 30 5.10 -3.55 -28.31
N PHE A 31 4.35 -4.15 -29.23
CA PHE A 31 2.93 -4.42 -29.02
C PHE A 31 2.71 -5.30 -27.80
N ARG A 32 3.36 -6.46 -27.79
CA ARG A 32 3.23 -7.40 -26.68
C ARG A 32 3.52 -6.72 -25.35
N TRP A 33 4.67 -6.05 -25.27
CA TRP A 33 5.06 -5.35 -24.06
C TRP A 33 4.01 -4.32 -23.65
N ARG A 34 3.51 -3.58 -24.64
CA ARG A 34 2.50 -2.56 -24.39
C ARG A 34 1.24 -3.17 -23.78
N HIS A 35 0.82 -4.31 -24.32
CA HIS A 35 -0.36 -5.00 -23.82
C HIS A 35 -0.15 -5.49 -22.39
N GLN A 36 0.84 -6.35 -22.21
CA GLN A 36 1.15 -6.89 -20.89
C GLN A 36 1.32 -5.78 -19.87
N ALA A 37 2.17 -4.81 -20.20
CA ALA A 37 2.42 -3.68 -19.31
C ALA A 37 1.11 -2.98 -18.92
N ARG A 38 0.33 -2.61 -19.93
CA ARG A 38 -0.93 -1.94 -19.70
C ARG A 38 -1.80 -2.72 -18.71
N VAL A 39 -1.92 -4.02 -18.94
CA VAL A 39 -2.71 -4.88 -18.06
C VAL A 39 -2.19 -4.84 -16.64
N GLU A 40 -0.86 -4.93 -16.50
CA GLU A 40 -0.24 -4.91 -15.18
C GLU A 40 -0.59 -3.63 -14.43
N ARG A 41 -0.20 -2.49 -14.99
CA ARG A 41 -0.48 -1.20 -14.37
C ARG A 41 -1.98 -0.98 -14.21
N MET A 42 -2.76 -1.59 -15.09
CA MET A 42 -4.22 -1.46 -15.04
C MET A 42 -4.77 -2.07 -13.75
N GLU A 43 -4.52 -3.36 -13.57
CA GLU A 43 -5.00 -4.06 -12.38
C GLU A 43 -4.40 -3.46 -11.11
N GLN A 44 -3.12 -3.14 -11.17
CA GLN A 44 -2.42 -2.56 -10.02
C GLN A 44 -3.01 -1.19 -9.67
N PHE A 45 -3.35 -0.43 -10.71
CA PHE A 45 -3.93 0.91 -10.51
C PHE A 45 -5.30 0.82 -9.85
N GLN A 46 -6.22 0.09 -10.50
CA GLN A 46 -7.57 -0.07 -9.97
C GLN A 46 -7.54 -0.71 -8.60
N LYS A 47 -6.68 -1.71 -8.43
CA LYS A 47 -6.56 -2.40 -7.14
C LYS A 47 -6.00 -1.47 -6.07
N GLU A 48 -4.79 -0.97 -6.29
CA GLU A 48 -4.16 -0.07 -5.34
C GLU A 48 -5.06 1.12 -5.03
N LYS A 49 -5.71 1.65 -6.05
CA LYS A 49 -6.61 2.78 -5.89
C LYS A 49 -7.76 2.44 -4.94
N GLU A 50 -8.49 1.39 -5.28
CA GLU A 50 -9.63 0.96 -4.46
C GLU A 50 -9.20 0.78 -3.01
N GLU A 51 -8.07 0.11 -2.80
CA GLU A 51 -7.57 -0.13 -1.46
C GLU A 51 -7.19 1.19 -0.78
N LEU A 52 -6.69 2.13 -1.56
CA LEU A 52 -6.28 3.44 -1.04
C LEU A 52 -7.49 4.19 -0.48
N ASP A 53 -8.46 4.47 -1.35
CA ASP A 53 -9.67 5.17 -0.94
C ASP A 53 -10.41 4.41 0.14
N ARG A 54 -10.37 3.08 0.05
CA ARG A 54 -11.05 2.23 1.02
C ARG A 54 -10.39 2.34 2.39
N GLY A 55 -9.08 2.13 2.43
CA GLY A 55 -8.34 2.21 3.68
C GLY A 55 -8.28 3.62 4.23
N CYS A 56 -8.31 4.60 3.34
CA CYS A 56 -8.25 6.01 3.75
C CYS A 56 -9.55 6.42 4.41
N ARG A 57 -10.67 6.12 3.77
CA ARG A 57 -11.98 6.47 4.29
C ARG A 57 -12.29 5.67 5.56
N GLU A 58 -11.94 4.39 5.55
CA GLU A 58 -12.19 3.51 6.69
C GLU A 58 -11.37 3.98 7.90
N CYS A 59 -10.06 4.10 7.71
CA CYS A 59 -9.17 4.53 8.78
C CYS A 59 -9.58 5.91 9.31
N LYS A 60 -9.69 6.87 8.41
CA LYS A 60 -10.08 8.23 8.78
C LYS A 60 -11.38 8.22 9.58
N ARG A 61 -12.35 7.44 9.11
CA ARG A 61 -13.65 7.35 9.78
C ARG A 61 -13.48 6.86 11.21
N LYS A 62 -12.94 5.66 11.37
CA LYS A 62 -12.73 5.08 12.69
C LYS A 62 -11.90 6.01 13.57
N VAL A 63 -10.72 6.39 13.08
CA VAL A 63 -9.84 7.28 13.82
C VAL A 63 -10.56 8.56 14.22
N ALA A 64 -11.41 9.06 13.33
CA ALA A 64 -12.16 10.29 13.60
C ALA A 64 -13.10 10.10 14.79
N GLU A 65 -13.91 9.05 14.73
CA GLU A 65 -14.86 8.75 15.81
C GLU A 65 -14.13 8.55 17.14
N CYS A 66 -13.24 7.58 17.17
CA CYS A 66 -12.47 7.27 18.37
C CYS A 66 -11.80 8.53 18.92
N GLN A 67 -11.19 9.30 18.03
CA GLN A 67 -10.51 10.54 18.43
C GLN A 67 -11.47 11.48 19.16
N ARG A 68 -12.60 11.77 18.52
CA ARG A 68 -13.60 12.65 19.09
C ARG A 68 -14.12 12.10 20.42
N LYS A 69 -14.15 10.78 20.53
CA LYS A 69 -14.62 10.12 21.74
C LYS A 69 -13.64 10.35 22.90
N LEU A 70 -12.43 9.84 22.74
CA LEU A 70 -11.40 9.99 23.78
C LEU A 70 -11.12 11.47 24.05
N LYS A 71 -11.34 12.30 23.04
CA LYS A 71 -11.11 13.73 23.17
C LYS A 71 -12.19 14.39 24.04
N GLU A 72 -13.44 14.03 23.78
CA GLU A 72 -14.56 14.57 24.53
C GLU A 72 -14.58 14.02 25.96
N LEU A 73 -14.07 12.81 26.12
CA LEU A 73 -14.02 12.17 27.43
C LEU A 73 -12.77 12.59 28.20
N GLU A 74 -11.71 12.91 27.47
CA GLU A 74 -10.46 13.32 28.09
C GLU A 74 -10.70 14.50 29.05
N VAL A 75 -11.78 15.23 28.83
CA VAL A 75 -12.12 16.36 29.67
C VAL A 75 -12.88 15.92 30.93
N ALA A 76 -13.60 14.81 30.81
CA ALA A 76 -14.36 14.27 31.93
C ALA A 76 -13.45 13.55 32.91
N GLU A 77 -13.02 12.34 32.55
CA GLU A 77 -12.15 11.55 33.40
C GLU A 77 -10.74 12.13 33.42
N GLY A 78 -10.08 12.01 34.57
CA GLY A 78 -8.73 12.53 34.71
C GLY A 78 -7.79 11.54 35.39
N GLY A 79 -6.68 12.04 35.91
CA GLY A 79 -5.72 11.20 36.59
C GLY A 79 -5.31 10.01 35.73
N LYS A 80 -5.49 8.81 36.27
CA LYS A 80 -5.13 7.59 35.56
C LYS A 80 -5.80 7.54 34.19
N ALA A 81 -7.01 8.08 34.11
CA ALA A 81 -7.76 8.10 32.86
C ALA A 81 -6.94 8.75 31.74
N GLU A 82 -6.03 9.65 32.13
CA GLU A 82 -5.19 10.35 31.17
C GLU A 82 -4.37 9.36 30.35
N LEU A 83 -3.86 8.32 31.01
CA LEU A 83 -3.06 7.30 30.35
C LEU A 83 -3.91 6.46 29.41
N GLU A 84 -5.15 6.21 29.82
CA GLU A 84 -6.08 5.42 29.02
C GLU A 84 -6.39 6.11 27.70
N ARG A 85 -6.73 7.39 27.77
CA ARG A 85 -7.05 8.17 26.58
C ARG A 85 -5.81 8.38 25.72
N LEU A 86 -4.69 8.68 26.37
CA LEU A 86 -3.43 8.91 25.67
C LEU A 86 -2.94 7.63 25.01
N GLN A 87 -3.17 6.50 25.67
CA GLN A 87 -2.75 5.20 25.14
C GLN A 87 -3.57 4.82 23.92
N ALA A 88 -4.89 4.86 24.06
CA ALA A 88 -5.79 4.52 22.97
C ALA A 88 -5.58 5.44 21.77
N GLU A 89 -5.41 6.73 22.05
CA GLU A 89 -5.20 7.71 21.00
C GLU A 89 -3.85 7.49 20.31
N ALA A 90 -2.77 7.67 21.06
CA ALA A 90 -1.43 7.49 20.53
C ALA A 90 -1.31 6.17 19.76
N GLN A 91 -1.96 5.13 20.28
CA GLN A 91 -1.93 3.82 19.65
C GLN A 91 -2.77 3.80 18.39
N GLN A 92 -3.88 4.54 18.40
CA GLN A 92 -4.77 4.62 17.25
C GLN A 92 -4.05 5.19 16.04
N LEU A 93 -3.46 6.37 16.20
CA LEU A 93 -2.73 7.02 15.11
C LEU A 93 -1.47 6.25 14.76
N ARG A 94 -0.67 5.94 15.78
CA ARG A 94 0.57 5.21 15.57
C ARG A 94 0.33 3.93 14.77
N LYS A 95 -0.78 3.26 15.07
CA LYS A 95 -1.13 2.02 14.38
C LYS A 95 -1.64 2.32 12.97
N GLU A 96 -2.42 3.39 12.84
CA GLU A 96 -2.96 3.77 11.55
C GLU A 96 -1.85 4.13 10.57
N GLU A 97 -0.93 4.97 11.01
CA GLU A 97 0.19 5.40 10.17
C GLU A 97 1.15 4.25 9.91
N ARG A 98 1.46 3.49 10.97
CA ARG A 98 2.36 2.36 10.86
C ARG A 98 1.80 1.30 9.92
N SER A 99 0.51 1.02 10.07
CA SER A 99 -0.16 0.03 9.23
C SER A 99 -0.18 0.47 7.76
N TRP A 100 -0.61 1.70 7.53
CA TRP A 100 -0.68 2.24 6.18
C TRP A 100 0.71 2.24 5.52
N GLU A 101 1.70 2.69 6.28
CA GLU A 101 3.07 2.74 5.77
C GLU A 101 3.55 1.36 5.35
N GLN A 102 3.52 0.42 6.29
CA GLN A 102 3.95 -0.94 6.02
C GLN A 102 3.15 -1.56 4.88
N LYS A 103 1.83 -1.42 4.96
CA LYS A 103 0.93 -1.96 3.94
C LYS A 103 1.31 -1.42 2.55
N LEU A 104 1.69 -0.16 2.50
CA LEU A 104 2.09 0.48 1.25
C LEU A 104 3.38 -0.13 0.70
N GLU A 105 4.42 -0.10 1.53
CA GLU A 105 5.72 -0.65 1.15
C GLU A 105 5.57 -2.07 0.61
N GLU A 106 4.73 -2.86 1.29
CA GLU A 106 4.51 -4.24 0.88
C GLU A 106 3.64 -4.31 -0.38
N MET A 107 2.60 -3.49 -0.42
CA MET A 107 1.70 -3.45 -1.56
C MET A 107 2.45 -3.07 -2.84
N ARG A 108 3.36 -2.12 -2.71
CA ARG A 108 4.15 -1.67 -3.86
C ARG A 108 5.27 -2.65 -4.17
N LYS A 109 5.89 -3.18 -3.12
CA LYS A 109 6.98 -4.14 -3.27
C LYS A 109 6.51 -5.41 -3.98
N LYS A 110 5.25 -5.78 -3.73
CA LYS A 110 4.68 -6.97 -4.35
C LYS A 110 4.10 -6.64 -5.71
N GLU A 111 3.29 -5.57 -5.77
CA GLU A 111 2.67 -5.16 -7.02
C GLU A 111 3.71 -4.98 -8.11
N LYS A 112 4.83 -4.33 -7.77
CA LYS A 112 5.90 -4.10 -8.73
C LYS A 112 6.38 -5.41 -9.34
N SER A 113 6.19 -6.50 -8.60
CA SER A 113 6.61 -7.82 -9.07
C SER A 113 5.43 -8.62 -9.58
N MET A 114 4.38 -7.91 -10.02
CA MET A 114 3.19 -8.55 -10.54
C MET A 114 3.54 -9.56 -11.63
N PRO A 115 2.61 -10.50 -11.89
CA PRO A 115 2.80 -11.53 -12.91
C PRO A 115 2.78 -10.96 -14.32
N TRP A 116 1.90 -10.01 -14.57
CA TRP A 116 1.78 -9.39 -15.88
C TRP A 116 3.05 -8.62 -16.24
N ASN A 117 3.78 -8.19 -15.22
CA ASN A 117 5.02 -7.46 -15.42
C ASN A 117 6.19 -8.41 -15.62
N VAL A 118 6.64 -9.03 -14.54
CA VAL A 118 7.75 -9.98 -14.60
C VAL A 118 7.51 -11.04 -15.66
N ASP A 119 6.25 -11.41 -15.85
CA ASP A 119 5.89 -12.42 -16.82
C ASP A 119 4.99 -11.83 -17.91
N THR A 120 4.50 -12.69 -18.79
CA THR A 120 3.62 -12.26 -19.88
C THR A 120 2.16 -12.28 -19.45
N LEU A 121 1.27 -12.02 -20.40
CA LEU A 121 -0.16 -12.01 -20.12
C LEU A 121 -0.61 -13.34 -19.51
N SER A 122 -1.75 -13.33 -18.82
CA SER A 122 -2.28 -14.52 -18.20
C SER A 122 -3.76 -14.71 -18.54
N LYS A 123 -4.34 -15.80 -18.03
CA LYS A 123 -5.75 -16.08 -18.28
C LYS A 123 -6.03 -16.18 -19.78
N ASP A 124 -7.31 -16.25 -20.13
CA ASP A 124 -7.70 -16.34 -21.54
C ASP A 124 -7.27 -15.11 -22.31
N GLY A 125 -7.02 -14.02 -21.59
CA GLY A 125 -6.59 -12.78 -22.22
C GLY A 125 -7.76 -12.02 -22.83
N PHE A 126 -8.88 -12.01 -22.13
CA PHE A 126 -10.07 -11.31 -22.61
C PHE A 126 -10.08 -9.86 -22.14
N SER A 127 -9.71 -8.95 -23.04
CA SER A 127 -9.67 -7.54 -22.72
C SER A 127 -11.03 -6.88 -22.96
N LYS A 128 -11.60 -6.30 -21.90
CA LYS A 128 -12.89 -5.64 -21.99
C LYS A 128 -13.94 -6.59 -22.58
N MET A 3 10.33 11.59 1.28
CA MET A 3 11.54 12.42 1.31
C MET A 3 12.70 11.70 0.64
N VAL A 4 12.77 10.39 0.82
CA VAL A 4 13.83 9.59 0.22
C VAL A 4 13.36 8.90 -1.05
N ASP A 5 14.24 8.85 -2.05
CA ASP A 5 13.92 8.23 -3.33
C ASP A 5 14.84 7.04 -3.60
N TYR A 6 14.47 6.22 -4.58
CA TYR A 6 15.26 5.05 -4.93
C TYR A 6 14.91 4.58 -6.35
N SER A 7 15.94 4.18 -7.10
CA SER A 7 15.76 3.70 -8.47
C SER A 7 15.52 2.19 -8.48
N VAL A 8 14.53 1.75 -7.72
CA VAL A 8 14.20 0.32 -7.65
C VAL A 8 15.33 -0.48 -7.02
N TRP A 9 16.27 0.24 -6.40
CA TRP A 9 17.40 -0.41 -5.75
C TRP A 9 17.02 -0.94 -4.38
N ASP A 10 15.98 -0.36 -3.79
CA ASP A 10 15.51 -0.77 -2.47
C ASP A 10 14.25 0.00 -2.07
N HIS A 11 13.88 -0.10 -0.80
CA HIS A 11 12.70 0.58 -0.29
C HIS A 11 11.43 -0.13 -0.73
N ILE A 12 11.31 -0.39 -2.03
CA ILE A 12 10.14 -1.07 -2.57
C ILE A 12 10.30 -2.58 -2.47
N GLU A 13 11.53 -3.06 -2.49
CA GLU A 13 11.81 -4.48 -2.41
C GLU A 13 11.23 -5.22 -3.61
N VAL A 14 12.11 -5.63 -4.52
CA VAL A 14 11.69 -6.35 -5.72
C VAL A 14 12.45 -7.66 -5.87
N SER A 15 13.20 -8.02 -4.84
CA SER A 15 13.98 -9.25 -4.86
C SER A 15 15.07 -9.19 -5.92
N ASP A 16 15.60 -7.99 -6.14
CA ASP A 16 16.66 -7.79 -7.13
C ASP A 16 16.15 -8.09 -8.53
N ASP A 17 14.84 -7.94 -8.73
CA ASP A 17 14.23 -8.20 -10.03
C ASP A 17 14.56 -9.61 -10.51
N GLU A 18 14.79 -10.52 -9.57
CA GLU A 18 15.12 -11.90 -9.90
C GLU A 18 14.10 -12.48 -10.88
N ASP A 19 14.52 -12.63 -12.13
CA ASP A 19 13.64 -13.18 -13.16
C ASP A 19 14.03 -14.61 -13.50
N GLU A 20 13.40 -15.16 -14.53
CA GLU A 20 13.68 -16.53 -14.96
C GLU A 20 14.62 -16.55 -16.17
N THR A 21 15.07 -15.36 -16.58
CA THR A 21 15.96 -15.24 -17.72
C THR A 21 16.30 -13.78 -18.00
N HIS A 22 15.33 -12.89 -17.75
CA HIS A 22 15.52 -11.46 -17.97
C HIS A 22 15.87 -11.19 -19.44
N PRO A 23 14.86 -11.31 -20.31
CA PRO A 23 15.04 -11.08 -21.75
C PRO A 23 15.27 -9.61 -22.08
N ASN A 24 15.70 -9.34 -23.31
CA ASN A 24 15.97 -7.97 -23.75
C ASN A 24 14.93 -7.51 -24.76
N ILE A 25 15.17 -6.36 -25.37
CA ILE A 25 14.27 -5.81 -26.36
C ILE A 25 14.83 -5.96 -27.78
N ASP A 26 14.03 -5.62 -28.77
CA ASP A 26 14.45 -5.71 -30.17
C ASP A 26 13.53 -4.89 -31.07
N THR A 27 12.32 -5.38 -31.27
CA THR A 27 11.34 -4.71 -32.12
C THR A 27 9.98 -4.65 -31.44
N ALA A 28 9.29 -5.78 -31.38
CA ALA A 28 7.98 -5.86 -30.77
C ALA A 28 8.04 -5.46 -29.29
N SER A 29 9.22 -5.62 -28.69
CA SER A 29 9.41 -5.29 -27.29
C SER A 29 8.94 -3.86 -27.00
N LEU A 30 9.14 -2.97 -27.97
CA LEU A 30 8.73 -1.57 -27.83
C LEU A 30 7.23 -1.47 -27.63
N PHE A 31 6.47 -1.99 -28.58
CA PHE A 31 5.01 -1.95 -28.50
C PHE A 31 4.51 -2.65 -27.23
N ARG A 32 4.98 -3.87 -27.01
CA ARG A 32 4.57 -4.64 -25.84
C ARG A 32 4.89 -3.87 -24.56
N TRP A 33 6.08 -3.29 -24.50
CA TRP A 33 6.50 -2.52 -23.33
C TRP A 33 5.55 -1.35 -23.07
N ARG A 34 5.23 -0.62 -24.13
CA ARG A 34 4.33 0.53 -24.03
C ARG A 34 2.97 0.10 -23.47
N HIS A 35 2.32 -0.84 -24.17
CA HIS A 35 1.01 -1.33 -23.75
C HIS A 35 1.07 -1.89 -22.34
N GLN A 36 1.96 -2.85 -22.12
CA GLN A 36 2.11 -3.47 -20.81
C GLN A 36 2.30 -2.42 -19.73
N ALA A 37 3.35 -1.60 -19.87
CA ALA A 37 3.63 -0.55 -18.90
C ALA A 37 2.40 0.32 -18.65
N ARG A 38 1.69 0.63 -19.72
CA ARG A 38 0.49 1.46 -19.63
C ARG A 38 -0.61 0.74 -18.84
N VAL A 39 -0.73 -0.57 -19.08
CA VAL A 39 -1.75 -1.37 -18.40
C VAL A 39 -1.51 -1.39 -16.89
N GLU A 40 -0.29 -1.75 -16.49
CA GLU A 40 0.07 -1.80 -15.08
C GLU A 40 0.08 -0.41 -14.46
N ARG A 41 0.43 0.59 -15.27
CA ARG A 41 0.49 1.97 -14.81
C ARG A 41 -0.90 2.47 -14.43
N MET A 42 -1.82 2.46 -15.38
CA MET A 42 -3.19 2.91 -15.13
C MET A 42 -3.88 2.02 -14.11
N GLU A 43 -3.63 0.72 -14.21
CA GLU A 43 -4.23 -0.24 -13.28
C GLU A 43 -3.87 0.09 -11.84
N GLN A 44 -2.57 0.10 -11.55
CA GLN A 44 -2.09 0.39 -10.20
C GLN A 44 -2.40 1.84 -9.83
N PHE A 45 -2.47 2.71 -10.83
CA PHE A 45 -2.76 4.12 -10.60
C PHE A 45 -4.13 4.30 -9.97
N GLN A 46 -5.17 3.90 -10.69
CA GLN A 46 -6.53 4.02 -10.20
C GLN A 46 -6.76 3.10 -9.00
N LYS A 47 -6.19 1.90 -9.05
CA LYS A 47 -6.33 0.94 -7.97
C LYS A 47 -5.76 1.50 -6.68
N GLU A 48 -4.46 1.80 -6.69
CA GLU A 48 -3.79 2.34 -5.50
C GLU A 48 -4.44 3.66 -5.06
N LYS A 49 -4.82 4.47 -6.04
CA LYS A 49 -5.45 5.76 -5.76
C LYS A 49 -6.69 5.58 -4.91
N GLU A 50 -7.58 4.68 -5.34
CA GLU A 50 -8.81 4.41 -4.62
C GLU A 50 -8.53 3.79 -3.26
N GLU A 51 -7.64 2.81 -3.24
CA GLU A 51 -7.28 2.12 -2.00
C GLU A 51 -6.74 3.11 -0.97
N LEU A 52 -5.68 3.82 -1.33
CA LEU A 52 -5.08 4.81 -0.44
C LEU A 52 -6.10 5.86 -0.02
N ASP A 53 -6.67 6.54 -1.01
CA ASP A 53 -7.66 7.58 -0.74
C ASP A 53 -8.77 7.05 0.17
N ARG A 54 -9.13 5.78 -0.01
CA ARG A 54 -10.16 5.17 0.80
C ARG A 54 -9.72 5.05 2.26
N GLY A 55 -8.52 4.53 2.47
CA GLY A 55 -8.01 4.37 3.82
C GLY A 55 -7.69 5.70 4.47
N CYS A 56 -7.32 6.68 3.65
CA CYS A 56 -6.97 8.01 4.16
C CYS A 56 -8.21 8.72 4.68
N ARG A 57 -9.26 8.77 3.85
CA ARG A 57 -10.50 9.43 4.23
C ARG A 57 -11.20 8.68 5.36
N GLU A 58 -11.20 7.35 5.27
CA GLU A 58 -11.84 6.52 6.28
C GLU A 58 -11.15 6.69 7.63
N CYS A 59 -9.85 6.46 7.67
CA CYS A 59 -9.08 6.59 8.90
C CYS A 59 -9.19 8.00 9.46
N LYS A 60 -8.95 9.00 8.62
CA LYS A 60 -9.02 10.40 9.03
C LYS A 60 -10.37 10.70 9.66
N ARG A 61 -11.44 10.21 9.04
CA ARG A 61 -12.79 10.43 9.55
C ARG A 61 -12.95 9.82 10.94
N LYS A 62 -12.77 8.51 11.03
CA LYS A 62 -12.90 7.81 12.30
C LYS A 62 -12.01 8.44 13.36
N VAL A 63 -10.71 8.48 13.08
CA VAL A 63 -9.74 9.05 14.01
C VAL A 63 -10.17 10.45 14.46
N ALA A 64 -10.67 11.23 13.51
CA ALA A 64 -11.13 12.59 13.81
C ALA A 64 -12.22 12.58 14.86
N GLU A 65 -13.32 11.89 14.56
CA GLU A 65 -14.45 11.80 15.48
C GLU A 65 -14.01 11.21 16.83
N CYS A 66 -13.41 10.02 16.78
CA CYS A 66 -12.95 9.35 17.99
C CYS A 66 -12.07 10.28 18.82
N GLN A 67 -11.13 10.95 18.16
CA GLN A 67 -10.22 11.85 18.84
C GLN A 67 -10.99 12.94 19.59
N ARG A 68 -11.87 13.63 18.86
CA ARG A 68 -12.67 14.69 19.46
C ARG A 68 -13.48 14.17 20.65
N LYS A 69 -13.93 12.93 20.54
CA LYS A 69 -14.71 12.30 21.61
C LYS A 69 -13.85 12.07 22.84
N LEU A 70 -12.84 11.21 22.70
CA LEU A 70 -11.95 10.90 23.82
C LEU A 70 -11.30 12.17 24.37
N LYS A 71 -11.16 13.18 23.50
CA LYS A 71 -10.56 14.44 23.90
C LYS A 71 -11.51 15.24 24.80
N GLU A 72 -12.75 15.38 24.37
CA GLU A 72 -13.74 16.11 25.13
C GLU A 72 -14.08 15.38 26.43
N LEU A 73 -13.95 14.06 26.41
CA LEU A 73 -14.23 13.24 27.58
C LEU A 73 -13.02 13.16 28.50
N GLU A 74 -11.84 13.26 27.92
CA GLU A 74 -10.59 13.20 28.69
C GLU A 74 -10.61 14.22 29.82
N VAL A 75 -11.41 15.27 29.65
CA VAL A 75 -11.52 16.31 30.66
C VAL A 75 -12.50 15.93 31.76
N ALA A 76 -13.48 15.10 31.40
CA ALA A 76 -14.48 14.66 32.36
C ALA A 76 -13.89 13.63 33.34
N GLU A 77 -13.37 12.54 32.78
CA GLU A 77 -12.77 11.49 33.60
C GLU A 77 -11.25 11.52 33.51
N GLY A 78 -10.60 11.27 34.63
CA GLY A 78 -9.14 11.27 34.66
C GLY A 78 -8.57 10.06 35.36
N GLY A 79 -7.32 10.15 35.79
CA GLY A 79 -6.67 9.04 36.46
C GLY A 79 -6.75 7.75 35.66
N LYS A 80 -7.54 6.80 36.15
CA LYS A 80 -7.70 5.52 35.48
C LYS A 80 -8.21 5.71 34.06
N ALA A 81 -9.10 6.68 33.88
CA ALA A 81 -9.66 6.97 32.56
C ALA A 81 -8.58 7.40 31.58
N GLU A 82 -7.52 8.02 32.10
CA GLU A 82 -6.42 8.49 31.27
C GLU A 82 -5.80 7.33 30.50
N LEU A 83 -5.64 6.20 31.18
CA LEU A 83 -5.06 5.01 30.56
C LEU A 83 -5.99 4.43 29.50
N GLU A 84 -7.29 4.53 29.76
CA GLU A 84 -8.30 4.00 28.84
C GLU A 84 -8.26 4.76 27.52
N ARG A 85 -8.27 6.09 27.60
CA ARG A 85 -8.24 6.93 26.41
C ARG A 85 -6.89 6.82 25.70
N LEU A 86 -5.82 6.81 26.49
CA LEU A 86 -4.47 6.71 25.93
C LEU A 86 -4.24 5.35 25.28
N GLN A 87 -4.83 4.32 25.88
CA GLN A 87 -4.70 2.96 25.36
C GLN A 87 -5.44 2.81 24.04
N ALA A 88 -6.72 3.18 24.04
CA ALA A 88 -7.54 3.08 22.84
C ALA A 88 -6.97 3.94 21.72
N GLU A 89 -6.50 5.13 22.07
CA GLU A 89 -5.94 6.05 21.09
C GLU A 89 -4.63 5.51 20.52
N ALA A 90 -3.62 5.38 21.38
CA ALA A 90 -2.32 4.86 20.97
C ALA A 90 -2.47 3.57 20.17
N GLN A 91 -3.40 2.73 20.59
CA GLN A 91 -3.64 1.46 19.90
C GLN A 91 -4.34 1.68 18.57
N GLN A 92 -5.21 2.69 18.52
CA GLN A 92 -5.94 3.01 17.30
C GLN A 92 -5.00 3.38 16.17
N LEU A 93 -4.15 4.37 16.43
CA LEU A 93 -3.19 4.83 15.44
C LEU A 93 -2.13 3.76 15.17
N ARG A 94 -1.52 3.26 16.24
CA ARG A 94 -0.49 2.24 16.12
C ARG A 94 -0.98 1.07 15.27
N LYS A 95 -2.24 0.70 15.45
CA LYS A 95 -2.83 -0.40 14.69
C LYS A 95 -3.12 0.02 13.25
N GLU A 96 -3.59 1.25 13.09
CA GLU A 96 -3.90 1.78 11.76
C GLU A 96 -2.64 1.85 10.89
N GLU A 97 -1.59 2.44 11.44
CA GLU A 97 -0.33 2.57 10.72
C GLU A 97 0.32 1.21 10.50
N ARG A 98 0.35 0.40 11.56
CA ARG A 98 0.95 -0.93 11.49
C ARG A 98 0.21 -1.80 10.46
N SER A 99 -1.11 -1.80 10.53
CA SER A 99 -1.93 -2.59 9.62
C SER A 99 -1.72 -2.14 8.18
N TRP A 100 -1.94 -0.86 7.92
CA TRP A 100 -1.77 -0.30 6.59
C TRP A 100 -0.36 -0.52 6.08
N GLU A 101 0.62 -0.33 6.96
CA GLU A 101 2.03 -0.51 6.60
C GLU A 101 2.27 -1.92 6.07
N GLN A 102 1.96 -2.92 6.89
CA GLN A 102 2.15 -4.31 6.50
C GLN A 102 1.38 -4.62 5.22
N LYS A 103 0.11 -4.27 5.18
CA LYS A 103 -0.72 -4.52 4.01
C LYS A 103 -0.09 -3.93 2.76
N LEU A 104 0.55 -2.78 2.91
CA LEU A 104 1.20 -2.10 1.79
C LEU A 104 2.42 -2.90 1.31
N GLU A 105 3.32 -3.19 2.24
CA GLU A 105 4.53 -3.94 1.90
C GLU A 105 4.17 -5.24 1.19
N GLU A 106 3.12 -5.90 1.65
CA GLU A 106 2.68 -7.15 1.04
C GLU A 106 1.98 -6.90 -0.29
N MET A 107 1.13 -5.88 -0.33
CA MET A 107 0.40 -5.54 -1.53
C MET A 107 1.37 -5.18 -2.67
N ARG A 108 2.43 -4.46 -2.33
CA ARG A 108 3.42 -4.06 -3.32
C ARG A 108 4.37 -5.21 -3.64
N LYS A 109 4.72 -5.97 -2.62
CA LYS A 109 5.61 -7.11 -2.78
C LYS A 109 5.01 -8.15 -3.72
N LYS A 110 3.69 -8.30 -3.64
CA LYS A 110 2.99 -9.27 -4.47
C LYS A 110 2.63 -8.66 -5.83
N GLU A 111 2.01 -7.49 -5.80
CA GLU A 111 1.62 -6.80 -7.04
C GLU A 111 2.82 -6.61 -7.95
N LYS A 112 3.99 -6.39 -7.35
CA LYS A 112 5.22 -6.18 -8.11
C LYS A 112 5.48 -7.35 -9.04
N SER A 113 4.93 -8.52 -8.70
CA SER A 113 5.11 -9.71 -9.52
C SER A 113 3.93 -9.91 -10.47
N MET A 114 3.25 -8.80 -10.79
CA MET A 114 2.10 -8.85 -11.68
C MET A 114 2.45 -9.58 -12.98
N PRO A 115 1.42 -10.04 -13.69
CA PRO A 115 1.59 -10.76 -14.96
C PRO A 115 2.08 -9.84 -16.08
N TRP A 116 1.96 -8.54 -15.86
CA TRP A 116 2.40 -7.56 -16.85
C TRP A 116 3.84 -7.14 -16.61
N ASN A 117 4.19 -6.98 -15.33
CA ASN A 117 5.54 -6.57 -14.95
C ASN A 117 6.50 -7.76 -14.96
N VAL A 118 5.94 -8.95 -14.74
CA VAL A 118 6.74 -10.17 -14.73
C VAL A 118 6.12 -11.25 -15.60
N ASP A 119 6.23 -11.07 -16.92
CA ASP A 119 5.68 -12.03 -17.87
C ASP A 119 6.15 -13.45 -17.55
N THR A 120 5.37 -14.44 -17.98
CA THR A 120 5.72 -15.84 -17.74
C THR A 120 5.72 -16.15 -16.25
N LEU A 121 4.61 -16.72 -15.77
CA LEU A 121 4.48 -17.07 -14.37
C LEU A 121 3.16 -17.79 -14.10
N SER A 122 2.05 -17.13 -14.46
CA SER A 122 0.73 -17.71 -14.26
C SER A 122 0.47 -17.98 -12.78
N LYS A 123 -0.74 -18.44 -12.48
CA LYS A 123 -1.12 -18.75 -11.10
C LYS A 123 -1.01 -17.50 -10.22
N ASP A 124 -1.17 -16.33 -10.83
CA ASP A 124 -1.10 -15.07 -10.10
C ASP A 124 -2.44 -14.34 -10.13
N GLY A 125 -3.29 -14.71 -11.08
CA GLY A 125 -4.59 -14.08 -11.19
C GLY A 125 -4.72 -13.22 -12.44
N PHE A 126 -4.16 -13.70 -13.55
CA PHE A 126 -4.21 -12.97 -14.80
C PHE A 126 -5.65 -12.80 -15.28
N SER A 127 -5.94 -11.65 -15.88
CA SER A 127 -7.27 -11.35 -16.38
C SER A 127 -7.64 -12.29 -17.53
N LYS A 128 -8.87 -12.81 -17.49
CA LYS A 128 -9.34 -13.71 -18.53
C LYS A 128 -9.88 -12.92 -19.72
N MET A 3 41.68 -14.41 3.76
CA MET A 3 41.13 -14.82 2.48
C MET A 3 39.70 -14.30 2.30
N VAL A 4 38.94 -14.32 3.38
CA VAL A 4 37.55 -13.85 3.35
C VAL A 4 37.27 -12.91 4.51
N ASP A 5 36.51 -11.85 4.24
CA ASP A 5 36.16 -10.87 5.26
C ASP A 5 34.90 -10.10 4.86
N TYR A 6 34.43 -9.25 5.77
CA TYR A 6 33.23 -8.46 5.51
C TYR A 6 33.60 -7.11 4.90
N SER A 7 32.94 -6.78 3.79
CA SER A 7 33.19 -5.51 3.11
C SER A 7 31.95 -4.62 3.15
N VAL A 8 30.81 -5.18 2.81
CA VAL A 8 29.56 -4.44 2.81
C VAL A 8 29.58 -3.33 1.77
N TRP A 9 30.54 -3.40 0.85
CA TRP A 9 30.67 -2.41 -0.21
C TRP A 9 29.97 -2.87 -1.47
N ASP A 10 29.52 -4.12 -1.47
CA ASP A 10 28.82 -4.68 -2.62
C ASP A 10 28.43 -6.13 -2.37
N HIS A 11 29.23 -6.83 -1.59
CA HIS A 11 28.96 -8.22 -1.26
C HIS A 11 27.56 -8.38 -0.68
N ILE A 12 27.03 -7.30 -0.13
CA ILE A 12 25.70 -7.31 0.47
C ILE A 12 24.64 -7.73 -0.55
N GLU A 13 24.97 -7.58 -1.82
CA GLU A 13 24.06 -7.95 -2.90
C GLU A 13 22.78 -7.12 -2.83
N VAL A 14 22.68 -6.11 -3.70
CA VAL A 14 21.51 -5.25 -3.74
C VAL A 14 20.55 -5.68 -4.83
N SER A 15 21.09 -6.01 -6.00
CA SER A 15 20.27 -6.43 -7.13
C SER A 15 21.14 -6.75 -8.35
N ASP A 16 22.34 -7.27 -8.09
CA ASP A 16 23.27 -7.61 -9.15
C ASP A 16 23.49 -6.42 -10.08
N ASP A 17 23.42 -5.22 -9.53
CA ASP A 17 23.62 -4.00 -10.30
C ASP A 17 22.65 -3.94 -11.47
N GLU A 18 21.51 -3.29 -11.26
CA GLU A 18 20.49 -3.16 -12.30
C GLU A 18 19.36 -2.25 -11.85
N ASP A 19 18.45 -1.95 -12.77
CA ASP A 19 17.30 -1.08 -12.45
C ASP A 19 16.03 -1.91 -12.26
N GLU A 20 14.90 -1.23 -12.19
CA GLU A 20 13.62 -1.90 -12.00
C GLU A 20 12.95 -2.17 -13.35
N THR A 21 13.64 -1.81 -14.43
CA THR A 21 13.10 -2.01 -15.77
C THR A 21 14.16 -1.74 -16.83
N HIS A 22 14.04 -2.40 -17.98
CA HIS A 22 14.99 -2.23 -19.07
C HIS A 22 14.60 -3.10 -20.26
N PRO A 23 13.52 -2.70 -20.95
CA PRO A 23 13.02 -3.42 -22.13
C PRO A 23 13.95 -3.30 -23.33
N ASN A 24 13.56 -3.89 -24.45
CA ASN A 24 14.36 -3.84 -25.66
C ASN A 24 13.51 -3.45 -26.86
N ILE A 25 14.09 -2.68 -27.77
CA ILE A 25 13.38 -2.23 -28.97
C ILE A 25 13.95 -2.88 -30.22
N ASP A 26 13.06 -3.35 -31.09
CA ASP A 26 13.48 -3.99 -32.33
C ASP A 26 12.37 -3.92 -33.38
N THR A 27 11.33 -4.73 -33.20
CA THR A 27 10.21 -4.76 -34.12
C THR A 27 8.96 -5.31 -33.45
N ALA A 28 8.94 -6.62 -33.22
CA ALA A 28 7.81 -7.28 -32.59
C ALA A 28 7.81 -7.04 -31.08
N SER A 29 9.00 -7.07 -30.49
CA SER A 29 9.14 -6.86 -29.05
C SER A 29 8.58 -5.49 -28.64
N LEU A 30 8.89 -4.48 -29.44
CA LEU A 30 8.42 -3.12 -29.18
C LEU A 30 6.91 -3.08 -29.06
N PHE A 31 6.23 -3.66 -30.05
CA PHE A 31 4.77 -3.69 -30.07
C PHE A 31 4.22 -4.44 -28.86
N ARG A 32 4.70 -5.67 -28.67
CA ARG A 32 4.26 -6.48 -27.55
C ARG A 32 4.46 -5.76 -26.22
N TRP A 33 5.68 -5.27 -26.00
CA TRP A 33 6.00 -4.56 -24.77
C TRP A 33 5.13 -3.32 -24.62
N ARG A 34 4.88 -2.64 -25.73
CA ARG A 34 4.06 -1.43 -25.73
C ARG A 34 2.67 -1.72 -25.19
N HIS A 35 1.97 -2.63 -25.85
CA HIS A 35 0.62 -3.01 -25.44
C HIS A 35 0.61 -3.49 -24.00
N GLN A 36 1.48 -4.46 -23.69
CA GLN A 36 1.57 -5.01 -22.36
C GLN A 36 1.77 -3.91 -21.32
N ALA A 37 2.70 -3.01 -21.60
CA ALA A 37 2.99 -1.90 -20.69
C ALA A 37 1.75 -1.07 -20.42
N ARG A 38 1.12 -0.59 -21.49
CA ARG A 38 -0.08 0.23 -21.37
C ARG A 38 -1.14 -0.48 -20.51
N VAL A 39 -1.40 -1.74 -20.84
CA VAL A 39 -2.39 -2.52 -20.09
C VAL A 39 -1.98 -2.68 -18.63
N GLU A 40 -0.70 -2.91 -18.41
CA GLU A 40 -0.17 -3.09 -17.06
C GLU A 40 -0.48 -1.86 -16.20
N ARG A 41 0.04 -0.71 -16.62
CA ARG A 41 -0.17 0.54 -15.89
C ARG A 41 -1.65 0.90 -15.86
N MET A 42 -2.38 0.48 -16.90
CA MET A 42 -3.80 0.76 -16.99
C MET A 42 -4.56 0.14 -15.83
N GLU A 43 -4.48 -1.18 -15.70
CA GLU A 43 -5.16 -1.89 -14.63
C GLU A 43 -4.58 -1.50 -13.27
N GLN A 44 -3.27 -1.38 -13.20
CA GLN A 44 -2.60 -1.01 -11.97
C GLN A 44 -3.03 0.38 -11.49
N PHE A 45 -3.23 1.29 -12.44
CA PHE A 45 -3.65 2.64 -12.12
C PHE A 45 -5.10 2.66 -11.64
N GLN A 46 -5.99 2.12 -12.48
CA GLN A 46 -7.41 2.08 -12.15
C GLN A 46 -7.64 1.33 -10.84
N LYS A 47 -6.96 0.20 -10.68
CA LYS A 47 -7.10 -0.62 -9.49
C LYS A 47 -6.57 0.12 -8.27
N GLU A 48 -5.28 0.46 -8.29
CA GLU A 48 -4.64 1.17 -7.19
C GLU A 48 -5.43 2.43 -6.83
N LYS A 49 -5.91 3.13 -7.86
CA LYS A 49 -6.69 4.35 -7.65
C LYS A 49 -7.96 4.07 -6.87
N GLU A 50 -8.78 3.16 -7.39
CA GLU A 50 -10.03 2.80 -6.74
C GLU A 50 -9.79 2.43 -5.27
N GLU A 51 -8.79 1.60 -5.04
CA GLU A 51 -8.46 1.17 -3.68
C GLU A 51 -8.00 2.35 -2.83
N LEU A 52 -7.30 3.29 -3.45
CA LEU A 52 -6.81 4.47 -2.75
C LEU A 52 -7.97 5.32 -2.24
N ASP A 53 -8.79 5.81 -3.16
CA ASP A 53 -9.93 6.63 -2.80
C ASP A 53 -10.89 5.87 -1.90
N ARG A 54 -11.00 4.56 -2.12
CA ARG A 54 -11.89 3.72 -1.33
C ARG A 54 -11.38 3.62 0.11
N GLY A 55 -10.11 3.25 0.26
CA GLY A 55 -9.54 3.12 1.59
C GLY A 55 -9.38 4.45 2.29
N CYS A 56 -9.17 5.50 1.51
CA CYS A 56 -8.99 6.85 2.07
C CYS A 56 -10.32 7.36 2.63
N ARG A 57 -11.37 7.28 1.83
CA ARG A 57 -12.69 7.74 2.24
C ARG A 57 -13.24 6.87 3.38
N GLU A 58 -13.08 5.56 3.25
CA GLU A 58 -13.55 4.63 4.26
C GLU A 58 -12.85 4.87 5.60
N CYS A 59 -11.53 4.86 5.57
CA CYS A 59 -10.73 5.07 6.78
C CYS A 59 -11.05 6.43 7.40
N LYS A 60 -10.94 7.48 6.61
CA LYS A 60 -11.20 8.83 7.08
C LYS A 60 -12.59 8.92 7.72
N ARG A 61 -13.57 8.28 7.08
CA ARG A 61 -14.94 8.28 7.60
C ARG A 61 -15.00 7.65 8.98
N LYS A 62 -14.62 6.37 9.05
CA LYS A 62 -14.64 5.65 10.32
C LYS A 62 -13.83 6.38 11.38
N VAL A 63 -12.59 6.71 11.05
CA VAL A 63 -11.71 7.43 11.98
C VAL A 63 -12.35 8.73 12.44
N ALA A 64 -12.94 9.47 11.51
CA ALA A 64 -13.59 10.73 11.82
C ALA A 64 -14.68 10.55 12.87
N GLU A 65 -15.57 9.60 12.62
CA GLU A 65 -16.67 9.32 13.55
C GLU A 65 -16.13 8.95 14.93
N CYS A 66 -15.31 7.90 14.98
CA CYS A 66 -14.74 7.44 16.24
C CYS A 66 -14.06 8.60 16.97
N GLN A 67 -13.28 9.39 16.23
CA GLN A 67 -12.58 10.52 16.82
C GLN A 67 -13.54 11.47 17.51
N ARG A 68 -14.58 11.89 16.77
CA ARG A 68 -15.57 12.80 17.31
C ARG A 68 -16.27 12.20 18.52
N LYS A 69 -16.43 10.88 18.51
CA LYS A 69 -17.07 10.17 19.61
C LYS A 69 -16.24 10.28 20.89
N LEU A 70 -15.04 9.70 20.85
CA LEU A 70 -14.15 9.73 22.00
C LEU A 70 -13.79 11.16 22.38
N LYS A 71 -13.87 12.07 21.42
CA LYS A 71 -13.56 13.47 21.66
C LYS A 71 -14.67 14.14 22.46
N GLU A 72 -15.92 13.86 22.09
CA GLU A 72 -17.07 14.44 22.79
C GLU A 72 -17.30 13.74 24.13
N LEU A 73 -16.86 12.49 24.22
CA LEU A 73 -17.03 11.72 25.45
C LEU A 73 -15.88 11.99 26.41
N GLU A 74 -14.70 12.31 25.86
CA GLU A 74 -13.53 12.59 26.68
C GLU A 74 -13.83 13.67 27.70
N VAL A 75 -14.84 14.49 27.42
CA VAL A 75 -15.23 15.56 28.32
C VAL A 75 -16.15 15.05 29.43
N ALA A 76 -16.90 14.00 29.12
CA ALA A 76 -17.82 13.41 30.09
C ALA A 76 -17.07 12.70 31.20
N GLU A 77 -16.38 11.62 30.85
CA GLU A 77 -15.61 10.84 31.82
C GLU A 77 -14.14 11.21 31.77
N GLY A 78 -13.40 10.80 32.80
CA GLY A 78 -11.98 11.11 32.86
C GLY A 78 -11.20 10.06 33.64
N GLY A 79 -9.95 10.39 33.97
CA GLY A 79 -9.12 9.47 34.72
C GLY A 79 -9.06 8.10 34.07
N LYS A 80 -9.72 7.13 34.68
CA LYS A 80 -9.74 5.76 34.17
C LYS A 80 -10.27 5.73 32.74
N ALA A 81 -11.06 6.75 32.37
CA ALA A 81 -11.62 6.84 31.04
C ALA A 81 -10.65 7.49 30.07
N GLU A 82 -9.78 8.35 30.60
CA GLU A 82 -8.79 9.03 29.78
C GLU A 82 -7.95 8.04 28.99
N LEU A 83 -7.63 6.92 29.62
CA LEU A 83 -6.82 5.88 28.98
C LEU A 83 -7.58 5.24 27.83
N GLU A 84 -8.86 4.95 28.06
CA GLU A 84 -9.70 4.33 27.03
C GLU A 84 -9.83 5.24 25.82
N ARG A 85 -9.97 6.54 26.07
CA ARG A 85 -10.12 7.52 25.01
C ARG A 85 -8.84 7.62 24.19
N LEU A 86 -7.74 7.94 24.85
CA LEU A 86 -6.45 8.07 24.20
C LEU A 86 -6.03 6.76 23.54
N GLN A 87 -6.52 5.66 24.09
CA GLN A 87 -6.20 4.34 23.55
C GLN A 87 -6.88 4.11 22.20
N ALA A 88 -8.20 4.31 22.18
CA ALA A 88 -8.96 4.13 20.95
C ALA A 88 -8.50 5.10 19.87
N GLU A 89 -8.19 6.33 20.28
CA GLU A 89 -7.74 7.35 19.34
C GLU A 89 -6.36 7.02 18.80
N ALA A 90 -5.36 6.99 19.68
CA ALA A 90 -3.99 6.69 19.28
C ALA A 90 -3.94 5.42 18.44
N GLN A 91 -4.74 4.44 18.81
CA GLN A 91 -4.78 3.17 18.09
C GLN A 91 -5.50 3.33 16.75
N GLN A 92 -6.50 4.20 16.72
CA GLN A 92 -7.25 4.45 15.50
C GLN A 92 -6.36 4.99 14.39
N LEU A 93 -5.66 6.08 14.69
CA LEU A 93 -4.75 6.70 13.71
C LEU A 93 -3.55 5.80 13.45
N ARG A 94 -2.90 5.36 14.51
CA ARG A 94 -1.73 4.50 14.39
C ARG A 94 -2.04 3.29 13.50
N LYS A 95 -3.23 2.74 13.66
CA LYS A 95 -3.65 1.58 12.86
C LYS A 95 -3.98 2.00 11.43
N GLU A 96 -4.61 3.16 11.29
CA GLU A 96 -4.98 3.67 9.98
C GLU A 96 -3.75 3.94 9.13
N GLU A 97 -2.79 4.67 9.69
CA GLU A 97 -1.56 5.00 8.98
C GLU A 97 -0.72 3.76 8.74
N ARG A 98 -0.57 2.93 9.78
CA ARG A 98 0.20 1.71 9.69
C ARG A 98 -0.39 0.77 8.65
N SER A 99 -1.71 0.61 8.68
CA SER A 99 -2.40 -0.26 7.75
C SER A 99 -2.22 0.22 6.31
N TRP A 100 -2.52 1.50 6.08
CA TRP A 100 -2.40 2.10 4.76
C TRP A 100 -0.97 1.98 4.24
N GLU A 101 -0.01 2.34 5.10
CA GLU A 101 1.40 2.28 4.72
C GLU A 101 1.78 0.87 4.27
N GLN A 102 1.52 -0.12 5.11
CA GLN A 102 1.84 -1.51 4.79
C GLN A 102 1.07 -1.97 3.56
N LYS A 103 -0.25 -1.89 3.63
CA LYS A 103 -1.10 -2.31 2.51
C LYS A 103 -0.66 -1.64 1.22
N LEU A 104 -0.12 -0.43 1.34
CA LEU A 104 0.35 0.32 0.17
C LEU A 104 1.61 -0.31 -0.40
N GLU A 105 2.64 -0.41 0.42
CA GLU A 105 3.91 -0.99 0.00
C GLU A 105 3.70 -2.38 -0.59
N GLU A 106 2.68 -3.08 -0.09
CA GLU A 106 2.38 -4.43 -0.56
C GLU A 106 1.66 -4.38 -1.91
N MET A 107 0.66 -3.52 -2.00
CA MET A 107 -0.11 -3.37 -3.24
C MET A 107 0.77 -2.81 -4.36
N ARG A 108 1.74 -1.99 -3.99
CA ARG A 108 2.64 -1.38 -4.96
C ARG A 108 3.74 -2.37 -5.38
N LYS A 109 4.35 -3.00 -4.39
CA LYS A 109 5.41 -3.97 -4.65
C LYS A 109 4.86 -5.22 -5.34
N LYS A 110 3.57 -5.47 -5.15
CA LYS A 110 2.93 -6.62 -5.76
C LYS A 110 2.43 -6.29 -7.16
N GLU A 111 1.67 -5.20 -7.27
CA GLU A 111 1.14 -4.77 -8.56
C GLU A 111 2.26 -4.40 -9.52
N LYS A 112 3.37 -3.91 -8.97
CA LYS A 112 4.52 -3.52 -9.78
C LYS A 112 4.96 -4.67 -10.68
N SER A 113 4.71 -5.90 -10.24
CA SER A 113 5.08 -7.07 -11.01
C SER A 113 3.98 -7.45 -11.99
N MET A 114 2.74 -7.08 -11.66
CA MET A 114 1.60 -7.39 -12.52
C MET A 114 1.47 -8.89 -12.73
N PRO A 115 1.11 -9.61 -11.66
CA PRO A 115 0.94 -11.07 -11.71
C PRO A 115 -0.28 -11.48 -12.52
N TRP A 116 -1.18 -10.53 -12.76
CA TRP A 116 -2.40 -10.80 -13.52
C TRP A 116 -2.05 -11.18 -14.96
N ASN A 117 -0.92 -10.70 -15.45
CA ASN A 117 -0.49 -10.99 -16.81
C ASN A 117 -0.32 -12.49 -17.01
N VAL A 118 -0.05 -13.20 -15.92
CA VAL A 118 0.14 -14.65 -15.98
C VAL A 118 -1.12 -15.38 -15.55
N ASP A 119 -1.57 -15.10 -14.33
CA ASP A 119 -2.78 -15.74 -13.81
C ASP A 119 -3.56 -14.76 -12.93
N THR A 120 -4.89 -14.86 -12.98
CA THR A 120 -5.75 -13.98 -12.19
C THR A 120 -5.79 -14.43 -10.73
N LEU A 121 -5.74 -13.47 -9.82
CA LEU A 121 -5.78 -13.76 -8.39
C LEU A 121 -5.71 -12.47 -7.57
N SER A 122 -6.88 -12.00 -7.14
CA SER A 122 -6.96 -10.78 -6.35
C SER A 122 -8.30 -10.69 -5.63
N LYS A 123 -8.27 -10.19 -4.40
CA LYS A 123 -9.48 -10.05 -3.60
C LYS A 123 -9.17 -9.42 -2.24
N ASP A 124 -9.85 -8.32 -1.94
CA ASP A 124 -9.65 -7.63 -0.67
C ASP A 124 -10.91 -7.68 0.18
N GLY A 125 -12.05 -7.94 -0.46
CA GLY A 125 -13.31 -8.00 0.26
C GLY A 125 -13.65 -6.70 0.96
N PHE A 126 -13.33 -5.58 0.32
CA PHE A 126 -13.61 -4.27 0.89
C PHE A 126 -15.10 -3.98 0.89
N SER A 127 -15.73 -4.12 2.06
CA SER A 127 -17.16 -3.87 2.19
C SER A 127 -17.42 -2.60 2.98
N LYS A 128 -18.58 -1.99 2.76
CA LYS A 128 -18.95 -0.77 3.45
C LYS A 128 -19.82 -1.07 4.66
N MET A 3 20.70 -4.32 13.57
CA MET A 3 19.86 -3.29 14.17
C MET A 3 18.64 -3.00 13.30
N VAL A 4 18.86 -2.33 12.17
CA VAL A 4 17.78 -2.00 11.26
C VAL A 4 17.06 -3.26 10.77
N ASP A 5 15.86 -3.07 10.22
CA ASP A 5 15.08 -4.19 9.72
C ASP A 5 15.48 -4.54 8.30
N TYR A 6 14.78 -5.50 7.71
CA TYR A 6 15.08 -5.94 6.34
C TYR A 6 13.90 -5.65 5.41
N SER A 7 14.21 -5.35 4.16
CA SER A 7 13.18 -5.05 3.17
C SER A 7 13.43 -5.83 1.88
N VAL A 8 14.69 -5.88 1.45
CA VAL A 8 15.06 -6.58 0.24
C VAL A 8 14.44 -5.93 -0.99
N TRP A 9 13.92 -4.71 -0.82
CA TRP A 9 13.31 -3.98 -1.91
C TRP A 9 14.36 -3.35 -2.81
N ASP A 10 15.54 -3.11 -2.26
CA ASP A 10 16.64 -2.51 -3.01
C ASP A 10 17.98 -2.78 -2.34
N HIS A 11 18.03 -3.86 -1.56
CA HIS A 11 19.26 -4.24 -0.87
C HIS A 11 20.35 -4.61 -1.86
N ILE A 12 19.96 -5.21 -2.98
CA ILE A 12 20.91 -5.62 -4.01
C ILE A 12 20.65 -4.86 -5.31
N GLU A 13 19.44 -4.36 -5.47
CA GLU A 13 19.08 -3.62 -6.68
C GLU A 13 19.24 -4.49 -7.92
N VAL A 14 18.11 -5.00 -8.42
CA VAL A 14 18.13 -5.85 -9.61
C VAL A 14 17.14 -5.34 -10.65
N SER A 15 16.59 -4.15 -10.41
CA SER A 15 15.64 -3.55 -11.34
C SER A 15 14.39 -4.41 -11.45
N ASP A 16 13.89 -4.89 -10.31
CA ASP A 16 12.70 -5.72 -10.29
C ASP A 16 12.85 -6.93 -11.20
N ASP A 17 14.10 -7.33 -11.42
CA ASP A 17 14.39 -8.49 -12.27
C ASP A 17 13.77 -8.31 -13.65
N GLU A 18 14.36 -7.43 -14.46
CA GLU A 18 13.86 -7.18 -15.80
C GLU A 18 14.71 -6.13 -16.51
N ASP A 19 16.03 -6.35 -16.49
CA ASP A 19 16.96 -5.42 -17.14
C ASP A 19 17.34 -5.90 -18.53
N GLU A 20 18.33 -5.25 -19.14
CA GLU A 20 18.78 -5.62 -20.47
C GLU A 20 19.80 -6.75 -20.41
N THR A 21 20.06 -7.24 -19.20
CA THR A 21 21.02 -8.32 -19.00
C THR A 21 20.31 -9.63 -18.67
N HIS A 22 19.73 -10.26 -19.69
CA HIS A 22 19.02 -11.52 -19.50
C HIS A 22 18.88 -12.27 -20.83
N PRO A 23 19.99 -12.84 -21.31
CA PRO A 23 20.01 -13.58 -22.57
C PRO A 23 19.27 -14.90 -22.48
N ASN A 24 17.94 -14.83 -22.55
CA ASN A 24 17.11 -16.03 -22.47
C ASN A 24 15.96 -15.95 -23.49
N ILE A 25 15.36 -14.78 -23.60
CA ILE A 25 14.25 -14.58 -24.53
C ILE A 25 14.65 -14.96 -25.95
N ASP A 26 13.79 -15.70 -26.63
CA ASP A 26 14.05 -16.13 -28.00
C ASP A 26 12.83 -15.88 -28.88
N THR A 27 11.73 -16.54 -28.57
CA THR A 27 10.50 -16.38 -29.33
C THR A 27 9.27 -16.55 -28.45
N ALA A 28 8.99 -17.80 -28.07
CA ALA A 28 7.85 -18.10 -27.22
C ALA A 28 7.99 -17.45 -25.85
N SER A 29 9.23 -17.37 -25.37
CA SER A 29 9.51 -16.78 -24.06
C SER A 29 9.09 -15.30 -24.04
N LEU A 30 9.27 -14.63 -25.17
CA LEU A 30 8.91 -13.22 -25.28
C LEU A 30 7.43 -13.00 -24.98
N PHE A 31 6.57 -13.67 -25.75
CA PHE A 31 5.13 -13.55 -25.56
C PHE A 31 4.72 -14.02 -24.16
N ARG A 32 5.26 -15.16 -23.75
CA ARG A 32 4.95 -15.73 -22.45
C ARG A 32 5.31 -14.74 -21.33
N TRP A 33 6.59 -14.41 -21.23
CA TRP A 33 7.05 -13.48 -20.21
C TRP A 33 6.23 -12.19 -20.23
N ARG A 34 6.24 -11.51 -21.38
CA ARG A 34 5.50 -10.27 -21.53
C ARG A 34 4.04 -10.44 -21.10
N HIS A 35 3.47 -11.59 -21.43
CA HIS A 35 2.08 -11.88 -21.08
C HIS A 35 1.91 -11.96 -19.56
N GLN A 36 2.71 -12.82 -18.93
CA GLN A 36 2.65 -13.00 -17.49
C GLN A 36 2.75 -11.65 -16.77
N ALA A 37 3.67 -10.82 -17.21
CA ALA A 37 3.88 -9.51 -16.62
C ALA A 37 2.64 -8.64 -16.79
N ARG A 38 2.19 -8.47 -18.02
CA ARG A 38 1.02 -7.66 -18.32
C ARG A 38 -0.17 -8.09 -17.46
N VAL A 39 -0.46 -9.39 -17.48
CA VAL A 39 -1.56 -9.94 -16.69
C VAL A 39 -1.40 -9.62 -15.21
N GLU A 40 -0.22 -9.90 -14.68
CA GLU A 40 0.07 -9.66 -13.27
C GLU A 40 -0.24 -8.20 -12.91
N ARG A 41 0.13 -7.29 -13.79
CA ARG A 41 -0.11 -5.87 -13.56
C ARG A 41 -1.60 -5.56 -13.53
N MET A 42 -2.31 -5.97 -14.58
CA MET A 42 -3.74 -5.74 -14.66
C MET A 42 -4.47 -6.37 -13.48
N GLU A 43 -4.29 -7.68 -13.31
CA GLU A 43 -4.93 -8.40 -12.21
C GLU A 43 -4.66 -7.71 -10.88
N GLN A 44 -3.39 -7.42 -10.61
CA GLN A 44 -2.99 -6.76 -9.37
C GLN A 44 -3.70 -5.42 -9.22
N PHE A 45 -3.87 -4.72 -10.33
CA PHE A 45 -4.52 -3.41 -10.32
C PHE A 45 -5.97 -3.53 -9.87
N GLN A 46 -6.74 -4.36 -10.58
CA GLN A 46 -8.14 -4.57 -10.26
C GLN A 46 -8.30 -5.08 -8.82
N LYS A 47 -7.53 -6.10 -8.49
CA LYS A 47 -7.58 -6.69 -7.15
C LYS A 47 -7.24 -5.64 -6.08
N GLU A 48 -6.04 -5.08 -6.18
CA GLU A 48 -5.59 -4.07 -5.23
C GLU A 48 -6.62 -2.94 -5.11
N LYS A 49 -7.28 -2.64 -6.22
CA LYS A 49 -8.29 -1.59 -6.24
C LYS A 49 -9.49 -1.95 -5.35
N GLU A 50 -10.14 -3.07 -5.68
CA GLU A 50 -11.29 -3.52 -4.91
C GLU A 50 -10.96 -3.59 -3.42
N GLU A 51 -9.82 -4.20 -3.10
CA GLU A 51 -9.39 -4.34 -1.72
C GLU A 51 -9.15 -2.98 -1.08
N LEU A 52 -8.60 -2.05 -1.86
CA LEU A 52 -8.32 -0.71 -1.38
C LEU A 52 -9.61 -0.01 -0.93
N ASP A 53 -10.60 0.00 -1.81
CA ASP A 53 -11.88 0.63 -1.52
C ASP A 53 -12.55 -0.05 -0.33
N ARG A 54 -12.55 -1.38 -0.34
CA ARG A 54 -13.16 -2.15 0.74
C ARG A 54 -12.49 -1.84 2.08
N GLY A 55 -11.18 -2.02 2.14
CA GLY A 55 -10.46 -1.75 3.37
C GLY A 55 -10.50 -0.30 3.77
N CYS A 56 -10.68 0.58 2.78
CA CYS A 56 -10.75 2.01 3.04
C CYS A 56 -12.02 2.38 3.80
N ARG A 57 -13.16 1.98 3.25
CA ARG A 57 -14.45 2.27 3.86
C ARG A 57 -14.59 1.54 5.21
N GLU A 58 -14.13 0.29 5.24
CA GLU A 58 -14.20 -0.52 6.44
C GLU A 58 -13.39 0.12 7.58
N CYS A 59 -12.11 0.37 7.30
CA CYS A 59 -11.23 0.97 8.30
C CYS A 59 -11.78 2.32 8.76
N LYS A 60 -12.16 3.16 7.80
CA LYS A 60 -12.69 4.48 8.12
C LYS A 60 -13.89 4.38 9.05
N ARG A 61 -14.78 3.42 8.77
CA ARG A 61 -15.97 3.22 9.59
C ARG A 61 -15.57 2.83 11.01
N LYS A 62 -14.88 1.71 11.15
CA LYS A 62 -14.45 1.23 12.45
C LYS A 62 -13.67 2.30 13.21
N VAL A 63 -12.61 2.80 12.59
CA VAL A 63 -11.78 3.85 13.20
C VAL A 63 -12.64 5.02 13.66
N ALA A 64 -13.60 5.40 12.82
CA ALA A 64 -14.48 6.51 13.15
C ALA A 64 -15.25 6.25 14.45
N GLU A 65 -16.00 5.16 14.48
CA GLU A 65 -16.77 4.79 15.66
C GLU A 65 -15.88 4.69 16.89
N CYS A 66 -14.86 3.83 16.80
CA CYS A 66 -13.93 3.62 17.90
C CYS A 66 -13.37 4.95 18.39
N GLN A 67 -12.87 5.75 17.44
CA GLN A 67 -12.29 7.05 17.78
C GLN A 67 -13.26 7.87 18.62
N ARG A 68 -14.47 8.06 18.13
CA ARG A 68 -15.49 8.82 18.84
C ARG A 68 -15.75 8.23 20.22
N LYS A 69 -15.69 6.90 20.30
CA LYS A 69 -15.91 6.21 21.57
C LYS A 69 -14.80 6.52 22.56
N LEU A 70 -13.59 6.09 22.24
CA LEU A 70 -12.43 6.32 23.09
C LEU A 70 -12.25 7.81 23.39
N LYS A 71 -12.67 8.65 22.43
CA LYS A 71 -12.56 10.09 22.58
C LYS A 71 -13.49 10.60 23.67
N GLU A 72 -14.77 10.24 23.56
CA GLU A 72 -15.77 10.66 24.54
C GLU A 72 -15.57 9.95 25.86
N LEU A 73 -14.85 8.82 25.83
CA LEU A 73 -14.59 8.05 27.03
C LEU A 73 -13.35 8.57 27.75
N GLU A 74 -12.41 9.11 26.98
CA GLU A 74 -11.17 9.64 27.55
C GLU A 74 -11.48 10.68 28.62
N VAL A 75 -12.68 11.24 28.58
CA VAL A 75 -13.08 12.24 29.56
C VAL A 75 -13.67 11.58 30.81
N ALA A 76 -14.19 10.37 30.65
CA ALA A 76 -14.78 9.63 31.76
C ALA A 76 -13.95 8.39 32.10
N GLU A 77 -12.79 8.62 32.70
CA GLU A 77 -11.91 7.52 33.09
C GLU A 77 -10.65 8.05 33.78
N GLY A 78 -10.84 9.06 34.63
CA GLY A 78 -9.70 9.63 35.34
C GLY A 78 -8.59 10.06 34.41
N GLY A 79 -7.36 9.67 34.75
CA GLY A 79 -6.22 10.02 33.93
C GLY A 79 -5.41 8.81 33.51
N LYS A 80 -5.37 7.81 34.38
CA LYS A 80 -4.62 6.58 34.09
C LYS A 80 -5.09 5.95 32.78
N ALA A 81 -6.35 6.19 32.44
CA ALA A 81 -6.93 5.65 31.21
C ALA A 81 -6.62 6.54 30.02
N GLU A 82 -6.26 7.79 30.30
CA GLU A 82 -5.95 8.75 29.24
C GLU A 82 -4.86 8.21 28.33
N LEU A 83 -3.86 7.55 28.92
CA LEU A 83 -2.76 6.98 28.16
C LEU A 83 -3.23 5.79 27.33
N GLU A 84 -4.16 5.03 27.87
CA GLU A 84 -4.70 3.87 27.17
C GLU A 84 -5.43 4.27 25.89
N ARG A 85 -6.30 5.28 26.01
CA ARG A 85 -7.06 5.77 24.87
C ARG A 85 -6.15 6.49 23.89
N LEU A 86 -5.23 7.29 24.41
CA LEU A 86 -4.30 8.05 23.57
C LEU A 86 -3.34 7.10 22.84
N GLN A 87 -2.94 6.04 23.53
CA GLN A 87 -2.03 5.06 22.94
C GLN A 87 -2.71 4.28 21.83
N ALA A 88 -3.85 3.66 22.16
CA ALA A 88 -4.59 2.88 21.18
C ALA A 88 -5.02 3.73 20.00
N GLU A 89 -5.39 4.98 20.29
CA GLU A 89 -5.82 5.90 19.23
C GLU A 89 -4.66 6.27 18.31
N ALA A 90 -3.65 6.94 18.87
CA ALA A 90 -2.49 7.34 18.10
C ALA A 90 -1.93 6.18 17.29
N GLN A 91 -1.94 5.00 17.89
CA GLN A 91 -1.44 3.80 17.22
C GLN A 91 -2.40 3.33 16.14
N GLN A 92 -3.69 3.52 16.38
CA GLN A 92 -4.72 3.11 15.43
C GLN A 92 -4.56 3.86 14.11
N LEU A 93 -4.54 5.19 14.20
CA LEU A 93 -4.40 6.03 13.00
C LEU A 93 -3.01 5.88 12.40
N ARG A 94 -1.98 6.03 13.24
CA ARG A 94 -0.60 5.92 12.79
C ARG A 94 -0.39 4.62 12.03
N LYS A 95 -0.99 3.53 12.52
CA LYS A 95 -0.87 2.23 11.88
C LYS A 95 -1.71 2.16 10.61
N GLU A 96 -2.90 2.76 10.66
CA GLU A 96 -3.80 2.77 9.52
C GLU A 96 -3.18 3.52 8.34
N GLU A 97 -2.64 4.70 8.61
CA GLU A 97 -2.02 5.52 7.58
C GLU A 97 -0.71 4.89 7.10
N ARG A 98 0.11 4.43 8.04
CA ARG A 98 1.37 3.80 7.72
C ARG A 98 1.16 2.54 6.89
N SER A 99 0.26 1.68 7.35
CA SER A 99 -0.03 0.43 6.66
C SER A 99 -0.58 0.70 5.26
N TRP A 100 -1.64 1.49 5.20
CA TRP A 100 -2.27 1.84 3.92
C TRP A 100 -1.26 2.49 2.99
N GLU A 101 -0.48 3.41 3.52
CA GLU A 101 0.53 4.12 2.73
C GLU A 101 1.49 3.14 2.08
N GLN A 102 2.05 2.24 2.88
CA GLN A 102 2.99 1.25 2.38
C GLN A 102 2.34 0.37 1.31
N LYS A 103 1.29 -0.35 1.70
CA LYS A 103 0.58 -1.23 0.78
C LYS A 103 0.21 -0.49 -0.49
N LEU A 104 -0.29 0.73 -0.33
CA LEU A 104 -0.69 1.55 -1.48
C LEU A 104 0.51 1.85 -2.38
N GLU A 105 1.54 2.44 -1.79
CA GLU A 105 2.75 2.79 -2.53
C GLU A 105 3.31 1.56 -3.25
N GLU A 106 3.04 0.39 -2.70
CA GLU A 106 3.51 -0.87 -3.28
C GLU A 106 2.74 -1.22 -4.53
N MET A 107 1.42 -1.34 -4.39
CA MET A 107 0.55 -1.67 -5.51
C MET A 107 0.56 -0.57 -6.56
N ARG A 108 0.86 0.66 -6.12
CA ARG A 108 0.90 1.80 -7.02
C ARG A 108 2.20 1.81 -7.82
N LYS A 109 3.32 1.65 -7.12
CA LYS A 109 4.63 1.64 -7.77
C LYS A 109 4.78 0.43 -8.69
N LYS A 110 4.13 -0.67 -8.32
CA LYS A 110 4.18 -1.89 -9.10
C LYS A 110 3.24 -1.80 -10.31
N GLU A 111 2.01 -1.38 -10.06
CA GLU A 111 1.02 -1.26 -11.12
C GLU A 111 1.35 -0.09 -12.05
N LYS A 112 2.16 0.84 -11.54
CA LYS A 112 2.57 2.00 -12.33
C LYS A 112 3.22 1.58 -13.63
N SER A 113 3.76 0.36 -13.66
CA SER A 113 4.42 -0.15 -14.84
C SER A 113 3.41 -0.41 -15.96
N MET A 114 2.13 -0.38 -15.61
CA MET A 114 1.07 -0.62 -16.57
C MET A 114 0.24 0.65 -16.79
N PRO A 115 0.82 1.61 -17.53
CA PRO A 115 0.15 2.89 -17.83
C PRO A 115 -1.02 2.72 -18.78
N TRP A 116 -1.17 1.52 -19.33
CA TRP A 116 -2.25 1.22 -20.27
C TRP A 116 -3.60 1.35 -19.57
N ASN A 117 -3.61 1.17 -18.26
CA ASN A 117 -4.85 1.25 -17.48
C ASN A 117 -4.86 2.52 -16.63
N VAL A 118 -3.96 2.58 -15.65
CA VAL A 118 -3.87 3.74 -14.76
C VAL A 118 -3.70 5.02 -15.56
N ASP A 119 -2.95 4.94 -16.65
CA ASP A 119 -2.71 6.10 -17.50
C ASP A 119 -2.16 7.27 -16.68
N THR A 120 -1.00 7.06 -16.06
CA THR A 120 -0.38 8.09 -15.25
C THR A 120 -0.25 9.40 -16.02
N LEU A 121 0.13 10.45 -15.32
CA LEU A 121 0.29 11.76 -15.94
C LEU A 121 1.42 12.55 -15.26
N SER A 122 2.41 11.83 -14.75
CA SER A 122 3.54 12.45 -14.08
C SER A 122 3.09 13.21 -12.84
N LYS A 123 4.03 13.87 -12.18
CA LYS A 123 3.73 14.64 -10.97
C LYS A 123 3.23 13.72 -9.86
N ASP A 124 3.28 14.22 -8.63
CA ASP A 124 2.84 13.45 -7.47
C ASP A 124 1.64 14.11 -6.82
N GLY A 125 1.46 15.41 -7.08
CA GLY A 125 0.35 16.14 -6.50
C GLY A 125 0.43 16.21 -4.99
N PHE A 126 1.61 16.50 -4.47
CA PHE A 126 1.82 16.59 -3.02
C PHE A 126 1.47 17.98 -2.51
N SER A 127 0.58 18.04 -1.54
CA SER A 127 0.15 19.32 -0.96
C SER A 127 0.58 19.42 0.49
N LYS A 128 0.72 20.65 0.97
CA LYS A 128 1.13 20.90 2.35
C LYS A 128 0.06 21.69 3.10
N MET A 3 27.73 4.94 10.59
CA MET A 3 26.66 3.99 10.85
C MET A 3 25.90 3.66 9.57
N VAL A 4 25.25 4.67 9.00
CA VAL A 4 24.49 4.49 7.77
C VAL A 4 25.37 4.66 6.55
N ASP A 5 25.50 3.58 5.77
CA ASP A 5 26.32 3.60 4.56
C ASP A 5 25.46 3.79 3.32
N TYR A 6 26.09 3.82 2.15
CA TYR A 6 25.38 4.00 0.90
C TYR A 6 24.93 2.65 0.34
N SER A 7 24.28 2.69 -0.83
CA SER A 7 23.78 1.47 -1.45
C SER A 7 24.16 1.45 -2.94
N VAL A 8 23.41 2.18 -3.74
CA VAL A 8 23.65 2.25 -5.18
C VAL A 8 23.43 0.89 -5.84
N TRP A 9 22.80 -0.02 -5.11
CA TRP A 9 22.53 -1.36 -5.62
C TRP A 9 21.15 -1.42 -6.25
N ASP A 10 20.31 -0.45 -5.94
CA ASP A 10 18.96 -0.40 -6.49
C ASP A 10 18.77 0.85 -7.35
N HIS A 11 19.73 1.77 -7.27
CA HIS A 11 19.67 3.01 -8.04
C HIS A 11 19.42 2.71 -9.52
N ILE A 12 19.91 1.56 -9.97
CA ILE A 12 19.74 1.16 -11.37
C ILE A 12 19.12 -0.22 -11.47
N GLU A 13 19.43 -1.08 -10.50
CA GLU A 13 18.89 -2.44 -10.49
C GLU A 13 19.35 -3.22 -11.72
N VAL A 14 20.31 -4.12 -11.52
CA VAL A 14 20.83 -4.93 -12.61
C VAL A 14 20.80 -6.41 -12.25
N SER A 15 20.15 -6.73 -11.15
CA SER A 15 20.05 -8.11 -10.69
C SER A 15 21.42 -8.66 -10.30
N ASP A 16 22.27 -7.79 -9.79
CA ASP A 16 23.62 -8.19 -9.38
C ASP A 16 24.44 -8.64 -10.58
N ASP A 17 24.08 -8.14 -11.76
CA ASP A 17 24.79 -8.50 -12.98
C ASP A 17 24.83 -10.02 -13.17
N GLU A 18 23.68 -10.66 -13.01
CA GLU A 18 23.58 -12.10 -13.16
C GLU A 18 22.14 -12.58 -12.93
N ASP A 19 21.24 -12.16 -13.81
CA ASP A 19 19.85 -12.54 -13.71
C ASP A 19 19.63 -13.94 -14.28
N GLU A 20 18.35 -14.32 -14.41
CA GLU A 20 18.01 -15.64 -14.95
C GLU A 20 17.46 -15.52 -16.37
N THR A 21 17.43 -14.30 -16.89
CA THR A 21 16.94 -14.05 -18.23
C THR A 21 17.24 -12.62 -18.69
N HIS A 22 17.95 -12.49 -19.80
CA HIS A 22 18.31 -11.19 -20.34
C HIS A 22 18.47 -11.26 -21.85
N PRO A 23 17.36 -11.42 -22.56
CA PRO A 23 17.35 -11.50 -24.02
C PRO A 23 17.67 -10.17 -24.68
N ASN A 24 17.79 -10.17 -26.01
CA ASN A 24 18.10 -8.96 -26.75
C ASN A 24 16.88 -8.48 -27.54
N ILE A 25 16.50 -7.22 -27.33
CA ILE A 25 15.36 -6.65 -28.03
C ILE A 25 15.53 -6.72 -29.53
N ASP A 26 14.42 -6.84 -30.25
CA ASP A 26 14.45 -6.92 -31.71
C ASP A 26 13.68 -5.76 -32.33
N THR A 27 12.37 -5.69 -32.03
CA THR A 27 11.53 -4.64 -32.56
C THR A 27 10.10 -4.75 -32.02
N ALA A 28 9.62 -5.99 -31.92
CA ALA A 28 8.27 -6.23 -31.40
C ALA A 28 8.25 -6.23 -29.88
N SER A 29 9.34 -6.71 -29.27
CA SER A 29 9.44 -6.76 -27.82
C SER A 29 9.15 -5.39 -27.21
N LEU A 30 9.62 -4.34 -27.87
CA LEU A 30 9.41 -2.98 -27.39
C LEU A 30 7.92 -2.64 -27.32
N PHE A 31 7.23 -2.85 -28.43
CA PHE A 31 5.79 -2.58 -28.51
C PHE A 31 5.04 -3.38 -27.45
N ARG A 32 5.21 -4.70 -27.49
CA ARG A 32 4.54 -5.59 -26.55
C ARG A 32 4.79 -5.13 -25.12
N TRP A 33 6.05 -4.99 -24.75
CA TRP A 33 6.43 -4.57 -23.41
C TRP A 33 5.75 -3.26 -23.04
N ARG A 34 5.72 -2.32 -23.99
CA ARG A 34 5.09 -1.03 -23.76
C ARG A 34 3.61 -1.18 -23.43
N HIS A 35 2.93 -2.03 -24.19
CA HIS A 35 1.50 -2.27 -23.97
C HIS A 35 1.26 -2.89 -22.60
N GLN A 36 1.84 -4.08 -22.38
CA GLN A 36 1.68 -4.78 -21.11
C GLN A 36 2.05 -3.87 -19.95
N ALA A 37 3.20 -3.23 -20.04
CA ALA A 37 3.66 -2.32 -18.98
C ALA A 37 2.63 -1.23 -18.71
N ARG A 38 2.23 -0.52 -19.76
CA ARG A 38 1.25 0.54 -19.63
C ARG A 38 0.00 0.06 -18.90
N VAL A 39 -0.53 -1.09 -19.32
CA VAL A 39 -1.71 -1.65 -18.71
C VAL A 39 -1.47 -1.97 -17.23
N GLU A 40 -0.35 -2.61 -16.94
CA GLU A 40 0.00 -2.96 -15.57
C GLU A 40 -0.04 -1.73 -14.67
N ARG A 41 0.81 -0.75 -14.98
CA ARG A 41 0.87 0.47 -14.19
C ARG A 41 -0.47 1.19 -14.18
N MET A 42 -1.20 1.08 -15.29
CA MET A 42 -2.50 1.72 -15.41
C MET A 42 -3.49 1.15 -14.39
N GLU A 43 -3.72 -0.16 -14.48
CA GLU A 43 -4.63 -0.83 -13.56
C GLU A 43 -4.22 -0.60 -12.11
N GLN A 44 -2.94 -0.80 -11.84
CA GLN A 44 -2.41 -0.62 -10.50
C GLN A 44 -2.54 0.82 -10.03
N PHE A 45 -2.49 1.75 -10.99
CA PHE A 45 -2.61 3.17 -10.67
C PHE A 45 -4.03 3.51 -10.23
N GLN A 46 -5.00 3.19 -11.08
CA GLN A 46 -6.40 3.48 -10.77
C GLN A 46 -6.82 2.75 -9.50
N LYS A 47 -6.40 1.51 -9.35
CA LYS A 47 -6.73 0.71 -8.18
C LYS A 47 -6.10 1.31 -6.93
N GLU A 48 -4.77 1.36 -6.92
CA GLU A 48 -4.04 1.91 -5.78
C GLU A 48 -4.53 3.31 -5.43
N LYS A 49 -4.82 4.10 -6.45
CA LYS A 49 -5.31 5.46 -6.26
C LYS A 49 -6.63 5.46 -5.51
N GLU A 50 -7.63 4.77 -6.06
CA GLU A 50 -8.94 4.69 -5.44
C GLU A 50 -8.83 4.25 -3.98
N GLU A 51 -8.03 3.22 -3.75
CA GLU A 51 -7.83 2.70 -2.40
C GLU A 51 -7.18 3.73 -1.50
N LEU A 52 -6.26 4.51 -2.06
CA LEU A 52 -5.56 5.54 -1.31
C LEU A 52 -6.54 6.62 -0.83
N ASP A 53 -7.20 7.28 -1.78
CA ASP A 53 -8.16 8.32 -1.45
C ASP A 53 -9.27 7.79 -0.55
N ARG A 54 -9.66 6.54 -0.79
CA ARG A 54 -10.72 5.90 0.00
C ARG A 54 -10.26 5.70 1.44
N GLY A 55 -9.09 5.08 1.61
CA GLY A 55 -8.57 4.83 2.94
C GLY A 55 -8.16 6.11 3.65
N CYS A 56 -7.77 7.11 2.88
CA CYS A 56 -7.35 8.38 3.44
C CYS A 56 -8.55 9.15 4.02
N ARG A 57 -9.58 9.30 3.21
CA ARG A 57 -10.79 10.00 3.63
C ARG A 57 -11.51 9.24 4.74
N GLU A 58 -11.59 7.92 4.58
CA GLU A 58 -12.25 7.07 5.56
C GLU A 58 -11.52 7.13 6.91
N CYS A 59 -10.20 6.91 6.86
CA CYS A 59 -9.39 6.92 8.07
C CYS A 59 -9.48 8.28 8.77
N LYS A 60 -9.18 9.34 8.03
CA LYS A 60 -9.23 10.69 8.58
C LYS A 60 -10.59 10.97 9.20
N ARG A 61 -11.65 10.60 8.51
CA ARG A 61 -13.01 10.83 8.99
C ARG A 61 -13.22 10.14 10.33
N LYS A 62 -13.05 8.82 10.37
CA LYS A 62 -13.22 8.06 11.59
C LYS A 62 -12.31 8.58 12.70
N VAL A 63 -11.01 8.60 12.42
CA VAL A 63 -10.03 9.09 13.39
C VAL A 63 -10.41 10.46 13.90
N ALA A 64 -10.97 11.29 13.03
CA ALA A 64 -11.39 12.64 13.40
C ALA A 64 -12.52 12.60 14.43
N GLU A 65 -13.62 11.97 14.08
CA GLU A 65 -14.77 11.86 14.97
C GLU A 65 -14.37 11.21 16.29
N CYS A 66 -13.78 10.02 16.21
CA CYS A 66 -13.36 9.30 17.40
C CYS A 66 -12.48 10.17 18.29
N GLN A 67 -11.47 10.79 17.68
CA GLN A 67 -10.56 11.66 18.40
C GLN A 67 -11.32 12.73 19.19
N ARG A 68 -12.16 13.49 18.49
CA ARG A 68 -12.94 14.54 19.12
C ARG A 68 -13.82 13.98 20.24
N LYS A 69 -14.28 12.75 20.06
CA LYS A 69 -15.11 12.09 21.06
C LYS A 69 -14.32 11.78 22.32
N LEU A 70 -13.31 10.92 22.17
CA LEU A 70 -12.46 10.53 23.30
C LEU A 70 -11.80 11.76 23.92
N LYS A 71 -11.62 12.80 23.11
CA LYS A 71 -11.00 14.04 23.58
C LYS A 71 -11.94 14.82 24.47
N GLU A 72 -13.19 14.97 24.02
CA GLU A 72 -14.19 15.70 24.79
C GLU A 72 -14.58 14.94 26.04
N LEU A 73 -14.50 13.61 25.98
CA LEU A 73 -14.85 12.76 27.12
C LEU A 73 -13.66 12.60 28.05
N GLU A 74 -12.45 12.67 27.49
CA GLU A 74 -11.24 12.54 28.29
C GLU A 74 -11.23 13.51 29.46
N VAL A 75 -12.00 14.59 29.32
CA VAL A 75 -12.09 15.60 30.36
C VAL A 75 -13.11 15.20 31.43
N ALA A 76 -14.12 14.44 31.02
CA ALA A 76 -15.15 13.99 31.93
C ALA A 76 -14.72 12.74 32.69
N GLU A 77 -15.09 12.65 33.95
CA GLU A 77 -14.75 11.50 34.78
C GLU A 77 -13.23 11.39 34.96
N GLY A 78 -12.79 10.35 35.64
CA GLY A 78 -11.37 10.14 35.87
C GLY A 78 -11.07 8.84 36.56
N GLY A 79 -9.88 8.73 37.13
CA GLY A 79 -9.49 7.52 37.83
C GLY A 79 -9.33 6.33 36.89
N LYS A 80 -10.27 5.40 36.97
CA LYS A 80 -10.24 4.21 36.11
C LYS A 80 -10.73 4.54 34.70
N ALA A 81 -11.67 5.46 34.61
CA ALA A 81 -12.22 5.85 33.32
C ALA A 81 -11.12 6.37 32.39
N GLU A 82 -10.09 6.96 32.99
CA GLU A 82 -8.97 7.49 32.21
C GLU A 82 -8.33 6.41 31.37
N LEU A 83 -8.17 5.23 31.95
CA LEU A 83 -7.56 4.09 31.25
C LEU A 83 -8.47 3.59 30.14
N GLU A 84 -9.79 3.66 30.37
CA GLU A 84 -10.76 3.21 29.39
C GLU A 84 -10.71 4.08 28.14
N ARG A 85 -10.73 5.39 28.33
CA ARG A 85 -10.68 6.33 27.21
C ARG A 85 -9.32 6.28 26.52
N LEU A 86 -8.25 6.22 27.32
CA LEU A 86 -6.89 6.17 26.79
C LEU A 86 -6.65 4.86 26.04
N GLN A 87 -7.25 3.78 26.53
CA GLN A 87 -7.10 2.47 25.90
C GLN A 87 -7.81 2.43 24.56
N ALA A 88 -9.08 2.79 24.56
CA ALA A 88 -9.88 2.80 23.34
C ALA A 88 -9.28 3.74 22.30
N GLU A 89 -8.84 4.91 22.75
CA GLU A 89 -8.25 5.90 21.85
C GLU A 89 -6.93 5.39 21.29
N ALA A 90 -5.95 5.20 22.16
CA ALA A 90 -4.63 4.72 21.76
C ALA A 90 -4.75 3.50 20.85
N GLN A 91 -5.70 2.63 21.17
CA GLN A 91 -5.92 1.42 20.38
C GLN A 91 -6.56 1.75 19.03
N GLN A 92 -7.43 2.75 19.03
CA GLN A 92 -8.10 3.17 17.81
C GLN A 92 -7.10 3.64 16.76
N LEU A 93 -6.28 4.61 17.14
CA LEU A 93 -5.27 5.15 16.23
C LEU A 93 -4.19 4.10 15.92
N ARG A 94 -3.64 3.51 16.97
CA ARG A 94 -2.60 2.50 16.80
C ARG A 94 -3.05 1.41 15.82
N LYS A 95 -4.32 1.03 15.93
CA LYS A 95 -4.88 0.00 15.06
C LYS A 95 -5.09 0.54 13.65
N GLU A 96 -5.56 1.78 13.56
CA GLU A 96 -5.81 2.41 12.26
C GLU A 96 -4.52 2.55 11.47
N GLU A 97 -3.48 3.07 12.12
CA GLU A 97 -2.19 3.26 11.48
C GLU A 97 -1.54 1.92 11.17
N ARG A 98 -1.57 1.01 12.14
CA ARG A 98 -0.98 -0.31 11.97
C ARG A 98 -1.60 -1.04 10.78
N SER A 99 -2.93 -1.06 10.73
CA SER A 99 -3.65 -1.72 9.66
C SER A 99 -3.35 -1.06 8.31
N TRP A 100 -3.45 0.27 8.29
CA TRP A 100 -3.20 1.03 7.07
C TRP A 100 -1.79 0.77 6.55
N GLU A 101 -0.81 0.89 7.44
CA GLU A 101 0.58 0.68 7.07
C GLU A 101 0.78 -0.72 6.48
N GLN A 102 0.37 -1.74 7.23
CA GLN A 102 0.50 -3.12 6.77
C GLN A 102 -0.22 -3.33 5.45
N LYS A 103 -1.48 -2.92 5.40
CA LYS A 103 -2.28 -3.05 4.19
C LYS A 103 -1.59 -2.40 3.00
N LEU A 104 -0.90 -1.29 3.26
CA LEU A 104 -0.19 -0.57 2.21
C LEU A 104 0.99 -1.39 1.68
N GLU A 105 1.89 -1.76 2.59
CA GLU A 105 3.06 -2.55 2.22
C GLU A 105 2.66 -3.79 1.43
N GLU A 106 1.59 -4.43 1.87
CA GLU A 106 1.09 -5.63 1.20
C GLU A 106 0.44 -5.29 -0.13
N MET A 107 -0.35 -4.22 -0.13
CA MET A 107 -1.05 -3.79 -1.34
C MET A 107 -0.05 -3.50 -2.46
N ARG A 108 1.04 -2.83 -2.11
CA ARG A 108 2.06 -2.48 -3.10
C ARG A 108 2.95 -3.69 -3.40
N LYS A 109 3.22 -4.50 -2.37
CA LYS A 109 4.05 -5.68 -2.53
C LYS A 109 3.39 -6.69 -3.46
N LYS A 110 2.06 -6.75 -3.41
CA LYS A 110 1.30 -7.67 -4.25
C LYS A 110 1.02 -7.05 -5.61
N GLU A 111 0.58 -5.80 -5.61
CA GLU A 111 0.27 -5.10 -6.85
C GLU A 111 1.51 -4.97 -7.73
N LYS A 112 2.68 -4.90 -7.10
CA LYS A 112 3.94 -4.78 -7.83
C LYS A 112 4.24 -6.08 -8.59
N SER A 113 3.83 -7.21 -8.03
CA SER A 113 4.07 -8.50 -8.65
C SER A 113 2.75 -9.15 -9.05
N MET A 114 1.72 -8.33 -9.26
CA MET A 114 0.41 -8.82 -9.66
C MET A 114 0.52 -9.76 -10.86
N PRO A 115 -0.47 -10.65 -11.00
CA PRO A 115 -0.51 -11.63 -12.10
C PRO A 115 -0.78 -10.96 -13.44
N TRP A 116 -1.47 -9.83 -13.41
CA TRP A 116 -1.80 -9.09 -14.63
C TRP A 116 -0.54 -8.49 -15.26
N ASN A 117 0.46 -8.24 -14.44
CA ASN A 117 1.71 -7.66 -14.91
C ASN A 117 2.37 -8.59 -15.94
N VAL A 118 2.90 -9.70 -15.46
CA VAL A 118 3.57 -10.67 -16.34
C VAL A 118 2.62 -11.18 -17.41
N ASP A 119 1.32 -11.14 -17.11
CA ASP A 119 0.31 -11.59 -18.05
C ASP A 119 0.45 -13.09 -18.32
N THR A 120 -0.31 -13.90 -17.59
CA THR A 120 -0.26 -15.35 -17.75
C THR A 120 -1.61 -15.98 -17.46
N LEU A 121 -1.86 -17.14 -18.06
CA LEU A 121 -3.11 -17.85 -17.86
C LEU A 121 -3.39 -18.07 -16.38
N SER A 122 -4.40 -17.38 -15.86
CA SER A 122 -4.76 -17.50 -14.45
C SER A 122 -5.98 -16.63 -14.13
N LYS A 123 -6.49 -16.78 -12.91
CA LYS A 123 -7.65 -16.00 -12.48
C LYS A 123 -7.26 -14.56 -12.20
N ASP A 124 -7.95 -13.62 -12.85
CA ASP A 124 -7.68 -12.21 -12.66
C ASP A 124 -8.09 -11.74 -11.27
N GLY A 125 -8.96 -12.52 -10.63
CA GLY A 125 -9.42 -12.19 -9.29
C GLY A 125 -10.13 -10.84 -9.25
N PHE A 126 -10.81 -10.50 -10.34
CA PHE A 126 -11.53 -9.24 -10.42
C PHE A 126 -12.93 -9.37 -9.82
N SER A 127 -13.19 -8.60 -8.78
CA SER A 127 -14.49 -8.63 -8.11
C SER A 127 -15.50 -7.77 -8.85
N LYS A 128 -16.78 -8.09 -8.68
CA LYS A 128 -17.85 -7.34 -9.33
C LYS A 128 -17.60 -7.24 -10.84
N MET A 3 25.51 -21.45 5.66
CA MET A 3 24.57 -21.24 4.58
C MET A 3 23.77 -19.95 4.79
N VAL A 4 23.67 -19.53 6.05
CA VAL A 4 22.93 -18.32 6.38
C VAL A 4 23.78 -17.08 6.12
N ASP A 5 23.15 -16.06 5.55
CA ASP A 5 23.84 -14.81 5.24
C ASP A 5 22.86 -13.66 5.08
N TYR A 6 23.39 -12.45 4.95
CA TYR A 6 22.55 -11.26 4.81
C TYR A 6 21.80 -11.28 3.48
N SER A 7 20.47 -11.36 3.56
CA SER A 7 19.63 -11.39 2.38
C SER A 7 18.86 -10.09 2.22
N VAL A 8 19.39 -9.18 1.40
CA VAL A 8 18.75 -7.90 1.15
C VAL A 8 19.52 -7.09 0.12
N TRP A 9 20.84 -7.27 0.09
CA TRP A 9 21.68 -6.55 -0.85
C TRP A 9 21.52 -7.11 -2.26
N ASP A 10 20.77 -8.20 -2.38
CA ASP A 10 20.54 -8.83 -3.66
C ASP A 10 19.51 -9.94 -3.55
N HIS A 11 19.51 -10.63 -2.41
CA HIS A 11 18.58 -11.72 -2.17
C HIS A 11 17.14 -11.27 -2.42
N ILE A 12 16.91 -9.96 -2.31
CA ILE A 12 15.57 -9.41 -2.52
C ILE A 12 15.08 -9.72 -3.93
N GLU A 13 16.00 -10.03 -4.83
CA GLU A 13 15.65 -10.34 -6.21
C GLU A 13 14.95 -9.16 -6.88
N VAL A 14 15.70 -8.41 -7.67
CA VAL A 14 15.15 -7.26 -8.38
C VAL A 14 14.76 -7.61 -9.80
N SER A 15 15.64 -8.35 -10.49
CA SER A 15 15.38 -8.76 -11.86
C SER A 15 16.54 -9.59 -12.41
N ASP A 16 17.17 -10.36 -11.53
CA ASP A 16 18.29 -11.20 -11.91
C ASP A 16 19.36 -10.39 -12.62
N ASP A 17 19.52 -9.14 -12.20
CA ASP A 17 20.53 -8.26 -12.79
C ASP A 17 20.05 -7.75 -14.15
N GLU A 18 19.76 -8.68 -15.05
CA GLU A 18 19.31 -8.32 -16.40
C GLU A 18 19.03 -9.57 -17.23
N ASP A 19 17.79 -10.06 -17.16
CA ASP A 19 17.41 -11.24 -17.91
C ASP A 19 17.44 -10.98 -19.42
N GLU A 20 16.93 -11.93 -20.19
CA GLU A 20 16.91 -11.80 -21.64
C GLU A 20 15.51 -11.47 -22.14
N THR A 21 14.58 -11.30 -21.20
CA THR A 21 13.20 -10.99 -21.54
C THR A 21 12.95 -9.49 -21.48
N HIS A 22 13.97 -8.71 -21.81
CA HIS A 22 13.87 -7.25 -21.79
C HIS A 22 14.48 -6.65 -23.04
N PRO A 23 13.83 -6.88 -24.20
CA PRO A 23 14.30 -6.36 -25.49
C PRO A 23 14.16 -4.85 -25.60
N ASN A 24 14.42 -4.32 -26.79
CA ASN A 24 14.34 -2.89 -27.02
C ASN A 24 13.21 -2.57 -28.01
N ILE A 25 13.03 -1.28 -28.29
CA ILE A 25 11.99 -0.84 -29.22
C ILE A 25 12.42 -1.09 -30.67
N ASP A 26 11.43 -1.39 -31.51
CA ASP A 26 11.69 -1.66 -32.92
C ASP A 26 10.41 -1.59 -33.73
N THR A 27 9.48 -2.50 -33.44
CA THR A 27 8.20 -2.54 -34.15
C THR A 27 7.12 -3.16 -33.28
N ALA A 28 7.24 -4.46 -33.01
CA ALA A 28 6.28 -5.17 -32.18
C ALA A 28 6.43 -4.79 -30.71
N SER A 29 7.65 -4.52 -30.29
CA SER A 29 7.93 -4.14 -28.91
C SER A 29 7.03 -2.99 -28.48
N LEU A 30 6.89 -2.01 -29.36
CA LEU A 30 6.05 -0.84 -29.07
C LEU A 30 4.64 -1.26 -28.69
N PHE A 31 4.00 -2.03 -29.55
CA PHE A 31 2.64 -2.49 -29.31
C PHE A 31 2.56 -3.26 -28.00
N ARG A 32 3.44 -4.25 -27.84
CA ARG A 32 3.46 -5.06 -26.63
C ARG A 32 3.56 -4.18 -25.39
N TRP A 33 4.60 -3.37 -25.33
CA TRP A 33 4.81 -2.47 -24.19
C TRP A 33 3.58 -1.62 -23.93
N ARG A 34 2.95 -1.17 -25.01
CA ARG A 34 1.75 -0.33 -24.89
C ARG A 34 0.63 -1.10 -24.21
N HIS A 35 0.35 -2.31 -24.68
CA HIS A 35 -0.70 -3.13 -24.12
C HIS A 35 -0.43 -3.42 -22.64
N GLN A 36 0.70 -4.06 -22.36
CA GLN A 36 1.07 -4.38 -20.99
C GLN A 36 1.02 -3.15 -20.10
N ALA A 37 1.51 -2.03 -20.61
CA ALA A 37 1.50 -0.77 -19.86
C ALA A 37 0.08 -0.34 -19.53
N ARG A 38 -0.75 -0.24 -20.56
CA ARG A 38 -2.14 0.18 -20.37
C ARG A 38 -2.82 -0.67 -19.30
N VAL A 39 -2.69 -1.99 -19.43
CA VAL A 39 -3.29 -2.91 -18.47
C VAL A 39 -2.74 -2.68 -17.06
N GLU A 40 -1.43 -2.51 -16.97
CA GLU A 40 -0.77 -2.29 -15.68
C GLU A 40 -1.35 -1.06 -14.99
N ARG A 41 -1.23 0.10 -15.64
CA ARG A 41 -1.74 1.34 -15.08
C ARG A 41 -3.25 1.27 -14.88
N MET A 42 -3.93 0.49 -15.71
CA MET A 42 -5.37 0.33 -15.62
C MET A 42 -5.77 -0.28 -14.27
N GLU A 43 -5.27 -1.49 -14.01
CA GLU A 43 -5.57 -2.18 -12.76
C GLU A 43 -5.02 -1.40 -11.57
N GLN A 44 -3.80 -0.89 -11.71
CA GLN A 44 -3.17 -0.13 -10.64
C GLN A 44 -3.97 1.12 -10.30
N PHE A 45 -4.54 1.74 -11.33
CA PHE A 45 -5.34 2.94 -11.14
C PHE A 45 -6.66 2.62 -10.45
N GLN A 46 -7.43 1.72 -11.04
CA GLN A 46 -8.72 1.32 -10.48
C GLN A 46 -8.54 0.76 -9.07
N LYS A 47 -7.52 -0.07 -8.88
CA LYS A 47 -7.25 -0.66 -7.58
C LYS A 47 -6.85 0.41 -6.57
N GLU A 48 -5.76 1.10 -6.84
CA GLU A 48 -5.28 2.15 -5.95
C GLU A 48 -6.37 3.17 -5.65
N LYS A 49 -7.15 3.50 -6.67
CA LYS A 49 -8.24 4.46 -6.52
C LYS A 49 -9.28 3.95 -5.52
N GLU A 50 -9.83 2.77 -5.78
CA GLU A 50 -10.83 2.18 -4.90
C GLU A 50 -10.32 2.15 -3.45
N GLU A 51 -9.07 1.72 -3.28
CA GLU A 51 -8.47 1.64 -1.96
C GLU A 51 -8.34 3.02 -1.33
N LEU A 52 -8.03 4.01 -2.16
CA LEU A 52 -7.88 5.39 -1.69
C LEU A 52 -9.20 5.92 -1.13
N ASP A 53 -10.21 5.99 -1.98
CA ASP A 53 -11.53 6.48 -1.57
C ASP A 53 -12.08 5.64 -0.43
N ARG A 54 -11.81 4.34 -0.46
CA ARG A 54 -12.29 3.43 0.57
C ARG A 54 -11.62 3.72 1.90
N GLY A 55 -10.29 3.78 1.90
CA GLY A 55 -9.55 4.05 3.12
C GLY A 55 -9.76 5.46 3.62
N CYS A 56 -10.02 6.38 2.70
CA CYS A 56 -10.24 7.78 3.05
C CYS A 56 -11.58 7.96 3.76
N ARG A 57 -12.64 7.47 3.13
CA ARG A 57 -13.98 7.58 3.71
C ARG A 57 -14.08 6.79 5.00
N GLU A 58 -13.53 5.57 4.99
CA GLU A 58 -13.56 4.71 6.16
C GLU A 58 -12.80 5.34 7.32
N CYS A 59 -11.58 5.78 7.05
CA CYS A 59 -10.74 6.40 8.08
C CYS A 59 -11.44 7.62 8.67
N LYS A 60 -11.78 8.58 7.81
CA LYS A 60 -12.44 9.80 8.25
C LYS A 60 -13.67 9.48 9.09
N ARG A 61 -14.48 8.54 8.61
CA ARG A 61 -15.69 8.14 9.33
C ARG A 61 -15.37 7.70 10.74
N LYS A 62 -14.53 6.66 10.86
CA LYS A 62 -14.14 6.13 12.16
C LYS A 62 -13.53 7.24 13.02
N VAL A 63 -12.51 7.90 12.50
CA VAL A 63 -11.84 8.98 13.22
C VAL A 63 -12.85 10.01 13.74
N ALA A 64 -13.84 10.31 12.92
CA ALA A 64 -14.87 11.27 13.30
C ALA A 64 -15.67 10.78 14.50
N GLU A 65 -16.24 9.59 14.37
CA GLU A 65 -17.04 9.00 15.43
C GLU A 65 -16.22 8.87 16.71
N CYS A 66 -15.08 8.18 16.60
CA CYS A 66 -14.21 7.97 17.75
C CYS A 66 -13.88 9.30 18.44
N GLN A 67 -13.53 10.30 17.64
CA GLN A 67 -13.21 11.62 18.17
C GLN A 67 -14.37 12.19 18.98
N ARG A 68 -15.56 12.17 18.39
CA ARG A 68 -16.75 12.69 19.05
C ARG A 68 -17.04 11.91 20.33
N LYS A 69 -16.69 10.63 20.33
CA LYS A 69 -16.90 9.77 21.48
C LYS A 69 -16.00 10.18 22.64
N LEU A 70 -14.70 10.05 22.45
CA LEU A 70 -13.73 10.42 23.48
C LEU A 70 -13.87 11.88 23.87
N LYS A 71 -14.36 12.70 22.94
CA LYS A 71 -14.55 14.13 23.19
C LYS A 71 -15.75 14.36 24.10
N GLU A 72 -16.85 13.65 23.82
CA GLU A 72 -18.05 13.78 24.61
C GLU A 72 -17.88 13.16 25.99
N LEU A 73 -17.03 12.14 26.07
CA LEU A 73 -16.76 11.46 27.34
C LEU A 73 -15.69 12.18 28.13
N GLU A 74 -14.77 12.84 27.42
CA GLU A 74 -13.69 13.57 28.06
C GLU A 74 -14.22 14.55 29.10
N VAL A 75 -15.49 14.94 28.93
CA VAL A 75 -16.13 15.87 29.85
C VAL A 75 -16.68 15.15 31.07
N ALA A 76 -17.05 13.89 30.89
CA ALA A 76 -17.59 13.08 31.98
C ALA A 76 -16.49 12.63 32.93
N GLU A 77 -15.70 11.65 32.50
CA GLU A 77 -14.61 11.13 33.32
C GLU A 77 -13.43 12.08 33.32
N GLY A 78 -12.81 12.23 34.49
CA GLY A 78 -11.67 13.12 34.60
C GLY A 78 -10.47 12.46 35.26
N GLY A 79 -9.52 13.26 35.71
CA GLY A 79 -8.34 12.72 36.35
C GLY A 79 -7.65 11.66 35.51
N LYS A 80 -7.49 10.48 36.08
CA LYS A 80 -6.83 9.37 35.39
C LYS A 80 -7.49 9.13 34.03
N ALA A 81 -8.79 9.42 33.95
CA ALA A 81 -9.53 9.25 32.71
C ALA A 81 -8.87 10.01 31.56
N GLU A 82 -8.17 11.08 31.89
CA GLU A 82 -7.49 11.89 30.89
C GLU A 82 -6.50 11.05 30.09
N LEU A 83 -5.78 10.17 30.78
CA LEU A 83 -4.80 9.30 30.12
C LEU A 83 -5.49 8.24 29.27
N GLU A 84 -6.67 7.80 29.72
CA GLU A 84 -7.43 6.80 28.99
C GLU A 84 -7.87 7.32 27.64
N ARG A 85 -8.52 8.48 27.64
CA ARG A 85 -9.00 9.10 26.41
C ARG A 85 -7.84 9.57 25.55
N LEU A 86 -6.79 10.06 26.20
CA LEU A 86 -5.61 10.55 25.48
C LEU A 86 -4.85 9.40 24.83
N GLN A 87 -4.79 8.27 25.53
CA GLN A 87 -4.10 7.09 25.02
C GLN A 87 -4.85 6.49 23.84
N ALA A 88 -6.13 6.23 24.04
CA ALA A 88 -6.97 5.65 22.99
C ALA A 88 -7.04 6.57 21.78
N GLU A 89 -7.16 7.87 22.03
CA GLU A 89 -7.25 8.85 20.95
C GLU A 89 -5.92 8.95 20.21
N ALA A 90 -4.89 9.40 20.91
CA ALA A 90 -3.56 9.53 20.30
C ALA A 90 -3.17 8.27 19.56
N GLN A 91 -3.51 7.12 20.13
CA GLN A 91 -3.18 5.84 19.51
C GLN A 91 -4.07 5.57 18.30
N GLN A 92 -5.31 6.03 18.37
CA GLN A 92 -6.26 5.84 17.28
C GLN A 92 -5.77 6.53 16.01
N LEU A 93 -5.48 7.83 16.11
CA LEU A 93 -5.00 8.59 14.97
C LEU A 93 -3.60 8.15 14.56
N ARG A 94 -2.70 8.10 15.54
CA ARG A 94 -1.32 7.68 15.27
C ARG A 94 -1.28 6.35 14.52
N LYS A 95 -2.17 5.44 14.91
CA LYS A 95 -2.24 4.13 14.26
C LYS A 95 -2.88 4.23 12.88
N GLU A 96 -3.91 5.06 12.77
CA GLU A 96 -4.61 5.24 11.51
C GLU A 96 -3.67 5.84 10.45
N GLU A 97 -2.96 6.89 10.83
CA GLU A 97 -2.03 7.54 9.91
C GLU A 97 -0.84 6.65 9.62
N ARG A 98 -0.28 6.05 10.67
CA ARG A 98 0.88 5.17 10.54
C ARG A 98 0.54 3.98 9.65
N SER A 99 -0.57 3.31 9.95
CA SER A 99 -1.00 2.15 9.17
C SER A 99 -1.27 2.53 7.72
N TRP A 100 -2.14 3.52 7.53
CA TRP A 100 -2.48 3.99 6.19
C TRP A 100 -1.25 4.42 5.43
N GLU A 101 -0.36 5.15 6.10
CA GLU A 101 0.87 5.62 5.48
C GLU A 101 1.70 4.46 4.94
N GLN A 102 2.01 3.51 5.82
CA GLN A 102 2.80 2.35 5.43
C GLN A 102 2.14 1.60 4.29
N LYS A 103 0.86 1.28 4.46
CA LYS A 103 0.11 0.56 3.43
C LYS A 103 0.19 1.29 2.09
N LEU A 104 0.16 2.61 2.14
CA LEU A 104 0.23 3.42 0.93
C LEU A 104 1.59 3.27 0.24
N GLU A 105 2.66 3.54 1.00
CA GLU A 105 4.00 3.44 0.47
C GLU A 105 4.23 2.06 -0.17
N GLU A 106 3.73 1.03 0.48
CA GLU A 106 3.87 -0.34 -0.02
C GLU A 106 2.99 -0.57 -1.23
N MET A 107 1.75 -0.08 -1.16
CA MET A 107 0.80 -0.23 -2.25
C MET A 107 1.35 0.37 -3.54
N ARG A 108 1.96 1.55 -3.43
CA ARG A 108 2.53 2.22 -4.59
C ARG A 108 3.87 1.62 -4.97
N LYS A 109 4.63 1.21 -3.96
CA LYS A 109 5.95 0.61 -4.19
C LYS A 109 5.81 -0.72 -4.92
N LYS A 110 4.74 -1.45 -4.64
CA LYS A 110 4.49 -2.74 -5.27
C LYS A 110 3.77 -2.56 -6.60
N GLU A 111 2.74 -1.72 -6.60
CA GLU A 111 1.96 -1.46 -7.81
C GLU A 111 2.85 -0.96 -8.93
N LYS A 112 3.69 0.02 -8.62
CA LYS A 112 4.61 0.59 -9.60
C LYS A 112 5.51 -0.48 -10.19
N SER A 113 5.74 -1.54 -9.43
CA SER A 113 6.59 -2.64 -9.88
C SER A 113 5.76 -3.85 -10.27
N MET A 114 4.50 -3.60 -10.65
CA MET A 114 3.60 -4.67 -11.05
C MET A 114 4.24 -5.55 -12.13
N PRO A 115 3.71 -6.77 -12.28
CA PRO A 115 4.20 -7.73 -13.28
C PRO A 115 3.90 -7.30 -14.70
N TRP A 116 2.74 -6.66 -14.89
CA TRP A 116 2.34 -6.20 -16.22
C TRP A 116 3.30 -5.13 -16.74
N ASN A 117 3.95 -4.43 -15.82
CA ASN A 117 4.88 -3.38 -16.18
C ASN A 117 6.30 -3.92 -16.27
N VAL A 118 6.85 -4.31 -15.12
CA VAL A 118 8.21 -4.84 -15.07
C VAL A 118 8.36 -6.05 -16.00
N ASP A 119 7.24 -6.72 -16.27
CA ASP A 119 7.25 -7.89 -17.14
C ASP A 119 8.10 -9.01 -16.55
N THR A 120 7.72 -9.46 -15.35
CA THR A 120 8.46 -10.53 -14.68
C THR A 120 7.60 -11.18 -13.60
N LEU A 121 6.57 -11.91 -14.03
CA LEU A 121 5.67 -12.58 -13.09
C LEU A 121 6.46 -13.44 -12.11
N SER A 122 5.81 -13.82 -11.01
CA SER A 122 6.46 -14.64 -10.00
C SER A 122 5.42 -15.20 -9.01
N LYS A 123 5.29 -16.52 -9.00
CA LYS A 123 4.33 -17.18 -8.10
C LYS A 123 4.53 -16.72 -6.67
N ASP A 124 3.42 -16.50 -5.96
CA ASP A 124 3.47 -16.05 -4.57
C ASP A 124 2.77 -17.05 -3.66
N GLY A 125 2.61 -18.28 -4.14
CA GLY A 125 1.96 -19.31 -3.35
C GLY A 125 0.47 -19.09 -3.25
N PHE A 126 -0.13 -18.59 -4.33
CA PHE A 126 -1.57 -18.35 -4.36
C PHE A 126 -2.32 -19.54 -4.96
N SER A 127 -3.63 -19.56 -4.75
CA SER A 127 -4.46 -20.65 -5.26
C SER A 127 -5.24 -20.20 -6.49
N LYS A 128 -5.05 -20.91 -7.59
CA LYS A 128 -5.74 -20.58 -8.84
C LYS A 128 -5.48 -19.13 -9.25
N MET A 3 25.54 -11.61 15.83
CA MET A 3 24.49 -12.01 14.89
C MET A 3 23.87 -10.78 14.23
N VAL A 4 23.57 -9.77 15.04
CA VAL A 4 22.97 -8.54 14.52
C VAL A 4 23.95 -7.77 13.63
N ASP A 5 23.87 -8.01 12.33
CA ASP A 5 24.75 -7.36 11.38
C ASP A 5 23.94 -6.60 10.32
N TYR A 6 24.63 -5.85 9.48
CA TYR A 6 23.98 -5.08 8.43
C TYR A 6 24.12 -5.76 7.07
N SER A 7 23.73 -5.07 6.02
CA SER A 7 23.81 -5.61 4.66
C SER A 7 23.49 -4.53 3.63
N VAL A 8 22.48 -3.72 3.92
CA VAL A 8 22.06 -2.66 3.01
C VAL A 8 21.54 -3.22 1.70
N TRP A 9 21.27 -4.53 1.68
CA TRP A 9 20.75 -5.19 0.49
C TRP A 9 19.26 -4.93 0.32
N ASP A 10 18.58 -4.63 1.43
CA ASP A 10 17.16 -4.36 1.40
C ASP A 10 16.72 -3.58 2.64
N HIS A 11 17.67 -2.86 3.24
CA HIS A 11 17.39 -2.07 4.44
C HIS A 11 16.41 -0.94 4.12
N ILE A 12 16.49 -0.41 2.91
CA ILE A 12 15.62 0.68 2.49
C ILE A 12 14.75 0.25 1.32
N GLU A 13 15.19 -0.76 0.59
CA GLU A 13 14.45 -1.27 -0.56
C GLU A 13 14.27 -0.19 -1.62
N VAL A 14 15.09 -0.25 -2.65
CA VAL A 14 15.03 0.73 -3.74
C VAL A 14 14.89 0.05 -5.10
N SER A 15 14.66 -1.26 -5.07
CA SER A 15 14.51 -2.04 -6.29
C SER A 15 15.81 -2.05 -7.09
N ASP A 16 16.93 -2.03 -6.38
CA ASP A 16 18.24 -2.05 -7.01
C ASP A 16 18.46 -0.78 -7.84
N ASP A 17 17.77 0.29 -7.46
CA ASP A 17 17.89 1.56 -8.17
C ASP A 17 17.64 1.38 -9.66
N GLU A 18 16.36 1.26 -10.02
CA GLU A 18 15.98 1.08 -11.42
C GLU A 18 14.47 0.96 -11.56
N ASP A 19 14.00 0.77 -12.78
CA ASP A 19 12.58 0.64 -13.05
C ASP A 19 12.20 -0.82 -13.30
N GLU A 20 10.98 -1.04 -13.77
CA GLU A 20 10.50 -2.38 -14.05
C GLU A 20 10.53 -2.69 -15.54
N THR A 21 11.63 -3.28 -16.00
CA THR A 21 11.80 -3.61 -17.41
C THR A 21 11.85 -2.36 -18.27
N HIS A 22 12.91 -2.20 -19.04
CA HIS A 22 13.09 -1.06 -19.91
C HIS A 22 13.97 -1.40 -21.11
N PRO A 23 13.44 -2.26 -22.00
CA PRO A 23 14.17 -2.68 -23.21
C PRO A 23 14.33 -1.56 -24.22
N ASN A 24 14.81 -1.90 -25.40
CA ASN A 24 15.01 -0.92 -26.46
C ASN A 24 14.09 -1.20 -27.65
N ILE A 25 14.23 -0.42 -28.71
CA ILE A 25 13.42 -0.59 -29.92
C ILE A 25 14.25 -1.14 -31.06
N ASP A 26 13.58 -1.58 -32.12
CA ASP A 26 14.24 -2.12 -33.29
C ASP A 26 13.28 -2.28 -34.46
N THR A 27 12.42 -3.29 -34.38
CA THR A 27 11.44 -3.55 -35.42
C THR A 27 10.07 -3.86 -34.82
N ALA A 28 9.93 -5.05 -34.25
CA ALA A 28 8.68 -5.47 -33.64
C ALA A 28 8.54 -4.93 -32.22
N SER A 29 9.68 -4.65 -31.59
CA SER A 29 9.69 -4.13 -30.22
C SER A 29 8.82 -2.90 -30.11
N LEU A 30 8.70 -2.15 -31.20
CA LEU A 30 7.88 -0.94 -31.22
C LEU A 30 6.42 -1.27 -30.94
N PHE A 31 5.84 -2.13 -31.77
CA PHE A 31 4.44 -2.53 -31.61
C PHE A 31 4.24 -3.23 -30.26
N ARG A 32 5.09 -4.19 -29.96
CA ARG A 32 5.00 -4.94 -28.71
C ARG A 32 5.03 -3.99 -27.52
N TRP A 33 6.03 -3.12 -27.49
CA TRP A 33 6.17 -2.17 -26.39
C TRP A 33 4.96 -1.26 -26.31
N ARG A 34 4.45 -0.85 -27.45
CA ARG A 34 3.28 0.02 -27.51
C ARG A 34 2.08 -0.63 -26.82
N HIS A 35 1.67 -1.78 -27.34
CA HIS A 35 0.54 -2.50 -26.77
C HIS A 35 0.73 -2.75 -25.28
N GLN A 36 1.86 -3.37 -24.94
CA GLN A 36 2.17 -3.68 -23.55
C GLN A 36 2.14 -2.41 -22.70
N ALA A 37 2.58 -1.30 -23.28
CA ALA A 37 2.61 -0.03 -22.58
C ALA A 37 1.20 0.44 -22.22
N ARG A 38 0.33 0.48 -23.22
CA ARG A 38 -1.05 0.91 -23.02
C ARG A 38 -1.75 0.01 -21.99
N VAL A 39 -1.62 -1.30 -22.16
CA VAL A 39 -2.23 -2.24 -21.24
C VAL A 39 -1.67 -2.10 -19.84
N GLU A 40 -0.36 -2.28 -19.71
CA GLU A 40 0.30 -2.17 -18.41
C GLU A 40 -0.04 -0.84 -17.75
N ARG A 41 -0.05 0.22 -18.54
CA ARG A 41 -0.35 1.55 -18.02
C ARG A 41 -1.77 1.60 -17.44
N MET A 42 -2.74 1.13 -18.22
CA MET A 42 -4.12 1.12 -17.79
C MET A 42 -4.28 0.34 -16.48
N GLU A 43 -3.81 -0.89 -16.47
CA GLU A 43 -3.90 -1.74 -15.28
C GLU A 43 -3.25 -1.05 -14.08
N GLN A 44 -1.98 -0.68 -14.23
CA GLN A 44 -1.26 -0.02 -13.15
C GLN A 44 -1.96 1.27 -12.74
N PHE A 45 -2.67 1.88 -13.67
CA PHE A 45 -3.38 3.12 -13.41
C PHE A 45 -4.55 2.88 -12.45
N GLN A 46 -5.54 2.11 -12.92
CA GLN A 46 -6.71 1.80 -12.11
C GLN A 46 -6.32 1.06 -10.84
N LYS A 47 -5.33 0.19 -10.95
CA LYS A 47 -4.85 -0.58 -9.80
C LYS A 47 -4.27 0.34 -8.73
N GLU A 48 -3.21 1.07 -9.11
CA GLU A 48 -2.56 1.99 -8.18
C GLU A 48 -3.53 3.05 -7.69
N LYS A 49 -4.37 3.55 -8.60
CA LYS A 49 -5.35 4.58 -8.26
C LYS A 49 -6.28 4.08 -7.15
N GLU A 50 -6.79 2.87 -7.31
CA GLU A 50 -7.70 2.29 -6.33
C GLU A 50 -6.99 2.04 -5.01
N GLU A 51 -5.75 1.55 -5.09
CA GLU A 51 -4.95 1.27 -3.90
C GLU A 51 -4.81 2.52 -3.04
N LEU A 52 -4.18 3.54 -3.60
CA LEU A 52 -3.97 4.80 -2.89
C LEU A 52 -5.30 5.41 -2.46
N ASP A 53 -6.20 5.60 -3.41
CA ASP A 53 -7.52 6.16 -3.12
C ASP A 53 -8.19 5.41 -1.98
N ARG A 54 -7.98 4.10 -1.92
CA ARG A 54 -8.56 3.27 -0.88
C ARG A 54 -7.95 3.58 0.48
N GLY A 55 -6.62 3.59 0.53
CA GLY A 55 -5.93 3.87 1.78
C GLY A 55 -6.14 5.31 2.24
N CYS A 56 -6.32 6.22 1.29
CA CYS A 56 -6.53 7.62 1.61
C CYS A 56 -7.91 7.84 2.21
N ARG A 57 -8.94 7.39 1.50
CA ARG A 57 -10.32 7.55 1.96
C ARG A 57 -10.53 6.80 3.28
N GLU A 58 -9.99 5.60 3.36
CA GLU A 58 -10.12 4.77 4.56
C GLU A 58 -9.41 5.43 5.75
N CYS A 59 -8.15 5.79 5.54
CA CYS A 59 -7.36 6.42 6.59
C CYS A 59 -8.06 7.68 7.12
N LYS A 60 -8.29 8.63 6.23
CA LYS A 60 -8.94 9.88 6.60
C LYS A 60 -10.27 9.61 7.30
N ARG A 61 -11.06 8.71 6.73
CA ARG A 61 -12.36 8.36 7.30
C ARG A 61 -12.20 7.85 8.74
N LYS A 62 -11.46 6.77 8.90
CA LYS A 62 -11.23 6.18 10.21
C LYS A 62 -10.64 7.22 11.17
N VAL A 63 -9.50 7.78 10.80
CA VAL A 63 -8.84 8.78 11.63
C VAL A 63 -9.81 9.90 12.01
N ALA A 64 -10.67 10.27 11.08
CA ALA A 64 -11.65 11.34 11.32
C ALA A 64 -12.60 10.95 12.44
N GLU A 65 -13.31 9.83 12.25
CA GLU A 65 -14.26 9.35 13.25
C GLU A 65 -13.58 9.15 14.60
N CYS A 66 -12.47 8.40 14.59
CA CYS A 66 -11.73 8.13 15.81
C CYS A 66 -11.29 9.43 16.49
N GLN A 67 -10.86 10.39 15.67
CA GLN A 67 -10.41 11.68 16.20
C GLN A 67 -11.53 12.38 16.95
N ARG A 68 -12.64 12.64 16.26
CA ARG A 68 -13.78 13.31 16.85
C ARG A 68 -14.27 12.54 18.09
N LYS A 69 -14.16 11.22 18.03
CA LYS A 69 -14.60 10.37 19.14
C LYS A 69 -13.67 10.53 20.35
N LEU A 70 -12.41 10.15 20.17
CA LEU A 70 -11.43 10.27 21.24
C LEU A 70 -11.33 11.69 21.75
N LYS A 71 -11.64 12.65 20.88
CA LYS A 71 -11.58 14.06 21.23
C LYS A 71 -12.76 14.44 22.11
N GLU A 72 -13.96 14.02 21.71
CA GLU A 72 -15.17 14.32 22.46
C GLU A 72 -15.15 13.63 23.82
N LEU A 73 -14.50 12.47 23.87
CA LEU A 73 -14.42 11.69 25.11
C LEU A 73 -13.25 12.17 25.96
N GLU A 74 -12.19 12.64 25.30
CA GLU A 74 -11.01 13.12 25.99
C GLU A 74 -11.38 14.19 27.02
N VAL A 75 -12.52 14.82 26.82
CA VAL A 75 -12.99 15.86 27.74
C VAL A 75 -13.70 15.25 28.95
N ALA A 76 -14.28 14.07 28.74
CA ALA A 76 -14.99 13.39 29.82
C ALA A 76 -14.04 13.02 30.96
N GLU A 77 -13.10 12.13 30.67
CA GLU A 77 -12.13 11.69 31.68
C GLU A 77 -11.09 10.76 31.06
N GLY A 78 -10.14 10.32 31.88
CA GLY A 78 -9.09 9.44 31.40
C GLY A 78 -9.17 8.05 32.00
N GLY A 79 -8.24 7.75 32.89
CA GLY A 79 -8.23 6.44 33.53
C GLY A 79 -8.29 5.30 32.53
N LYS A 80 -9.23 4.38 32.74
CA LYS A 80 -9.39 3.24 31.85
C LYS A 80 -9.58 3.70 30.41
N ALA A 81 -10.09 4.91 30.23
CA ALA A 81 -10.32 5.46 28.91
C ALA A 81 -9.01 5.70 28.17
N GLU A 82 -7.94 5.88 28.94
CA GLU A 82 -6.62 6.11 28.36
C GLU A 82 -6.25 4.99 27.39
N LEU A 83 -6.55 3.76 27.78
CA LEU A 83 -6.25 2.60 26.94
C LEU A 83 -7.11 2.58 25.68
N GLU A 84 -8.36 3.05 25.82
CA GLU A 84 -9.28 3.09 24.70
C GLU A 84 -8.77 4.04 23.61
N ARG A 85 -8.40 5.26 24.02
CA ARG A 85 -7.91 6.25 23.08
C ARG A 85 -6.55 5.84 22.52
N LEU A 86 -5.68 5.34 23.39
CA LEU A 86 -4.35 4.90 22.98
C LEU A 86 -4.44 3.71 22.03
N GLN A 87 -5.40 2.84 22.28
CA GLN A 87 -5.60 1.64 21.46
C GLN A 87 -6.10 2.02 20.07
N ALA A 88 -7.14 2.83 20.01
CA ALA A 88 -7.72 3.27 18.75
C ALA A 88 -6.69 4.05 17.93
N GLU A 89 -5.93 4.91 18.59
CA GLU A 89 -4.92 5.71 17.92
C GLU A 89 -3.78 4.83 17.41
N ALA A 90 -3.06 4.20 18.34
CA ALA A 90 -1.95 3.33 17.98
C ALA A 90 -2.35 2.35 16.89
N GLN A 91 -3.58 1.84 16.98
CA GLN A 91 -4.09 0.89 16.00
C GLN A 91 -4.38 1.58 14.68
N GLN A 92 -4.85 2.81 14.75
CA GLN A 92 -5.17 3.58 13.55
C GLN A 92 -3.94 3.77 12.67
N LEU A 93 -2.88 4.32 13.26
CA LEU A 93 -1.65 4.55 12.53
C LEU A 93 -0.96 3.24 12.17
N ARG A 94 -0.79 2.37 13.16
CA ARG A 94 -0.16 1.07 12.94
C ARG A 94 -0.82 0.33 11.79
N LYS A 95 -2.14 0.42 11.71
CA LYS A 95 -2.90 -0.24 10.65
C LYS A 95 -2.74 0.51 9.33
N GLU A 96 -2.73 1.83 9.40
CA GLU A 96 -2.60 2.66 8.21
C GLU A 96 -1.24 2.43 7.53
N GLU A 97 -0.19 2.41 8.34
CA GLU A 97 1.16 2.19 7.83
C GLU A 97 1.35 0.74 7.40
N ARG A 98 0.90 -0.19 8.24
CA ARG A 98 1.03 -1.61 7.95
C ARG A 98 0.26 -1.98 6.67
N SER A 99 -0.97 -1.49 6.58
CA SER A 99 -1.81 -1.77 5.41
C SER A 99 -1.24 -1.10 4.16
N TRP A 100 -0.91 0.18 4.28
CA TRP A 100 -0.36 0.94 3.17
C TRP A 100 0.92 0.28 2.65
N GLU A 101 1.83 -0.03 3.56
CA GLU A 101 3.10 -0.66 3.18
C GLU A 101 2.86 -2.01 2.50
N GLN A 102 2.12 -2.88 3.18
CA GLN A 102 1.82 -4.20 2.64
C GLN A 102 1.15 -4.10 1.27
N LYS A 103 0.06 -3.33 1.20
CA LYS A 103 -0.67 -3.14 -0.04
C LYS A 103 0.27 -2.70 -1.16
N LEU A 104 1.15 -1.75 -0.85
CA LEU A 104 2.10 -1.24 -1.84
C LEU A 104 3.01 -2.36 -2.34
N GLU A 105 3.70 -3.02 -1.41
CA GLU A 105 4.60 -4.11 -1.77
C GLU A 105 3.89 -5.15 -2.63
N GLU A 106 2.61 -5.36 -2.34
CA GLU A 106 1.81 -6.33 -3.10
C GLU A 106 1.47 -5.80 -4.47
N MET A 107 1.04 -4.55 -4.53
CA MET A 107 0.68 -3.91 -5.80
C MET A 107 1.86 -3.92 -6.76
N ARG A 108 3.05 -3.67 -6.23
CA ARG A 108 4.27 -3.63 -7.05
C ARG A 108 4.74 -5.05 -7.36
N LYS A 109 4.64 -5.94 -6.37
CA LYS A 109 5.06 -7.33 -6.53
C LYS A 109 4.25 -8.02 -7.63
N LYS A 110 2.98 -7.65 -7.73
CA LYS A 110 2.10 -8.23 -8.74
C LYS A 110 2.21 -7.47 -10.06
N GLU A 111 2.24 -6.14 -9.98
CA GLU A 111 2.34 -5.31 -11.18
C GLU A 111 3.65 -5.58 -11.91
N LYS A 112 4.67 -5.99 -11.16
CA LYS A 112 5.97 -6.28 -11.73
C LYS A 112 5.85 -7.24 -12.92
N SER A 113 5.19 -8.37 -12.69
CA SER A 113 5.00 -9.36 -13.74
C SER A 113 3.52 -9.50 -14.10
N MET A 114 2.76 -8.45 -13.84
CA MET A 114 1.33 -8.45 -14.14
C MET A 114 0.60 -9.48 -13.29
N PRO A 115 -0.69 -9.24 -13.04
CA PRO A 115 -1.53 -10.13 -12.23
C PRO A 115 -1.81 -11.45 -12.95
N TRP A 116 -1.58 -11.48 -14.25
CA TRP A 116 -1.81 -12.68 -15.05
C TRP A 116 -0.64 -13.64 -14.92
N ASN A 117 0.54 -13.11 -14.65
CA ASN A 117 1.74 -13.92 -14.50
C ASN A 117 2.17 -14.01 -13.03
N VAL A 118 1.21 -13.80 -12.14
CA VAL A 118 1.48 -13.86 -10.71
C VAL A 118 0.21 -14.14 -9.92
N ASP A 119 -0.76 -14.76 -10.58
CA ASP A 119 -2.03 -15.10 -9.93
C ASP A 119 -1.79 -15.88 -8.64
N THR A 120 -2.51 -15.49 -7.59
CA THR A 120 -2.38 -16.14 -6.30
C THR A 120 -3.37 -15.59 -5.29
N LEU A 121 -3.83 -16.44 -4.38
CA LEU A 121 -4.80 -16.03 -3.36
C LEU A 121 -4.10 -15.24 -2.25
N SER A 122 -4.80 -14.23 -1.73
CA SER A 122 -4.26 -13.40 -0.67
C SER A 122 -5.31 -12.42 -0.16
N LYS A 123 -6.08 -12.83 0.84
CA LYS A 123 -7.11 -11.99 1.41
C LYS A 123 -7.76 -12.67 2.62
N ASP A 124 -7.88 -11.92 3.72
CA ASP A 124 -8.48 -12.45 4.93
C ASP A 124 -9.92 -11.96 5.09
N GLY A 125 -10.24 -10.86 4.40
CA GLY A 125 -11.58 -10.31 4.47
C GLY A 125 -11.89 -9.74 5.84
N PHE A 126 -10.91 -9.08 6.45
CA PHE A 126 -11.09 -8.50 7.77
C PHE A 126 -11.84 -7.17 7.68
N SER A 127 -12.73 -6.93 8.64
CA SER A 127 -13.51 -5.70 8.67
C SER A 127 -13.12 -4.84 9.87
N LYS A 128 -12.69 -3.61 9.59
CA LYS A 128 -12.30 -2.69 10.65
C LYS A 128 -11.28 -3.33 11.58
N MET A 3 14.38 -0.43 -9.13
CA MET A 3 15.34 0.02 -8.13
C MET A 3 16.07 -1.16 -7.50
N VAL A 4 15.32 -2.05 -6.88
CA VAL A 4 15.90 -3.22 -6.22
C VAL A 4 16.67 -4.07 -7.23
N ASP A 5 17.80 -4.62 -6.78
CA ASP A 5 18.63 -5.45 -7.64
C ASP A 5 19.04 -6.73 -6.91
N TYR A 6 19.71 -7.62 -7.64
CA TYR A 6 20.16 -8.89 -7.07
C TYR A 6 21.50 -9.31 -7.66
N SER A 7 22.06 -10.39 -7.12
CA SER A 7 23.34 -10.91 -7.59
C SER A 7 23.20 -11.52 -8.98
N VAL A 8 22.02 -12.07 -9.25
CA VAL A 8 21.76 -12.70 -10.55
C VAL A 8 21.18 -11.70 -11.53
N TRP A 9 20.72 -10.57 -11.01
CA TRP A 9 20.13 -9.53 -11.85
C TRP A 9 21.20 -8.87 -12.73
N ASP A 10 22.45 -8.97 -12.30
CA ASP A 10 23.56 -8.39 -13.06
C ASP A 10 24.87 -9.08 -12.70
N HIS A 11 25.98 -8.49 -13.13
CA HIS A 11 27.30 -9.06 -12.86
C HIS A 11 27.59 -10.23 -13.79
N ILE A 12 26.66 -11.17 -13.84
CA ILE A 12 26.81 -12.35 -14.68
C ILE A 12 26.30 -12.10 -16.09
N GLU A 13 25.32 -11.19 -16.20
CA GLU A 13 24.75 -10.85 -17.49
C GLU A 13 24.04 -12.06 -18.12
N VAL A 14 22.71 -12.04 -18.09
CA VAL A 14 21.94 -13.13 -18.65
C VAL A 14 20.90 -12.62 -19.65
N SER A 15 20.99 -11.33 -19.96
CA SER A 15 20.05 -10.71 -20.90
C SER A 15 18.63 -10.74 -20.35
N ASP A 16 18.49 -10.42 -19.07
CA ASP A 16 17.18 -10.42 -18.43
C ASP A 16 16.50 -11.77 -18.58
N ASP A 17 17.29 -12.82 -18.76
CA ASP A 17 16.75 -14.16 -18.93
C ASP A 17 15.73 -14.21 -20.06
N GLU A 18 16.02 -13.48 -21.14
CA GLU A 18 15.12 -13.43 -22.28
C GLU A 18 13.71 -13.02 -21.86
N ASP A 19 13.51 -11.73 -21.65
CA ASP A 19 12.22 -11.20 -21.25
C ASP A 19 11.42 -10.73 -22.45
N GLU A 20 10.27 -10.11 -22.20
CA GLU A 20 9.41 -9.62 -23.26
C GLU A 20 9.82 -8.21 -23.67
N THR A 21 10.89 -7.70 -23.06
CA THR A 21 11.38 -6.36 -23.36
C THR A 21 12.87 -6.39 -23.72
N HIS A 22 13.61 -7.25 -23.03
CA HIS A 22 15.05 -7.37 -23.28
C HIS A 22 15.77 -6.07 -22.93
N PRO A 23 17.07 -6.19 -22.59
CA PRO A 23 17.90 -5.04 -22.23
C PRO A 23 18.20 -4.14 -23.42
N ASN A 24 18.02 -4.69 -24.62
CA ASN A 24 18.28 -3.94 -25.85
C ASN A 24 17.10 -4.07 -26.81
N ILE A 25 16.36 -2.97 -26.97
CA ILE A 25 15.21 -2.96 -27.87
C ILE A 25 15.62 -3.30 -29.30
N ASP A 26 14.64 -3.31 -30.19
CA ASP A 26 14.89 -3.63 -31.60
C ASP A 26 13.67 -3.31 -32.46
N THR A 27 12.62 -4.11 -32.29
CA THR A 27 11.39 -3.93 -33.05
C THR A 27 10.17 -4.14 -32.16
N ALA A 28 9.89 -5.39 -31.83
CA ALA A 28 8.75 -5.72 -31.00
C ALA A 28 8.91 -5.14 -29.59
N SER A 29 10.16 -4.92 -29.19
CA SER A 29 10.44 -4.37 -27.87
C SER A 29 9.64 -3.09 -27.62
N LEU A 30 9.42 -2.33 -28.69
CA LEU A 30 8.67 -1.08 -28.59
C LEU A 30 7.25 -1.34 -28.08
N PHE A 31 6.51 -2.16 -28.80
CA PHE A 31 5.14 -2.49 -28.43
C PHE A 31 5.10 -3.13 -27.04
N ARG A 32 5.90 -4.17 -26.85
CA ARG A 32 5.95 -4.87 -25.57
C ARG A 32 6.24 -3.90 -24.43
N TRP A 33 7.25 -3.06 -24.62
CA TRP A 33 7.62 -2.08 -23.60
C TRP A 33 6.44 -1.17 -23.27
N ARG A 34 5.80 -0.64 -24.29
CA ARG A 34 4.66 0.25 -24.11
C ARG A 34 3.56 -0.44 -23.30
N HIS A 35 3.31 -1.71 -23.60
CA HIS A 35 2.29 -2.47 -22.90
C HIS A 35 2.66 -2.64 -21.43
N GLN A 36 3.82 -3.24 -21.17
CA GLN A 36 4.27 -3.47 -19.81
C GLN A 36 4.24 -2.17 -19.00
N ALA A 37 4.78 -1.11 -19.58
CA ALA A 37 4.82 0.18 -18.93
C ALA A 37 3.42 0.64 -18.55
N ARG A 38 2.53 0.70 -19.53
CA ARG A 38 1.15 1.13 -19.30
C ARG A 38 0.52 0.34 -18.15
N VAL A 39 0.63 -0.98 -18.23
CA VAL A 39 0.07 -1.86 -17.21
C VAL A 39 0.72 -1.59 -15.84
N GLU A 40 2.03 -1.35 -15.87
CA GLU A 40 2.77 -1.09 -14.63
C GLU A 40 2.20 0.13 -13.91
N ARG A 41 2.20 1.27 -14.59
CA ARG A 41 1.68 2.50 -14.01
C ARG A 41 0.18 2.41 -13.78
N MET A 42 -0.49 1.59 -14.59
CA MET A 42 -1.93 1.41 -14.48
C MET A 42 -2.30 0.80 -13.13
N GLU A 43 -1.78 -0.38 -12.87
CA GLU A 43 -2.06 -1.08 -11.60
C GLU A 43 -1.41 -0.35 -10.43
N GLN A 44 -0.21 0.20 -10.68
CA GLN A 44 0.52 0.92 -9.64
C GLN A 44 -0.24 2.16 -9.20
N PHE A 45 -0.58 3.01 -10.16
CA PHE A 45 -1.31 4.25 -9.87
C PHE A 45 -2.69 3.94 -9.32
N GLN A 46 -3.36 2.96 -9.92
CA GLN A 46 -4.69 2.56 -9.49
C GLN A 46 -4.67 1.99 -8.08
N LYS A 47 -3.61 1.25 -7.77
CA LYS A 47 -3.47 0.63 -6.45
C LYS A 47 -3.23 1.70 -5.38
N GLU A 48 -2.13 2.44 -5.53
CA GLU A 48 -1.79 3.49 -4.58
C GLU A 48 -2.96 4.47 -4.41
N LYS A 49 -3.59 4.82 -5.52
CA LYS A 49 -4.71 5.75 -5.50
C LYS A 49 -5.87 5.19 -4.68
N GLU A 50 -6.30 3.98 -5.03
CA GLU A 50 -7.41 3.33 -4.34
C GLU A 50 -7.15 3.31 -2.82
N GLU A 51 -5.96 2.87 -2.44
CA GLU A 51 -5.60 2.80 -1.03
C GLU A 51 -5.61 4.19 -0.39
N LEU A 52 -5.15 5.18 -1.14
CA LEU A 52 -5.12 6.56 -0.66
C LEU A 52 -6.53 7.06 -0.33
N ASP A 53 -7.38 7.10 -1.35
CA ASP A 53 -8.75 7.56 -1.17
C ASP A 53 -9.47 6.73 -0.10
N ARG A 54 -9.15 5.44 -0.06
CA ARG A 54 -9.76 4.54 0.91
C ARG A 54 -9.34 4.90 2.33
N GLY A 55 -8.03 5.02 2.54
CA GLY A 55 -7.52 5.35 3.86
C GLY A 55 -7.90 6.76 4.28
N CYS A 56 -8.05 7.65 3.31
CA CYS A 56 -8.41 9.03 3.59
C CYS A 56 -9.86 9.13 4.07
N ARG A 57 -10.78 8.58 3.27
CA ARG A 57 -12.19 8.60 3.60
C ARG A 57 -12.46 7.85 4.91
N GLU A 58 -11.82 6.69 5.05
CA GLU A 58 -12.00 5.87 6.24
C GLU A 58 -11.45 6.58 7.48
N CYS A 59 -10.26 7.16 7.34
CA CYS A 59 -9.63 7.87 8.45
C CYS A 59 -10.51 9.03 8.91
N LYS A 60 -10.77 9.96 8.02
CA LYS A 60 -11.60 11.12 8.34
C LYS A 60 -12.95 10.69 8.91
N ARG A 61 -13.56 9.70 8.28
CA ARG A 61 -14.85 9.19 8.73
C ARG A 61 -14.76 8.68 10.17
N LYS A 62 -13.92 7.68 10.37
CA LYS A 62 -13.74 7.09 11.70
C LYS A 62 -13.37 8.15 12.72
N VAL A 63 -12.28 8.87 12.46
CA VAL A 63 -11.82 9.92 13.35
C VAL A 63 -12.94 10.90 13.67
N ALA A 64 -13.73 11.24 12.65
CA ALA A 64 -14.84 12.17 12.84
C ALA A 64 -15.84 11.63 13.85
N GLU A 65 -16.40 10.45 13.56
CA GLU A 65 -17.37 9.84 14.46
C GLU A 65 -16.80 9.67 15.87
N CYS A 66 -15.65 9.00 15.95
CA CYS A 66 -15.00 8.77 17.23
C CYS A 66 -14.80 10.08 17.99
N GLN A 67 -14.22 11.07 17.31
CA GLN A 67 -13.97 12.36 17.92
C GLN A 67 -15.24 12.93 18.55
N ARG A 68 -16.30 13.01 17.76
CA ARG A 68 -17.58 13.53 18.23
C ARG A 68 -18.08 12.71 19.43
N LYS A 69 -17.82 11.41 19.39
CA LYS A 69 -18.25 10.52 20.47
C LYS A 69 -17.48 10.82 21.76
N LEU A 70 -16.18 10.62 21.73
CA LEU A 70 -15.34 10.87 22.89
C LEU A 70 -15.47 12.32 23.36
N LYS A 71 -15.84 13.21 22.43
CA LYS A 71 -16.01 14.62 22.76
C LYS A 71 -17.28 14.83 23.58
N GLU A 72 -18.40 14.31 23.09
CA GLU A 72 -19.68 14.45 23.79
C GLU A 72 -19.69 13.61 25.06
N LEU A 73 -18.89 12.55 25.08
CA LEU A 73 -18.82 11.67 26.24
C LEU A 73 -17.83 12.20 27.26
N GLU A 74 -16.80 12.91 26.78
CA GLU A 74 -15.79 13.47 27.66
C GLU A 74 -16.42 14.32 28.75
N VAL A 75 -17.63 14.80 28.50
CA VAL A 75 -18.34 15.62 29.47
C VAL A 75 -19.10 14.77 30.47
N ALA A 76 -19.46 13.56 30.06
CA ALA A 76 -20.18 12.64 30.94
C ALA A 76 -19.23 11.64 31.60
N GLU A 77 -17.96 12.02 31.69
CA GLU A 77 -16.95 11.16 32.30
C GLU A 77 -17.16 11.05 33.81
N GLY A 78 -16.31 10.27 34.46
CA GLY A 78 -16.42 10.09 35.91
C GLY A 78 -15.14 9.57 36.52
N GLY A 79 -15.08 8.25 36.72
CA GLY A 79 -13.90 7.65 37.30
C GLY A 79 -13.16 6.75 36.34
N LYS A 80 -13.35 5.44 36.49
CA LYS A 80 -12.70 4.46 35.62
C LYS A 80 -13.01 4.75 34.16
N ALA A 81 -14.16 5.39 33.91
CA ALA A 81 -14.57 5.72 32.56
C ALA A 81 -13.49 6.50 31.83
N GLU A 82 -12.77 7.35 32.56
CA GLU A 82 -11.71 8.15 31.98
C GLU A 82 -10.73 7.28 31.20
N LEU A 83 -10.44 6.10 31.74
CA LEU A 83 -9.51 5.17 31.11
C LEU A 83 -10.07 4.67 29.79
N GLU A 84 -11.35 4.31 29.77
CA GLU A 84 -12.00 3.81 28.57
C GLU A 84 -12.00 4.88 27.49
N ARG A 85 -12.20 6.13 27.88
CA ARG A 85 -12.22 7.25 26.93
C ARG A 85 -10.84 7.47 26.33
N LEU A 86 -9.88 7.81 27.17
CA LEU A 86 -8.51 8.05 26.71
C LEU A 86 -7.99 6.87 25.90
N GLN A 87 -8.36 5.66 26.33
CA GLN A 87 -7.94 4.45 25.65
C GLN A 87 -8.52 4.37 24.25
N ALA A 88 -9.82 4.62 24.14
CA ALA A 88 -10.51 4.59 22.86
C ALA A 88 -9.86 5.55 21.86
N GLU A 89 -9.67 6.78 22.29
CA GLU A 89 -9.05 7.80 21.43
C GLU A 89 -7.59 7.47 21.16
N ALA A 90 -6.85 7.19 22.22
CA ALA A 90 -5.43 6.86 22.09
C ALA A 90 -5.22 5.75 21.06
N GLN A 91 -6.13 4.80 21.04
CA GLN A 91 -6.04 3.68 20.10
C GLN A 91 -6.45 4.11 18.70
N GLN A 92 -7.44 4.99 18.62
CA GLN A 92 -7.92 5.49 17.33
C GLN A 92 -6.78 6.12 16.54
N LEU A 93 -6.10 7.08 17.15
CA LEU A 93 -4.98 7.77 16.51
C LEU A 93 -3.78 6.85 16.36
N ARG A 94 -3.39 6.21 17.46
CA ARG A 94 -2.26 5.29 17.45
C ARG A 94 -2.40 4.26 16.33
N LYS A 95 -3.62 3.78 16.14
CA LYS A 95 -3.89 2.79 15.10
C LYS A 95 -3.90 3.43 13.72
N GLU A 96 -4.48 4.63 13.63
CA GLU A 96 -4.55 5.34 12.36
C GLU A 96 -3.16 5.66 11.83
N GLU A 97 -2.31 6.18 12.71
CA GLU A 97 -0.94 6.53 12.33
C GLU A 97 -0.11 5.28 12.09
N ARG A 98 -0.23 4.30 12.98
CA ARG A 98 0.52 3.05 12.86
C ARG A 98 0.15 2.33 11.58
N SER A 99 -1.14 2.23 11.31
CA SER A 99 -1.63 1.55 10.11
C SER A 99 -1.23 2.32 8.85
N TRP A 100 -1.37 3.64 8.90
CA TRP A 100 -1.03 4.49 7.78
C TRP A 100 0.46 4.38 7.43
N GLU A 101 1.31 4.44 8.45
CA GLU A 101 2.74 4.34 8.25
C GLU A 101 3.12 2.98 7.69
N GLN A 102 2.69 1.92 8.37
CA GLN A 102 2.99 0.55 7.94
C GLN A 102 2.45 0.31 6.54
N LYS A 103 1.17 0.60 6.33
CA LYS A 103 0.54 0.41 5.03
C LYS A 103 1.32 1.11 3.94
N LEU A 104 1.69 2.35 4.18
CA LEU A 104 2.45 3.13 3.21
C LEU A 104 3.78 2.46 2.88
N GLU A 105 4.55 2.17 3.91
CA GLU A 105 5.85 1.51 3.73
C GLU A 105 5.71 0.25 2.89
N GLU A 106 4.63 -0.50 3.13
CA GLU A 106 4.38 -1.73 2.39
C GLU A 106 3.95 -1.43 0.96
N MET A 107 3.13 -0.40 0.80
CA MET A 107 2.65 0.00 -0.53
C MET A 107 3.81 0.32 -1.45
N ARG A 108 4.78 1.07 -0.93
CA ARG A 108 5.95 1.45 -1.72
C ARG A 108 6.95 0.31 -1.80
N LYS A 109 7.06 -0.46 -0.73
CA LYS A 109 7.98 -1.58 -0.68
C LYS A 109 7.56 -2.67 -1.66
N LYS A 110 6.25 -2.83 -1.84
CA LYS A 110 5.71 -3.83 -2.75
C LYS A 110 5.63 -3.28 -4.17
N GLU A 111 5.12 -2.06 -4.30
CA GLU A 111 4.99 -1.43 -5.60
C GLU A 111 6.35 -1.28 -6.27
N LYS A 112 7.37 -0.99 -5.47
CA LYS A 112 8.72 -0.81 -5.98
C LYS A 112 9.18 -2.04 -6.77
N SER A 113 8.59 -3.19 -6.46
CA SER A 113 8.93 -4.43 -7.14
C SER A 113 7.94 -4.73 -8.27
N MET A 114 6.71 -4.26 -8.09
CA MET A 114 5.67 -4.46 -9.10
C MET A 114 5.42 -5.94 -9.32
N PRO A 115 4.85 -6.61 -8.30
CA PRO A 115 4.54 -8.05 -8.36
C PRO A 115 3.40 -8.36 -9.32
N TRP A 116 2.61 -7.34 -9.64
CA TRP A 116 1.48 -7.50 -10.55
C TRP A 116 1.97 -7.76 -11.97
N ASN A 117 3.03 -7.08 -12.37
CA ASN A 117 3.60 -7.23 -13.70
C ASN A 117 4.15 -8.64 -13.90
N VAL A 118 4.64 -9.24 -12.81
CA VAL A 118 5.21 -10.58 -12.86
C VAL A 118 5.25 -11.21 -11.46
N ASP A 119 4.31 -12.09 -11.19
CA ASP A 119 4.23 -12.76 -9.90
C ASP A 119 4.40 -14.28 -10.06
N THR A 120 4.56 -14.97 -8.95
CA THR A 120 4.73 -16.42 -8.96
C THR A 120 4.28 -17.04 -7.64
N LEU A 121 3.36 -16.37 -6.96
CA LEU A 121 2.85 -16.86 -5.68
C LEU A 121 1.33 -17.01 -5.72
N SER A 122 0.76 -17.49 -4.62
CA SER A 122 -0.68 -17.69 -4.54
C SER A 122 -1.31 -16.71 -3.54
N LYS A 123 -2.58 -16.92 -3.24
CA LYS A 123 -3.29 -16.06 -2.31
C LYS A 123 -3.03 -16.49 -0.86
N ASP A 124 -3.63 -15.77 0.08
CA ASP A 124 -3.44 -16.07 1.50
C ASP A 124 -4.78 -16.49 2.13
N GLY A 125 -5.87 -16.13 1.49
CA GLY A 125 -7.18 -16.48 1.99
C GLY A 125 -7.63 -15.56 3.11
N PHE A 126 -7.44 -14.25 2.91
CA PHE A 126 -7.83 -13.26 3.90
C PHE A 126 -9.23 -12.72 3.61
N SER A 127 -9.96 -12.38 4.66
CA SER A 127 -11.32 -11.86 4.52
C SER A 127 -11.39 -10.41 4.99
N LYS A 128 -12.09 -9.58 4.22
CA LYS A 128 -12.23 -8.17 4.55
C LYS A 128 -10.88 -7.52 4.79
N MET A 3 -2.28 -15.20 12.50
CA MET A 3 -1.90 -14.09 11.64
C MET A 3 -0.71 -14.45 10.77
N VAL A 4 -0.86 -14.27 9.46
CA VAL A 4 0.21 -14.59 8.52
C VAL A 4 1.42 -13.67 8.73
N ASP A 5 2.61 -14.23 8.58
CA ASP A 5 3.84 -13.46 8.75
C ASP A 5 4.13 -12.62 7.52
N TYR A 6 5.26 -11.92 7.54
CA TYR A 6 5.66 -11.06 6.43
C TYR A 6 7.15 -11.14 6.18
N SER A 7 7.53 -11.31 4.92
CA SER A 7 8.94 -11.41 4.54
C SER A 7 9.11 -11.32 3.03
N VAL A 8 8.95 -10.12 2.49
CA VAL A 8 9.08 -9.89 1.06
C VAL A 8 9.35 -8.44 0.75
N TRP A 9 10.60 -8.02 0.92
CA TRP A 9 10.99 -6.63 0.65
C TRP A 9 12.21 -6.57 -0.25
N ASP A 10 12.71 -7.74 -0.64
CA ASP A 10 13.89 -7.82 -1.50
C ASP A 10 14.25 -9.27 -1.80
N HIS A 11 14.03 -10.14 -0.82
CA HIS A 11 14.33 -11.56 -0.97
C HIS A 11 13.53 -12.16 -2.13
N ILE A 12 12.47 -11.47 -2.54
CA ILE A 12 11.63 -11.94 -3.63
C ILE A 12 12.43 -12.12 -4.90
N GLU A 13 13.58 -11.45 -4.98
CA GLU A 13 14.44 -11.54 -6.15
C GLU A 13 13.73 -11.03 -7.40
N VAL A 14 14.06 -9.82 -7.81
CA VAL A 14 13.45 -9.21 -8.99
C VAL A 14 14.51 -8.76 -9.99
N SER A 15 15.76 -9.14 -9.73
CA SER A 15 16.87 -8.76 -10.60
C SER A 15 17.08 -7.26 -10.59
N ASP A 16 16.83 -6.63 -9.44
CA ASP A 16 16.99 -5.19 -9.29
C ASP A 16 16.02 -4.44 -10.19
N ASP A 17 14.90 -5.07 -10.52
CA ASP A 17 13.90 -4.46 -11.38
C ASP A 17 14.53 -3.95 -12.67
N GLU A 18 14.98 -4.88 -13.51
CA GLU A 18 15.61 -4.52 -14.78
C GLU A 18 16.04 -5.76 -15.54
N ASP A 19 15.86 -5.73 -16.86
CA ASP A 19 16.24 -6.85 -17.71
C ASP A 19 17.59 -6.62 -18.36
N GLU A 20 17.99 -7.52 -19.25
CA GLU A 20 19.26 -7.41 -19.94
C GLU A 20 19.07 -6.98 -21.39
N THR A 21 17.81 -6.73 -21.76
CA THR A 21 17.49 -6.31 -23.11
C THR A 21 16.24 -5.44 -23.13
N HIS A 22 16.42 -4.17 -23.50
CA HIS A 22 15.31 -3.23 -23.56
C HIS A 22 15.52 -2.19 -24.66
N PRO A 23 15.47 -2.66 -25.92
CA PRO A 23 15.66 -1.79 -27.09
C PRO A 23 14.50 -0.82 -27.29
N ASN A 24 14.52 -0.11 -28.41
CA ASN A 24 13.47 0.84 -28.72
C ASN A 24 12.23 0.14 -29.28
N ILE A 25 11.28 0.93 -29.79
CA ILE A 25 10.06 0.38 -30.36
C ILE A 25 10.13 0.32 -31.88
N ASP A 26 9.47 -0.66 -32.46
CA ASP A 26 9.46 -0.83 -33.91
C ASP A 26 8.06 -1.20 -34.41
N THR A 27 7.60 -2.38 -34.01
CA THR A 27 6.27 -2.84 -34.41
C THR A 27 5.59 -3.60 -33.28
N ALA A 28 6.14 -4.77 -32.94
CA ALA A 28 5.58 -5.58 -31.86
C ALA A 28 5.68 -4.87 -30.53
N SER A 29 6.69 -4.01 -30.39
CA SER A 29 6.89 -3.27 -29.15
C SER A 29 5.65 -2.47 -28.77
N LEU A 30 4.93 -2.01 -29.79
CA LEU A 30 3.71 -1.22 -29.58
C LEU A 30 2.66 -2.05 -28.85
N PHE A 31 2.39 -3.23 -29.37
CA PHE A 31 1.40 -4.13 -28.76
C PHE A 31 1.83 -4.55 -27.36
N ARG A 32 3.09 -4.96 -27.24
CA ARG A 32 3.63 -5.40 -25.96
C ARG A 32 3.57 -4.27 -24.93
N TRP A 33 4.00 -3.08 -25.34
CA TRP A 33 3.98 -1.92 -24.46
C TRP A 33 2.57 -1.62 -23.96
N ARG A 34 1.65 -1.45 -24.91
CA ARG A 34 0.27 -1.15 -24.57
C ARG A 34 -0.33 -2.25 -23.67
N HIS A 35 -0.05 -3.49 -24.01
CA HIS A 35 -0.54 -4.62 -23.24
C HIS A 35 -0.05 -4.56 -21.80
N GLN A 36 1.27 -4.62 -21.62
CA GLN A 36 1.86 -4.57 -20.29
C GLN A 36 1.35 -3.35 -19.52
N ALA A 37 1.40 -2.19 -20.15
CA ALA A 37 0.94 -0.96 -19.54
C ALA A 37 -0.46 -1.12 -18.96
N ARG A 38 -1.40 -1.56 -19.80
CA ARG A 38 -2.78 -1.75 -19.38
C ARG A 38 -2.86 -2.75 -18.23
N VAL A 39 -2.09 -3.83 -18.34
CA VAL A 39 -2.06 -4.87 -17.31
C VAL A 39 -1.76 -4.28 -15.94
N GLU A 40 -0.57 -3.68 -15.82
CA GLU A 40 -0.14 -3.07 -14.56
C GLU A 40 -1.02 -1.87 -14.22
N ARG A 41 -1.63 -1.28 -15.23
CA ARG A 41 -2.50 -0.12 -15.04
C ARG A 41 -3.78 -0.51 -14.31
N MET A 42 -4.54 -1.43 -14.91
CA MET A 42 -5.79 -1.89 -14.32
C MET A 42 -5.53 -2.65 -13.03
N GLU A 43 -4.45 -3.42 -13.01
CA GLU A 43 -4.09 -4.20 -11.83
C GLU A 43 -3.76 -3.29 -10.65
N GLN A 44 -2.84 -2.36 -10.87
CA GLN A 44 -2.43 -1.42 -9.83
C GLN A 44 -3.58 -0.49 -9.47
N PHE A 45 -4.37 -0.13 -10.46
CA PHE A 45 -5.50 0.77 -10.24
C PHE A 45 -6.52 0.16 -9.28
N GLN A 46 -7.03 -1.00 -9.65
CA GLN A 46 -8.01 -1.70 -8.81
C GLN A 46 -7.40 -2.12 -7.48
N LYS A 47 -6.12 -2.51 -7.52
CA LYS A 47 -5.42 -2.94 -6.32
C LYS A 47 -5.27 -1.77 -5.34
N GLU A 48 -4.58 -0.72 -5.77
CA GLU A 48 -4.36 0.44 -4.93
C GLU A 48 -5.69 1.07 -4.52
N LYS A 49 -6.68 0.97 -5.39
CA LYS A 49 -8.01 1.52 -5.12
C LYS A 49 -8.65 0.83 -3.92
N GLU A 50 -8.84 -0.49 -4.05
CA GLU A 50 -9.45 -1.27 -2.98
C GLU A 50 -8.67 -1.11 -1.68
N GLU A 51 -7.34 -1.11 -1.78
CA GLU A 51 -6.48 -0.96 -0.62
C GLU A 51 -6.73 0.38 0.07
N LEU A 52 -6.85 1.43 -0.72
CA LEU A 52 -7.08 2.77 -0.20
C LEU A 52 -8.43 2.86 0.51
N ASP A 53 -9.50 2.63 -0.25
CA ASP A 53 -10.85 2.67 0.31
C ASP A 53 -10.96 1.80 1.56
N ARG A 54 -10.28 0.66 1.53
CA ARG A 54 -10.30 -0.26 2.65
C ARG A 54 -9.66 0.36 3.89
N GLY A 55 -8.45 0.89 3.70
CA GLY A 55 -7.74 1.51 4.80
C GLY A 55 -8.40 2.80 5.26
N CYS A 56 -9.10 3.47 4.35
CA CYS A 56 -9.78 4.71 4.67
C CYS A 56 -10.98 4.46 5.58
N ARG A 57 -11.84 3.55 5.17
CA ARG A 57 -13.04 3.22 5.93
C ARG A 57 -12.66 2.55 7.25
N GLU A 58 -11.66 1.67 7.20
CA GLU A 58 -11.21 0.96 8.40
C GLU A 58 -10.64 1.93 9.42
N CYS A 59 -9.63 2.70 8.99
CA CYS A 59 -8.98 3.67 9.87
C CYS A 59 -9.99 4.70 10.37
N LYS A 60 -10.68 5.34 9.45
CA LYS A 60 -11.67 6.36 9.79
C LYS A 60 -12.66 5.82 10.82
N ARG A 61 -13.16 4.60 10.58
CA ARG A 61 -14.10 3.97 11.48
C ARG A 61 -13.51 3.80 12.88
N LYS A 62 -12.28 3.30 12.92
CA LYS A 62 -11.59 3.08 14.19
C LYS A 62 -11.45 4.39 14.96
N VAL A 63 -10.77 5.36 14.34
CA VAL A 63 -10.56 6.66 14.98
C VAL A 63 -11.89 7.33 15.30
N ALA A 64 -12.90 7.04 14.50
CA ALA A 64 -14.23 7.62 14.71
C ALA A 64 -14.82 7.15 16.03
N GLU A 65 -14.97 5.84 16.19
CA GLU A 65 -15.53 5.26 17.40
C GLU A 65 -14.69 5.66 18.62
N CYS A 66 -13.39 5.44 18.52
CA CYS A 66 -12.48 5.77 19.61
C CYS A 66 -12.62 7.23 20.02
N GLN A 67 -12.45 8.13 19.06
CA GLN A 67 -12.56 9.56 19.32
C GLN A 67 -13.87 9.89 20.05
N ARG A 68 -14.98 9.41 19.50
CA ARG A 68 -16.28 9.64 20.10
C ARG A 68 -16.32 9.16 21.54
N LYS A 69 -15.69 8.03 21.80
CA LYS A 69 -15.65 7.47 23.15
C LYS A 69 -14.77 8.30 24.06
N LEU A 70 -13.48 8.39 23.73
CA LEU A 70 -12.52 9.15 24.51
C LEU A 70 -13.04 10.58 24.73
N LYS A 71 -13.80 11.08 23.77
CA LYS A 71 -14.35 12.42 23.85
C LYS A 71 -15.47 12.50 24.89
N GLU A 72 -16.44 11.59 24.76
CA GLU A 72 -17.57 11.56 25.69
C GLU A 72 -17.08 11.35 27.12
N LEU A 73 -15.99 10.61 27.27
CA LEU A 73 -15.43 10.34 28.59
C LEU A 73 -14.50 11.48 29.03
N GLU A 74 -13.88 12.13 28.06
CA GLU A 74 -12.96 13.24 28.34
C GLU A 74 -13.64 14.29 29.22
N VAL A 75 -14.97 14.32 29.18
CA VAL A 75 -15.72 15.28 29.97
C VAL A 75 -15.95 14.77 31.39
N ALA A 76 -15.97 13.45 31.55
CA ALA A 76 -16.17 12.84 32.84
C ALA A 76 -14.85 12.61 33.56
N GLU A 77 -14.55 13.43 34.56
CA GLU A 77 -13.31 13.31 35.31
C GLU A 77 -12.10 13.56 34.41
N GLY A 78 -11.51 14.74 34.54
CA GLY A 78 -10.35 15.08 33.73
C GLY A 78 -9.04 14.79 34.45
N GLY A 79 -8.03 15.60 34.17
CA GLY A 79 -6.73 15.41 34.79
C GLY A 79 -5.79 14.60 33.94
N LYS A 80 -5.16 13.59 34.54
CA LYS A 80 -4.22 12.73 33.83
C LYS A 80 -4.89 12.11 32.60
N ALA A 81 -6.20 11.96 32.66
CA ALA A 81 -6.95 11.38 31.55
C ALA A 81 -6.69 12.14 30.26
N GLU A 82 -6.34 13.41 30.38
CA GLU A 82 -6.06 14.24 29.21
C GLU A 82 -4.95 13.63 28.36
N LEU A 83 -3.93 13.09 29.02
CA LEU A 83 -2.81 12.47 28.32
C LEU A 83 -3.24 11.18 27.63
N GLU A 84 -4.13 10.44 28.28
CA GLU A 84 -4.63 9.18 27.74
C GLU A 84 -5.38 9.42 26.42
N ARG A 85 -6.31 10.37 26.45
CA ARG A 85 -7.09 10.69 25.26
C ARG A 85 -6.22 11.30 24.18
N LEU A 86 -5.36 12.23 24.57
CA LEU A 86 -4.46 12.88 23.62
C LEU A 86 -3.48 11.90 23.02
N GLN A 87 -3.05 10.92 23.82
CA GLN A 87 -2.11 9.91 23.36
C GLN A 87 -2.76 8.99 22.34
N ALA A 88 -3.94 8.48 22.67
CA ALA A 88 -4.67 7.59 21.78
C ALA A 88 -5.00 8.28 20.47
N GLU A 89 -5.44 9.53 20.55
CA GLU A 89 -5.78 10.30 19.36
C GLU A 89 -4.55 10.55 18.50
N ALA A 90 -3.60 11.31 19.05
CA ALA A 90 -2.37 11.63 18.33
C ALA A 90 -1.74 10.36 17.74
N GLN A 91 -1.82 9.26 18.47
CA GLN A 91 -1.26 8.00 18.03
C GLN A 91 -2.08 7.41 16.88
N GLN A 92 -3.40 7.60 16.95
CA GLN A 92 -4.29 7.09 15.91
C GLN A 92 -3.99 7.73 14.56
N LEU A 93 -4.04 9.06 14.52
CA LEU A 93 -3.78 9.79 13.29
C LEU A 93 -2.33 9.59 12.83
N ARG A 94 -1.40 9.76 13.75
CA ARG A 94 0.02 9.60 13.45
C ARG A 94 0.29 8.21 12.87
N LYS A 95 -0.39 7.21 13.40
CA LYS A 95 -0.23 5.84 12.93
C LYS A 95 -0.88 5.65 11.57
N GLU A 96 -2.00 6.33 11.35
CA GLU A 96 -2.72 6.24 10.09
C GLU A 96 -1.97 6.97 8.97
N GLU A 97 -1.33 8.07 9.34
CA GLU A 97 -0.58 8.86 8.37
C GLU A 97 0.73 8.17 7.98
N ARG A 98 1.44 7.67 8.98
CA ARG A 98 2.70 6.97 8.75
C ARG A 98 2.47 5.64 8.04
N SER A 99 1.40 4.95 8.43
CA SER A 99 1.07 3.65 7.84
C SER A 99 0.60 3.82 6.39
N TRP A 100 -0.25 4.82 6.18
CA TRP A 100 -0.78 5.09 4.85
C TRP A 100 0.34 5.50 3.89
N GLU A 101 1.17 6.44 4.33
CA GLU A 101 2.28 6.92 3.51
C GLU A 101 3.24 5.78 3.18
N GLN A 102 3.67 5.06 4.21
CA GLN A 102 4.60 3.95 4.04
C GLN A 102 3.97 2.85 3.16
N LYS A 103 2.84 2.33 3.61
CA LYS A 103 2.15 1.27 2.87
C LYS A 103 1.92 1.69 1.43
N LEU A 104 1.69 2.98 1.21
CA LEU A 104 1.45 3.50 -0.13
C LEU A 104 2.71 3.40 -0.98
N GLU A 105 3.80 4.01 -0.52
CA GLU A 105 5.06 3.97 -1.24
C GLU A 105 5.46 2.54 -1.58
N GLU A 106 5.22 1.63 -0.64
CA GLU A 106 5.54 0.22 -0.85
C GLU A 106 4.56 -0.43 -1.80
N MET A 107 3.29 -0.08 -1.68
CA MET A 107 2.24 -0.63 -2.53
C MET A 107 2.55 -0.37 -4.00
N ARG A 108 2.96 0.87 -4.31
CA ARG A 108 3.28 1.25 -5.67
C ARG A 108 4.66 0.74 -6.06
N LYS A 109 5.60 0.82 -5.12
CA LYS A 109 6.97 0.37 -5.37
C LYS A 109 7.00 -1.12 -5.71
N LYS A 110 6.12 -1.89 -5.07
CA LYS A 110 6.04 -3.33 -5.29
C LYS A 110 5.15 -3.64 -6.49
N GLU A 111 4.01 -2.98 -6.55
CA GLU A 111 3.07 -3.19 -7.65
C GLU A 111 3.74 -2.95 -9.00
N LYS A 112 4.60 -1.94 -9.05
CA LYS A 112 5.31 -1.60 -10.28
C LYS A 112 6.59 -2.43 -10.41
N SER A 113 6.83 -3.29 -9.43
CA SER A 113 8.02 -4.13 -9.45
C SER A 113 7.64 -5.61 -9.57
N MET A 114 6.47 -5.86 -10.15
CA MET A 114 5.98 -7.23 -10.33
C MET A 114 5.51 -7.44 -11.76
N PRO A 115 6.45 -7.41 -12.71
CA PRO A 115 6.15 -7.61 -14.13
C PRO A 115 5.76 -9.04 -14.45
N TRP A 116 5.85 -9.91 -13.45
CA TRP A 116 5.50 -11.32 -13.63
C TRP A 116 4.02 -11.47 -13.98
N ASN A 117 3.23 -10.46 -13.65
CA ASN A 117 1.80 -10.47 -13.93
C ASN A 117 1.54 -10.44 -15.43
N VAL A 118 2.31 -9.61 -16.14
CA VAL A 118 2.17 -9.49 -17.58
C VAL A 118 2.98 -10.55 -18.31
N ASP A 119 4.05 -11.01 -17.68
CA ASP A 119 4.90 -12.04 -18.27
C ASP A 119 5.56 -11.53 -19.55
N THR A 120 6.72 -10.90 -19.40
CA THR A 120 7.44 -10.36 -20.55
C THR A 120 8.95 -10.51 -20.36
N LEU A 121 9.36 -11.59 -19.71
CA LEU A 121 10.78 -11.85 -19.47
C LEU A 121 11.39 -10.75 -18.60
N SER A 122 11.09 -10.79 -17.30
CA SER A 122 11.61 -9.79 -16.37
C SER A 122 11.28 -10.17 -14.93
N LYS A 123 11.30 -11.47 -14.64
CA LYS A 123 11.02 -11.97 -13.32
C LYS A 123 11.20 -13.48 -13.24
N ASP A 124 11.05 -14.03 -12.04
CA ASP A 124 11.21 -15.48 -11.84
C ASP A 124 9.86 -16.12 -11.50
N GLY A 125 8.93 -15.30 -11.04
CA GLY A 125 7.62 -15.81 -10.68
C GLY A 125 7.46 -16.01 -9.18
N PHE A 126 7.94 -15.04 -8.40
CA PHE A 126 7.86 -15.12 -6.95
C PHE A 126 6.52 -14.57 -6.45
N SER A 127 5.82 -15.36 -5.65
CA SER A 127 4.52 -14.95 -5.11
C SER A 127 4.66 -14.54 -3.65
N LYS A 128 3.75 -13.68 -3.21
CA LYS A 128 3.76 -13.20 -1.82
C LYS A 128 3.33 -14.31 -0.86
N MET A 3 18.81 -10.48 13.92
CA MET A 3 18.38 -11.87 14.01
C MET A 3 16.90 -12.02 13.71
N VAL A 4 16.57 -12.87 12.75
CA VAL A 4 15.19 -13.10 12.36
C VAL A 4 14.48 -11.78 12.07
N ASP A 5 14.73 -11.22 10.90
CA ASP A 5 14.11 -9.95 10.51
C ASP A 5 13.20 -10.15 9.31
N TYR A 6 12.64 -9.06 8.81
CA TYR A 6 11.73 -9.12 7.67
C TYR A 6 12.30 -8.34 6.48
N SER A 7 12.54 -9.04 5.38
CA SER A 7 13.08 -8.41 4.18
C SER A 7 12.46 -9.03 2.92
N VAL A 8 11.40 -8.40 2.42
CA VAL A 8 10.72 -8.87 1.23
C VAL A 8 11.29 -8.21 -0.03
N TRP A 9 12.07 -7.17 0.17
CA TRP A 9 12.69 -6.45 -0.95
C TRP A 9 13.56 -7.38 -1.78
N ASP A 10 13.99 -8.47 -1.17
CA ASP A 10 14.84 -9.45 -1.85
C ASP A 10 14.12 -10.79 -2.00
N HIS A 11 12.94 -10.89 -1.40
CA HIS A 11 12.16 -12.12 -1.46
C HIS A 11 12.00 -12.59 -2.90
N ILE A 12 11.95 -11.65 -3.83
CA ILE A 12 11.80 -11.97 -5.24
C ILE A 12 12.97 -11.41 -6.06
N GLU A 13 13.52 -10.30 -5.60
CA GLU A 13 14.64 -9.66 -6.28
C GLU A 13 14.24 -9.22 -7.69
N VAL A 14 14.00 -7.93 -7.85
CA VAL A 14 13.61 -7.37 -9.15
C VAL A 14 14.52 -6.22 -9.55
N SER A 15 15.59 -6.02 -8.78
CA SER A 15 16.53 -4.95 -9.06
C SER A 15 15.86 -3.58 -8.94
N ASP A 16 15.06 -3.42 -7.89
CA ASP A 16 14.36 -2.17 -7.65
C ASP A 16 13.52 -1.77 -8.86
N ASP A 17 13.13 -2.77 -9.64
CA ASP A 17 12.31 -2.53 -10.84
C ASP A 17 12.97 -1.49 -11.74
N GLU A 18 13.96 -1.92 -12.50
CA GLU A 18 14.67 -1.01 -13.40
C GLU A 18 15.78 -1.76 -14.16
N ASP A 19 15.40 -2.44 -15.23
CA ASP A 19 16.36 -3.18 -16.03
C ASP A 19 16.95 -2.30 -17.13
N GLU A 20 17.76 -2.91 -17.99
CA GLU A 20 18.40 -2.17 -19.08
C GLU A 20 17.88 -2.64 -20.43
N THR A 21 16.92 -3.56 -20.40
CA THR A 21 16.33 -4.10 -21.62
C THR A 21 14.81 -4.03 -21.59
N HIS A 22 14.29 -2.91 -21.06
CA HIS A 22 12.85 -2.72 -20.96
C HIS A 22 12.23 -2.54 -22.35
N PRO A 23 12.67 -1.49 -23.06
CA PRO A 23 12.18 -1.18 -24.40
C PRO A 23 12.64 -2.21 -25.44
N ASN A 24 11.77 -2.50 -26.39
CA ASN A 24 12.09 -3.46 -27.45
C ASN A 24 10.93 -3.58 -28.44
N ILE A 25 11.02 -2.81 -29.53
CA ILE A 25 9.98 -2.83 -30.56
C ILE A 25 10.50 -3.48 -31.83
N ASP A 26 9.59 -3.66 -32.80
CA ASP A 26 9.95 -4.27 -34.08
C ASP A 26 8.75 -4.32 -35.01
N THR A 27 7.84 -5.23 -34.73
CA THR A 27 6.63 -5.38 -35.56
C THR A 27 5.43 -5.74 -34.70
N ALA A 28 5.38 -6.99 -34.24
CA ALA A 28 4.28 -7.45 -33.41
C ALA A 28 4.48 -7.05 -31.95
N SER A 29 5.75 -6.99 -31.52
CA SER A 29 6.08 -6.63 -30.16
C SER A 29 5.47 -5.28 -29.79
N LEU A 30 5.28 -4.44 -30.80
CA LEU A 30 4.70 -3.11 -30.59
C LEU A 30 3.31 -3.20 -29.99
N PHE A 31 2.41 -3.88 -30.70
CA PHE A 31 1.04 -4.05 -30.25
C PHE A 31 0.98 -4.91 -28.98
N ARG A 32 1.74 -5.99 -28.98
CA ARG A 32 1.78 -6.90 -27.84
C ARG A 32 2.23 -6.17 -26.58
N TRP A 33 3.43 -5.61 -26.61
CA TRP A 33 3.98 -4.89 -25.47
C TRP A 33 3.06 -3.74 -25.08
N ARG A 34 2.59 -2.99 -26.07
CA ARG A 34 1.71 -1.85 -25.83
C ARG A 34 0.51 -2.27 -24.97
N HIS A 35 -0.14 -3.35 -25.38
CA HIS A 35 -1.31 -3.86 -24.66
C HIS A 35 -0.92 -4.29 -23.25
N GLN A 36 0.12 -5.11 -23.14
CA GLN A 36 0.60 -5.60 -21.86
C GLN A 36 0.82 -4.44 -20.89
N ALA A 37 1.73 -3.54 -21.26
CA ALA A 37 2.04 -2.39 -20.43
C ALA A 37 0.78 -1.61 -20.05
N ARG A 38 -0.03 -1.29 -21.06
CA ARG A 38 -1.26 -0.56 -20.84
C ARG A 38 -2.11 -1.23 -19.77
N VAL A 39 -2.28 -2.54 -19.90
CA VAL A 39 -3.07 -3.30 -18.93
C VAL A 39 -2.48 -3.21 -17.53
N GLU A 40 -1.15 -3.32 -17.45
CA GLU A 40 -0.46 -3.25 -16.16
C GLU A 40 -0.76 -1.92 -15.47
N ARG A 41 -0.40 -0.82 -16.12
CA ARG A 41 -0.62 0.51 -15.56
C ARG A 41 -2.12 0.77 -15.35
N MET A 42 -2.94 0.22 -16.24
CA MET A 42 -4.39 0.39 -16.15
C MET A 42 -4.92 -0.20 -14.84
N GLU A 43 -4.71 -1.49 -14.65
CA GLU A 43 -5.17 -2.17 -13.46
C GLU A 43 -4.57 -1.53 -12.21
N GLN A 44 -3.26 -1.32 -12.23
CA GLN A 44 -2.57 -0.72 -11.09
C GLN A 44 -3.10 0.69 -10.80
N PHE A 45 -3.56 1.36 -11.85
CA PHE A 45 -4.10 2.72 -11.71
C PHE A 45 -5.46 2.69 -11.02
N GLN A 46 -6.41 2.01 -11.63
CA GLN A 46 -7.76 1.90 -11.07
C GLN A 46 -7.72 1.26 -9.69
N LYS A 47 -6.84 0.28 -9.52
CA LYS A 47 -6.71 -0.43 -8.25
C LYS A 47 -6.13 0.50 -7.18
N GLU A 48 -4.92 1.00 -7.42
CA GLU A 48 -4.26 1.89 -6.48
C GLU A 48 -5.14 3.10 -6.18
N LYS A 49 -5.75 3.66 -7.22
CA LYS A 49 -6.61 4.82 -7.08
C LYS A 49 -7.78 4.52 -6.16
N GLU A 50 -8.55 3.49 -6.50
CA GLU A 50 -9.71 3.09 -5.70
C GLU A 50 -9.32 2.91 -4.24
N GLU A 51 -8.21 2.21 -4.01
CA GLU A 51 -7.73 1.96 -2.65
C GLU A 51 -7.33 3.27 -1.97
N LEU A 52 -6.79 4.19 -2.75
CA LEU A 52 -6.35 5.48 -2.23
C LEU A 52 -7.55 6.28 -1.70
N ASP A 53 -8.49 6.57 -2.58
CA ASP A 53 -9.68 7.32 -2.20
C ASP A 53 -10.48 6.59 -1.12
N ARG A 54 -10.48 5.26 -1.21
CA ARG A 54 -11.20 4.43 -0.25
C ARG A 54 -10.56 4.52 1.13
N GLY A 55 -9.25 4.27 1.19
CA GLY A 55 -8.54 4.33 2.45
C GLY A 55 -8.45 5.74 3.01
N CYS A 56 -8.42 6.72 2.10
CA CYS A 56 -8.33 8.12 2.51
C CYS A 56 -9.63 8.58 3.17
N ARG A 57 -10.74 8.36 2.48
CA ARG A 57 -12.05 8.75 3.00
C ARG A 57 -12.40 7.96 4.24
N GLU A 58 -12.16 6.66 4.20
CA GLU A 58 -12.44 5.79 5.34
C GLU A 58 -11.63 6.19 6.56
N CYS A 59 -10.32 6.34 6.37
CA CYS A 59 -9.43 6.72 7.45
C CYS A 59 -9.84 8.06 8.05
N LYS A 60 -9.92 9.09 7.22
CA LYS A 60 -10.29 10.42 7.66
C LYS A 60 -11.61 10.37 8.45
N ARG A 61 -12.59 9.64 7.92
CA ARG A 61 -13.88 9.52 8.57
C ARG A 61 -13.73 8.96 9.98
N LYS A 62 -13.17 7.75 10.08
CA LYS A 62 -12.97 7.11 11.37
C LYS A 62 -12.16 8.01 12.31
N VAL A 63 -11.00 8.45 11.85
CA VAL A 63 -10.14 9.32 12.64
C VAL A 63 -10.90 10.52 13.17
N ALA A 64 -11.79 11.06 12.34
CA ALA A 64 -12.59 12.22 12.73
C ALA A 64 -13.54 11.86 13.87
N GLU A 65 -14.40 10.88 13.64
CA GLU A 65 -15.37 10.45 14.65
C GLU A 65 -14.65 10.04 15.93
N CYS A 66 -13.73 9.09 15.80
CA CYS A 66 -12.97 8.60 16.95
C CYS A 66 -12.36 9.76 17.73
N GLN A 67 -11.63 10.62 17.03
CA GLN A 67 -11.00 11.77 17.67
C GLN A 67 -12.00 12.57 18.49
N ARG A 68 -13.07 13.01 17.84
CA ARG A 68 -14.11 13.78 18.52
C ARG A 68 -14.69 13.00 19.69
N LYS A 69 -14.69 11.69 19.58
CA LYS A 69 -15.22 10.82 20.63
C LYS A 69 -14.32 10.85 21.85
N LEU A 70 -13.09 10.36 21.69
CA LEU A 70 -12.12 10.32 22.78
C LEU A 70 -11.85 11.73 23.31
N LYS A 71 -11.96 12.72 22.43
CA LYS A 71 -11.73 14.11 22.82
C LYS A 71 -12.90 14.64 23.65
N GLU A 72 -14.12 14.30 23.24
CA GLU A 72 -15.31 14.74 23.95
C GLU A 72 -15.44 14.05 25.30
N LEU A 73 -14.95 12.82 25.37
CA LEU A 73 -15.01 12.04 26.61
C LEU A 73 -13.81 12.35 27.50
N GLU A 74 -12.69 12.71 26.88
CA GLU A 74 -11.48 13.04 27.62
C GLU A 74 -11.75 14.11 28.66
N VAL A 75 -12.81 14.89 28.44
CA VAL A 75 -13.19 15.96 29.36
C VAL A 75 -14.02 15.42 30.52
N ALA A 76 -14.75 14.34 30.26
CA ALA A 76 -15.59 13.73 31.28
C ALA A 76 -14.74 13.11 32.39
N GLU A 77 -13.99 12.07 32.06
CA GLU A 77 -13.14 11.39 33.03
C GLU A 77 -11.67 11.64 32.72
N GLY A 78 -10.84 11.58 33.76
CA GLY A 78 -9.41 11.81 33.58
C GLY A 78 -8.57 10.85 34.40
N GLY A 79 -7.29 11.18 34.57
CA GLY A 79 -6.40 10.34 35.35
C GLY A 79 -6.42 8.90 34.88
N LYS A 80 -7.01 8.03 35.70
CA LYS A 80 -7.09 6.61 35.37
C LYS A 80 -7.73 6.40 34.00
N ALA A 81 -8.71 7.24 33.68
CA ALA A 81 -9.40 7.16 32.40
C ALA A 81 -8.64 7.89 31.31
N GLU A 82 -7.82 8.87 31.72
CA GLU A 82 -7.03 9.64 30.77
C GLU A 82 -6.12 8.73 29.95
N LEU A 83 -5.54 7.73 30.61
CA LEU A 83 -4.64 6.79 29.94
C LEU A 83 -5.41 5.91 28.96
N GLU A 84 -6.63 5.54 29.35
CA GLU A 84 -7.47 4.69 28.51
C GLU A 84 -7.82 5.40 27.21
N ARG A 85 -8.27 6.65 27.31
CA ARG A 85 -8.63 7.42 26.14
C ARG A 85 -7.41 7.76 25.30
N LEU A 86 -6.32 8.12 25.97
CA LEU A 86 -5.08 8.46 25.29
C LEU A 86 -4.47 7.24 24.60
N GLN A 87 -4.64 6.08 25.22
CA GLN A 87 -4.11 4.84 24.66
C GLN A 87 -4.89 4.42 23.41
N ALA A 88 -6.21 4.34 23.55
CA ALA A 88 -7.06 3.96 22.43
C ALA A 88 -6.94 4.96 21.28
N GLU A 89 -6.87 6.25 21.62
CA GLU A 89 -6.76 7.28 20.61
C GLU A 89 -5.40 7.23 19.92
N ALA A 90 -4.34 7.47 20.69
CA ALA A 90 -2.98 7.44 20.15
C ALA A 90 -2.75 6.17 19.33
N GLN A 91 -3.28 5.06 19.81
CA GLN A 91 -3.12 3.78 19.13
C GLN A 91 -3.98 3.73 17.86
N GLN A 92 -5.14 4.37 17.92
CA GLN A 92 -6.05 4.40 16.78
C GLN A 92 -5.39 5.07 15.57
N LEU A 93 -4.92 6.29 15.78
CA LEU A 93 -4.27 7.05 14.71
C LEU A 93 -2.93 6.42 14.33
N ARG A 94 -2.10 6.18 15.34
CA ARG A 94 -0.79 5.57 15.11
C ARG A 94 -0.92 4.30 14.27
N LYS A 95 -1.95 3.51 14.55
CA LYS A 95 -2.18 2.27 13.83
C LYS A 95 -2.73 2.55 12.43
N GLU A 96 -3.63 3.53 12.34
CA GLU A 96 -4.22 3.89 11.06
C GLU A 96 -3.16 4.39 10.08
N GLU A 97 -2.30 5.29 10.56
CA GLU A 97 -1.24 5.84 9.73
C GLU A 97 -0.18 4.80 9.44
N ARG A 98 0.22 4.05 10.46
CA ARG A 98 1.23 3.02 10.32
C ARG A 98 0.78 1.94 9.34
N SER A 99 -0.46 1.48 9.51
CA SER A 99 -1.02 0.45 8.63
C SER A 99 -1.16 0.96 7.21
N TRP A 100 -1.85 2.09 7.06
CA TRP A 100 -2.05 2.68 5.74
C TRP A 100 -0.73 2.96 5.05
N GLU A 101 0.22 3.53 5.80
CA GLU A 101 1.53 3.85 5.25
C GLU A 101 2.22 2.59 4.72
N GLN A 102 2.34 1.58 5.59
CA GLN A 102 2.98 0.33 5.21
C GLN A 102 2.28 -0.29 3.99
N LYS A 103 0.97 -0.41 4.07
CA LYS A 103 0.19 -0.98 2.98
C LYS A 103 0.43 -0.23 1.68
N LEU A 104 0.60 1.09 1.78
CA LEU A 104 0.83 1.93 0.61
C LEU A 104 2.20 1.61 0.00
N GLU A 105 3.24 1.71 0.81
CA GLU A 105 4.60 1.44 0.33
C GLU A 105 4.68 0.06 -0.33
N GLU A 106 4.01 -0.91 0.27
CA GLU A 106 4.01 -2.26 -0.26
C GLU A 106 3.15 -2.36 -1.51
N MET A 107 2.03 -1.63 -1.51
CA MET A 107 1.12 -1.63 -2.65
C MET A 107 1.83 -1.16 -3.91
N ARG A 108 2.59 -0.06 -3.80
CA ARG A 108 3.32 0.48 -4.94
C ARG A 108 4.59 -0.32 -5.20
N LYS A 109 5.20 -0.82 -4.14
CA LYS A 109 6.43 -1.60 -4.25
C LYS A 109 6.16 -2.93 -4.95
N LYS A 110 4.98 -3.48 -4.72
CA LYS A 110 4.59 -4.76 -5.33
C LYS A 110 3.99 -4.54 -6.71
N GLU A 111 3.08 -3.58 -6.81
CA GLU A 111 2.42 -3.26 -8.07
C GLU A 111 3.45 -2.86 -9.13
N LYS A 112 4.37 -1.99 -8.75
CA LYS A 112 5.41 -1.54 -9.67
C LYS A 112 6.19 -2.71 -10.24
N SER A 113 6.22 -3.82 -9.50
CA SER A 113 6.94 -5.01 -9.93
C SER A 113 5.95 -6.09 -10.41
N MET A 114 4.78 -5.65 -10.83
CA MET A 114 3.75 -6.58 -11.31
C MET A 114 4.31 -7.51 -12.38
N PRO A 115 3.62 -8.64 -12.60
CA PRO A 115 4.03 -9.64 -13.59
C PRO A 115 3.87 -9.13 -15.02
N TRP A 116 2.83 -8.33 -15.24
CA TRP A 116 2.56 -7.79 -16.57
C TRP A 116 3.67 -6.85 -17.00
N ASN A 117 4.28 -6.16 -16.04
CA ASN A 117 5.35 -5.21 -16.32
C ASN A 117 6.68 -5.94 -16.49
N VAL A 118 7.25 -6.40 -15.37
CA VAL A 118 8.52 -7.12 -15.40
C VAL A 118 8.32 -8.56 -15.83
N ASP A 119 7.78 -8.74 -17.03
CA ASP A 119 7.54 -10.08 -17.57
C ASP A 119 8.82 -10.92 -17.53
N THR A 120 8.89 -11.81 -16.55
CA THR A 120 10.06 -12.68 -16.39
C THR A 120 9.71 -13.94 -15.61
N LEU A 121 10.68 -14.83 -15.46
CA LEU A 121 10.48 -16.08 -14.74
C LEU A 121 10.90 -15.93 -13.28
N SER A 122 9.94 -15.55 -12.43
CA SER A 122 10.21 -15.36 -11.01
C SER A 122 8.95 -14.94 -10.27
N LYS A 123 9.02 -14.93 -8.95
CA LYS A 123 7.88 -14.54 -8.13
C LYS A 123 6.67 -15.43 -8.40
N ASP A 124 6.50 -16.45 -7.58
CA ASP A 124 5.38 -17.38 -7.73
C ASP A 124 4.09 -16.75 -7.25
N GLY A 125 4.21 -15.72 -6.43
CA GLY A 125 3.04 -15.04 -5.90
C GLY A 125 2.48 -15.71 -4.66
N PHE A 126 3.37 -16.08 -3.74
CA PHE A 126 2.96 -16.75 -2.50
C PHE A 126 2.52 -15.73 -1.46
N SER A 127 1.39 -16.00 -0.82
CA SER A 127 0.86 -15.10 0.20
C SER A 127 0.88 -15.77 1.58
N LYS A 128 1.04 -14.95 2.62
CA LYS A 128 1.08 -15.45 3.98
C LYS A 128 -0.23 -16.17 4.35
N MET A 3 10.28 3.66 12.27
CA MET A 3 11.59 3.24 11.78
C MET A 3 11.71 1.72 11.80
N VAL A 4 12.75 1.20 11.16
CA VAL A 4 12.99 -0.23 11.11
C VAL A 4 11.74 -0.98 10.64
N ASP A 5 11.61 -1.14 9.32
CA ASP A 5 10.47 -1.83 8.74
C ASP A 5 10.92 -2.92 7.78
N TYR A 6 12.20 -3.28 7.86
CA TYR A 6 12.76 -4.31 7.00
C TYR A 6 12.58 -3.95 5.53
N SER A 7 13.13 -4.77 4.65
CA SER A 7 13.04 -4.54 3.21
C SER A 7 13.29 -5.83 2.44
N VAL A 8 12.21 -6.50 2.05
CA VAL A 8 12.30 -7.75 1.30
C VAL A 8 12.74 -7.49 -0.13
N TRP A 9 12.68 -6.23 -0.54
CA TRP A 9 13.06 -5.85 -1.90
C TRP A 9 14.51 -6.22 -2.18
N ASP A 10 15.29 -6.38 -1.11
CA ASP A 10 16.70 -6.74 -1.24
C ASP A 10 16.97 -8.11 -0.62
N HIS A 11 15.95 -8.69 -0.01
CA HIS A 11 16.09 -10.00 0.63
C HIS A 11 16.69 -11.02 -0.34
N ILE A 12 16.39 -10.85 -1.63
CA ILE A 12 16.91 -11.75 -2.65
C ILE A 12 17.71 -10.98 -3.70
N GLU A 13 17.33 -9.73 -3.93
CA GLU A 13 18.01 -8.89 -4.91
C GLU A 13 17.90 -9.49 -6.31
N VAL A 14 17.02 -8.91 -7.12
CA VAL A 14 16.82 -9.38 -8.49
C VAL A 14 16.96 -8.24 -9.49
N SER A 15 17.41 -7.09 -9.01
CA SER A 15 17.60 -5.92 -9.86
C SER A 15 16.26 -5.43 -10.39
N ASP A 16 15.22 -5.58 -9.59
CA ASP A 16 13.88 -5.14 -9.98
C ASP A 16 13.37 -5.95 -11.18
N ASP A 17 13.89 -7.16 -11.32
CA ASP A 17 13.49 -8.03 -12.43
C ASP A 17 13.64 -7.32 -13.76
N GLU A 18 14.85 -6.84 -14.04
CA GLU A 18 15.12 -6.14 -15.28
C GLU A 18 16.58 -5.69 -15.36
N ASP A 19 17.25 -6.04 -16.45
CA ASP A 19 18.65 -5.67 -16.64
C ASP A 19 18.82 -4.77 -17.86
N GLU A 20 20.07 -4.47 -18.20
CA GLU A 20 20.37 -3.62 -19.35
C GLU A 20 20.52 -4.45 -20.61
N THR A 21 19.57 -5.35 -20.84
CA THR A 21 19.61 -6.21 -22.02
C THR A 21 18.40 -7.15 -22.05
N HIS A 22 17.24 -6.60 -22.40
CA HIS A 22 16.02 -7.39 -22.48
C HIS A 22 15.22 -7.05 -23.74
N PRO A 23 15.77 -7.43 -24.90
CA PRO A 23 15.14 -7.18 -26.20
C PRO A 23 13.88 -8.02 -26.40
N ASN A 24 13.00 -7.55 -27.27
CA ASN A 24 11.76 -8.26 -27.55
C ASN A 24 10.95 -7.55 -28.64
N ILE A 25 11.65 -7.03 -29.65
CA ILE A 25 11.00 -6.33 -30.75
C ILE A 25 11.09 -7.12 -32.03
N ASP A 26 9.99 -7.17 -32.77
CA ASP A 26 9.93 -7.89 -34.04
C ASP A 26 8.76 -7.43 -34.89
N THR A 27 7.55 -7.84 -34.50
CA THR A 27 6.35 -7.45 -35.23
C THR A 27 5.15 -7.39 -34.30
N ALA A 28 4.65 -8.56 -33.87
CA ALA A 28 3.50 -8.61 -32.97
C ALA A 28 3.87 -8.13 -31.58
N SER A 29 5.16 -8.23 -31.24
CA SER A 29 5.63 -7.80 -29.93
C SER A 29 5.21 -6.36 -29.64
N LEU A 30 5.25 -5.52 -30.66
CA LEU A 30 4.88 -4.12 -30.52
C LEU A 30 3.46 -4.00 -29.94
N PHE A 31 2.51 -4.70 -30.56
CA PHE A 31 1.13 -4.67 -30.11
C PHE A 31 1.00 -5.27 -28.71
N ARG A 32 1.58 -6.46 -28.52
CA ARG A 32 1.52 -7.13 -27.23
C ARG A 32 2.02 -6.23 -26.11
N TRP A 33 3.20 -5.63 -26.32
CA TRP A 33 3.78 -4.73 -25.34
C TRP A 33 2.90 -3.52 -25.10
N ARG A 34 2.43 -2.92 -26.18
CA ARG A 34 1.57 -1.74 -26.10
C ARG A 34 0.38 -2.01 -25.20
N HIS A 35 -0.24 -3.18 -25.37
CA HIS A 35 -1.40 -3.57 -24.57
C HIS A 35 -1.01 -3.79 -23.11
N GLN A 36 0.07 -4.55 -22.91
CA GLN A 36 0.55 -4.84 -21.56
C GLN A 36 0.84 -3.55 -20.79
N ALA A 37 1.53 -2.63 -21.45
CA ALA A 37 1.88 -1.35 -20.84
C ALA A 37 0.63 -0.52 -20.56
N ARG A 38 -0.17 -0.29 -21.60
CA ARG A 38 -1.39 0.49 -21.46
C ARG A 38 -2.27 -0.05 -20.33
N VAL A 39 -2.50 -1.36 -20.34
CA VAL A 39 -3.32 -1.99 -19.32
C VAL A 39 -2.63 -1.93 -17.95
N GLU A 40 -1.31 -2.04 -17.96
CA GLU A 40 -0.54 -1.99 -16.72
C GLU A 40 -0.77 -0.68 -15.97
N ARG A 41 -0.43 0.43 -16.63
CA ARG A 41 -0.61 1.74 -16.03
C ARG A 41 -2.08 2.04 -15.80
N MET A 42 -2.92 1.62 -16.74
CA MET A 42 -4.36 1.84 -16.64
C MET A 42 -4.92 1.19 -15.39
N GLU A 43 -4.78 -0.12 -15.28
CA GLU A 43 -5.27 -0.86 -14.13
C GLU A 43 -4.65 -0.34 -12.84
N GLN A 44 -3.33 -0.20 -12.83
CA GLN A 44 -2.62 0.29 -11.65
C GLN A 44 -3.10 1.69 -11.28
N PHE A 45 -3.51 2.47 -12.28
CA PHE A 45 -4.00 3.82 -12.05
C PHE A 45 -5.36 3.81 -11.36
N GLN A 46 -6.34 3.22 -12.02
CA GLN A 46 -7.70 3.14 -11.47
C GLN A 46 -7.70 2.38 -10.15
N LYS A 47 -6.86 1.35 -10.05
CA LYS A 47 -6.77 0.56 -8.83
C LYS A 47 -6.16 1.37 -7.70
N GLU A 48 -4.93 1.82 -7.89
CA GLU A 48 -4.24 2.62 -6.88
C GLU A 48 -5.05 3.85 -6.51
N LYS A 49 -5.62 4.50 -7.51
CA LYS A 49 -6.43 5.70 -7.29
C LYS A 49 -7.63 5.40 -6.40
N GLU A 50 -8.44 4.44 -6.83
CA GLU A 50 -9.63 4.04 -6.07
C GLU A 50 -9.27 3.73 -4.62
N GLU A 51 -8.19 2.96 -4.44
CA GLU A 51 -7.74 2.58 -3.11
C GLU A 51 -7.29 3.81 -2.32
N LEU A 52 -6.70 4.77 -3.03
CA LEU A 52 -6.21 5.99 -2.40
C LEU A 52 -7.36 6.81 -1.83
N ASP A 53 -8.27 7.23 -2.69
CA ASP A 53 -9.43 8.02 -2.29
C ASP A 53 -10.28 7.24 -1.28
N ARG A 54 -10.35 5.92 -1.47
CA ARG A 54 -11.13 5.08 -0.58
C ARG A 54 -10.51 5.03 0.82
N GLY A 55 -9.22 4.71 0.87
CA GLY A 55 -8.53 4.63 2.15
C GLY A 55 -8.38 5.99 2.80
N CYS A 56 -8.29 7.04 1.99
CA CYS A 56 -8.14 8.39 2.50
C CYS A 56 -9.43 8.88 3.17
N ARG A 57 -10.54 8.76 2.44
CA ARG A 57 -11.84 9.18 2.97
C ARG A 57 -12.26 8.31 4.14
N GLU A 58 -12.05 7.00 4.01
CA GLU A 58 -12.41 6.07 5.06
C GLU A 58 -11.60 6.32 6.33
N CYS A 59 -10.29 6.41 6.17
CA CYS A 59 -9.40 6.66 7.31
C CYS A 59 -9.75 7.97 8.00
N LYS A 60 -9.80 9.06 7.23
CA LYS A 60 -10.12 10.38 7.77
C LYS A 60 -11.44 10.34 8.52
N ARG A 61 -12.44 9.69 7.93
CA ARG A 61 -13.77 9.59 8.55
C ARG A 61 -13.66 8.92 9.91
N LYS A 62 -13.18 7.67 9.93
CA LYS A 62 -13.04 6.93 11.17
C LYS A 62 -12.18 7.69 12.18
N VAL A 63 -10.96 8.02 11.77
CA VAL A 63 -10.04 8.75 12.64
C VAL A 63 -10.71 10.01 13.20
N ALA A 64 -11.52 10.66 12.37
CA ALA A 64 -12.22 11.87 12.78
C ALA A 64 -13.19 11.58 13.92
N GLU A 65 -14.13 10.68 13.68
CA GLU A 65 -15.12 10.33 14.68
C GLU A 65 -14.45 9.81 15.95
N CYS A 66 -13.61 8.79 15.80
CA CYS A 66 -12.90 8.20 16.93
C CYS A 66 -12.18 9.28 17.74
N GLN A 67 -11.43 10.13 17.04
CA GLN A 67 -10.68 11.20 17.70
C GLN A 67 -11.62 12.07 18.54
N ARG A 68 -12.67 12.58 17.92
CA ARG A 68 -13.63 13.44 18.61
C ARG A 68 -14.23 12.71 19.81
N LYS A 69 -14.38 11.39 19.69
CA LYS A 69 -14.93 10.59 20.78
C LYS A 69 -13.95 10.49 21.94
N LEU A 70 -12.81 9.88 21.68
CA LEU A 70 -11.78 9.72 22.71
C LEU A 70 -11.38 11.08 23.29
N LYS A 71 -11.50 12.12 22.47
CA LYS A 71 -11.15 13.46 22.90
C LYS A 71 -12.20 14.03 23.85
N GLU A 72 -13.46 13.88 23.47
CA GLU A 72 -14.57 14.38 24.29
C GLU A 72 -14.64 13.63 25.61
N LEU A 73 -14.25 12.36 25.59
CA LEU A 73 -14.27 11.54 26.80
C LEU A 73 -13.00 11.71 27.60
N GLU A 74 -11.90 12.00 26.90
CA GLU A 74 -10.60 12.20 27.55
C GLU A 74 -10.71 13.25 28.65
N VAL A 75 -11.71 14.11 28.54
CA VAL A 75 -11.92 15.17 29.53
C VAL A 75 -12.69 14.65 30.73
N ALA A 76 -13.52 13.64 30.51
CA ALA A 76 -14.32 13.04 31.58
C ALA A 76 -13.42 12.35 32.60
N GLU A 77 -13.80 12.46 33.88
CA GLU A 77 -13.03 11.84 34.95
C GLU A 77 -12.79 10.35 34.67
N GLY A 78 -11.91 9.74 35.45
CA GLY A 78 -11.61 8.33 35.27
C GLY A 78 -10.13 8.03 35.43
N GLY A 79 -9.76 7.55 36.62
CA GLY A 79 -8.36 7.23 36.87
C GLY A 79 -7.78 6.29 35.84
N LYS A 80 -7.89 4.99 36.09
CA LYS A 80 -7.36 3.98 35.18
C LYS A 80 -7.99 4.14 33.79
N ALA A 81 -9.18 4.71 33.74
CA ALA A 81 -9.88 4.92 32.48
C ALA A 81 -9.01 5.68 31.49
N GLU A 82 -8.09 6.50 32.02
CA GLU A 82 -7.20 7.28 31.18
C GLU A 82 -6.37 6.38 30.27
N LEU A 83 -5.91 5.27 30.82
CA LEU A 83 -5.10 4.32 30.07
C LEU A 83 -5.95 3.61 29.00
N GLU A 84 -7.20 3.36 29.33
CA GLU A 84 -8.12 2.69 28.41
C GLU A 84 -8.36 3.55 27.17
N ARG A 85 -8.67 4.83 27.39
CA ARG A 85 -8.93 5.75 26.30
C ARG A 85 -7.65 6.04 25.51
N LEU A 86 -6.55 6.21 26.24
CA LEU A 86 -5.26 6.49 25.61
C LEU A 86 -4.77 5.29 24.82
N GLN A 87 -5.05 4.10 25.33
CA GLN A 87 -4.63 2.86 24.66
C GLN A 87 -5.42 2.64 23.38
N ALA A 88 -6.74 2.69 23.48
CA ALA A 88 -7.60 2.50 22.33
C ALA A 88 -7.35 3.57 21.26
N GLU A 89 -7.16 4.80 21.72
CA GLU A 89 -6.90 5.91 20.80
C GLU A 89 -5.54 5.77 20.13
N ALA A 90 -4.49 5.83 20.93
CA ALA A 90 -3.13 5.71 20.42
C ALA A 90 -3.00 4.50 19.49
N GLN A 91 -3.66 3.41 19.86
CA GLN A 91 -3.62 2.18 19.07
C GLN A 91 -4.44 2.33 17.80
N GLN A 92 -5.55 3.08 17.89
CA GLN A 92 -6.41 3.30 16.74
C GLN A 92 -5.66 4.01 15.61
N LEU A 93 -5.06 5.15 15.93
CA LEU A 93 -4.32 5.92 14.95
C LEU A 93 -3.04 5.19 14.54
N ARG A 94 -2.27 4.75 15.53
CA ARG A 94 -1.02 4.04 15.27
C ARG A 94 -1.26 2.87 14.31
N LYS A 95 -2.38 2.18 14.49
CA LYS A 95 -2.73 1.04 13.65
C LYS A 95 -3.21 1.51 12.27
N GLU A 96 -3.98 2.58 12.26
CA GLU A 96 -4.50 3.12 11.02
C GLU A 96 -3.37 3.59 10.11
N GLU A 97 -2.43 4.35 10.68
CA GLU A 97 -1.29 4.86 9.92
C GLU A 97 -0.34 3.73 9.54
N ARG A 98 -0.05 2.85 10.51
CA ARG A 98 0.85 1.74 10.29
C ARG A 98 0.30 0.81 9.21
N SER A 99 -0.98 0.47 9.32
CA SER A 99 -1.62 -0.43 8.36
C SER A 99 -1.67 0.23 6.97
N TRP A 100 -2.22 1.43 6.91
CA TRP A 100 -2.34 2.15 5.65
C TRP A 100 -0.96 2.35 5.02
N GLU A 101 0.03 2.70 5.84
CA GLU A 101 1.38 2.93 5.35
C GLU A 101 1.94 1.66 4.70
N GLN A 102 1.92 0.56 5.44
CA GLN A 102 2.42 -0.72 4.94
C GLN A 102 1.69 -1.12 3.66
N LYS A 103 0.37 -1.11 3.71
CA LYS A 103 -0.45 -1.48 2.57
C LYS A 103 -0.07 -0.64 1.34
N LEU A 104 0.18 0.64 1.56
CA LEU A 104 0.56 1.55 0.48
C LEU A 104 1.89 1.13 -0.14
N GLU A 105 2.92 1.03 0.69
CA GLU A 105 4.24 0.64 0.22
C GLU A 105 4.17 -0.66 -0.57
N GLU A 106 3.35 -1.59 -0.10
CA GLU A 106 3.20 -2.88 -0.77
C GLU A 106 2.42 -2.72 -2.08
N MET A 107 1.35 -1.94 -2.03
CA MET A 107 0.53 -1.71 -3.21
C MET A 107 1.36 -1.17 -4.36
N ARG A 108 2.24 -0.22 -4.06
CA ARG A 108 3.10 0.39 -5.06
C ARG A 108 4.27 -0.54 -5.40
N LYS A 109 4.78 -1.23 -4.39
CA LYS A 109 5.90 -2.15 -4.58
C LYS A 109 5.51 -3.31 -5.49
N LYS A 110 4.25 -3.74 -5.38
CA LYS A 110 3.74 -4.83 -6.20
C LYS A 110 3.25 -4.33 -7.55
N GLU A 111 2.48 -3.25 -7.53
CA GLU A 111 1.94 -2.67 -8.76
C GLU A 111 3.06 -2.33 -9.73
N LYS A 112 4.09 -1.67 -9.23
CA LYS A 112 5.23 -1.28 -10.06
C LYS A 112 5.93 -2.51 -10.64
N SER A 113 5.79 -3.64 -9.95
CA SER A 113 6.40 -4.89 -10.40
C SER A 113 5.34 -5.86 -10.91
N MET A 114 4.21 -5.31 -11.35
CA MET A 114 3.12 -6.13 -11.87
C MET A 114 3.63 -7.09 -12.94
N PRO A 115 2.84 -8.16 -13.20
CA PRO A 115 3.18 -9.16 -14.21
C PRO A 115 3.09 -8.62 -15.63
N TRP A 116 2.18 -7.67 -15.84
CA TRP A 116 2.00 -7.08 -17.16
C TRP A 116 3.18 -6.20 -17.53
N ASN A 117 3.88 -5.69 -16.52
CA ASN A 117 5.04 -4.84 -16.74
C ASN A 117 6.33 -5.65 -16.65
N VAL A 118 6.50 -6.38 -15.55
CA VAL A 118 7.68 -7.20 -15.34
C VAL A 118 7.74 -8.35 -16.36
N ASP A 119 6.58 -8.75 -16.86
CA ASP A 119 6.51 -9.83 -17.82
C ASP A 119 6.86 -11.17 -17.18
N THR A 120 8.15 -11.39 -16.94
CA THR A 120 8.61 -12.63 -16.34
C THR A 120 8.16 -12.73 -14.88
N LEU A 121 8.16 -13.94 -14.35
CA LEU A 121 7.76 -14.16 -12.96
C LEU A 121 8.73 -13.49 -11.99
N SER A 122 8.31 -13.37 -10.74
CA SER A 122 9.14 -12.74 -9.72
C SER A 122 8.72 -13.19 -8.32
N LYS A 123 7.50 -12.83 -7.94
CA LYS A 123 6.97 -13.20 -6.62
C LYS A 123 5.46 -13.07 -6.60
N ASP A 124 4.87 -13.26 -5.42
CA ASP A 124 3.42 -13.16 -5.26
C ASP A 124 3.06 -12.00 -4.34
N GLY A 125 4.02 -11.56 -3.53
CA GLY A 125 3.79 -10.46 -2.61
C GLY A 125 2.68 -10.77 -1.62
N PHE A 126 2.72 -11.97 -1.05
CA PHE A 126 1.72 -12.40 -0.08
C PHE A 126 1.67 -11.43 1.11
N SER A 127 0.51 -11.35 1.74
CA SER A 127 0.33 -10.47 2.89
C SER A 127 0.11 -11.27 4.18
N LYS A 128 1.02 -11.11 5.13
CA LYS A 128 0.95 -11.81 6.40
C LYS A 128 0.77 -13.31 6.18
N MET A 3 16.01 10.80 0.23
CA MET A 3 15.50 11.78 -0.72
C MET A 3 15.97 11.46 -2.13
N VAL A 4 15.02 11.37 -3.06
CA VAL A 4 15.35 11.06 -4.45
C VAL A 4 16.22 9.82 -4.56
N ASP A 5 15.60 8.66 -4.53
CA ASP A 5 16.32 7.40 -4.62
C ASP A 5 15.36 6.21 -4.59
N TYR A 6 15.91 5.00 -4.59
CA TYR A 6 15.10 3.79 -4.57
C TYR A 6 14.42 3.62 -3.21
N SER A 7 13.87 2.44 -2.97
CA SER A 7 13.19 2.14 -1.72
C SER A 7 11.95 3.02 -1.56
N VAL A 8 10.89 2.68 -2.28
CA VAL A 8 9.65 3.43 -2.22
C VAL A 8 9.20 3.63 -0.78
N TRP A 9 8.68 2.58 -0.17
CA TRP A 9 8.22 2.64 1.21
C TRP A 9 9.37 2.47 2.18
N ASP A 10 10.57 2.24 1.64
CA ASP A 10 11.76 2.06 2.47
C ASP A 10 11.58 0.90 3.44
N HIS A 11 12.66 0.56 4.15
CA HIS A 11 12.63 -0.53 5.12
C HIS A 11 12.63 -1.88 4.42
N ILE A 12 11.76 -2.04 3.42
CA ILE A 12 11.66 -3.28 2.67
C ILE A 12 12.70 -3.33 1.55
N GLU A 13 12.99 -2.17 0.98
CA GLU A 13 13.96 -2.07 -0.10
C GLU A 13 13.55 -2.94 -1.29
N VAL A 14 12.98 -2.29 -2.30
CA VAL A 14 12.54 -3.00 -3.50
C VAL A 14 13.18 -2.42 -4.75
N SER A 15 14.13 -1.52 -4.56
CA SER A 15 14.81 -0.88 -5.69
C SER A 15 13.86 -0.02 -6.49
N ASP A 16 12.89 0.58 -5.80
CA ASP A 16 11.89 1.42 -6.46
C ASP A 16 11.04 0.62 -7.43
N ASP A 17 10.91 -0.68 -7.17
CA ASP A 17 10.13 -1.56 -8.01
C ASP A 17 10.59 -1.49 -9.47
N GLU A 18 11.76 -2.08 -9.74
CA GLU A 18 12.31 -2.08 -11.08
C GLU A 18 13.65 -2.82 -11.11
N ASP A 19 13.95 -3.44 -12.26
CA ASP A 19 15.20 -4.17 -12.42
C ASP A 19 16.33 -3.24 -12.81
N GLU A 20 17.50 -3.83 -13.10
CA GLU A 20 18.66 -3.04 -13.50
C GLU A 20 19.04 -3.32 -14.95
N THR A 21 18.24 -4.15 -15.62
CA THR A 21 18.50 -4.50 -17.01
C THR A 21 17.45 -5.48 -17.53
N HIS A 22 16.52 -4.97 -18.33
CA HIS A 22 15.46 -5.80 -18.90
C HIS A 22 15.40 -5.64 -20.41
N PRO A 23 16.44 -6.14 -21.11
CA PRO A 23 16.53 -6.07 -22.56
C PRO A 23 15.50 -6.97 -23.26
N ASN A 24 15.04 -6.55 -24.42
CA ASN A 24 14.07 -7.31 -25.18
C ASN A 24 13.78 -6.66 -26.53
N ILE A 25 14.81 -6.57 -27.37
CA ILE A 25 14.66 -5.97 -28.69
C ILE A 25 14.74 -7.03 -29.79
N ASP A 26 14.02 -6.79 -30.88
CA ASP A 26 13.99 -7.71 -32.00
C ASP A 26 13.11 -7.19 -33.13
N THR A 27 11.80 -7.27 -32.93
CA THR A 27 10.84 -6.80 -33.93
C THR A 27 9.45 -6.64 -33.33
N ALA A 28 8.79 -7.76 -33.07
CA ALA A 28 7.45 -7.75 -32.49
C ALA A 28 7.52 -7.61 -30.98
N SER A 29 8.48 -8.27 -30.35
CA SER A 29 8.65 -8.21 -28.91
C SER A 29 8.80 -6.77 -28.43
N LEU A 30 9.35 -5.93 -29.31
CA LEU A 30 9.55 -4.52 -28.97
C LEU A 30 8.23 -3.82 -28.68
N PHE A 31 7.33 -3.85 -29.66
CA PHE A 31 6.01 -3.23 -29.51
C PHE A 31 5.22 -3.91 -28.40
N ARG A 32 5.21 -5.24 -28.41
CA ARG A 32 4.48 -6.01 -27.41
C ARG A 32 4.97 -5.67 -26.01
N TRP A 33 6.24 -5.97 -25.73
CA TRP A 33 6.82 -5.70 -24.43
C TRP A 33 6.60 -4.25 -24.02
N ARG A 34 7.01 -3.34 -24.88
CA ARG A 34 6.86 -1.91 -24.61
C ARG A 34 5.41 -1.58 -24.24
N HIS A 35 4.47 -2.22 -24.92
CA HIS A 35 3.05 -2.00 -24.66
C HIS A 35 2.68 -2.45 -23.25
N GLN A 36 2.84 -3.74 -22.99
CA GLN A 36 2.52 -4.29 -21.67
C GLN A 36 3.20 -3.48 -20.56
N ALA A 37 4.39 -2.99 -20.84
CA ALA A 37 5.14 -2.20 -19.87
C ALA A 37 4.46 -0.86 -19.61
N ARG A 38 4.13 -0.15 -20.68
CA ARG A 38 3.48 1.15 -20.56
C ARG A 38 2.18 1.04 -19.77
N VAL A 39 1.35 0.07 -20.14
CA VAL A 39 0.07 -0.15 -19.46
C VAL A 39 0.29 -0.59 -18.02
N GLU A 40 1.31 -1.41 -17.80
CA GLU A 40 1.63 -1.91 -16.47
C GLU A 40 2.17 -0.80 -15.58
N ARG A 41 2.82 0.18 -16.20
CA ARG A 41 3.37 1.31 -15.47
C ARG A 41 2.28 2.28 -15.04
N MET A 42 1.50 2.76 -16.01
CA MET A 42 0.42 3.69 -15.73
C MET A 42 -0.62 3.05 -14.82
N GLU A 43 -0.84 1.76 -14.98
CA GLU A 43 -1.82 1.03 -14.16
C GLU A 43 -1.30 0.85 -12.74
N GLN A 44 -0.11 0.27 -12.62
CA GLN A 44 0.51 0.04 -11.31
C GLN A 44 0.73 1.34 -10.58
N PHE A 45 1.09 2.39 -11.33
CA PHE A 45 1.35 3.70 -10.75
C PHE A 45 0.05 4.35 -10.30
N GLN A 46 -0.90 4.49 -11.23
CA GLN A 46 -2.18 5.11 -10.93
C GLN A 46 -2.90 4.35 -9.82
N LYS A 47 -2.80 3.02 -9.84
CA LYS A 47 -3.43 2.18 -8.83
C LYS A 47 -2.75 2.35 -7.48
N GLU A 48 -1.47 2.02 -7.42
CA GLU A 48 -0.70 2.13 -6.18
C GLU A 48 -0.82 3.54 -5.60
N LYS A 49 -0.74 4.55 -6.47
CA LYS A 49 -0.83 5.94 -6.05
C LYS A 49 -2.20 6.23 -5.44
N GLU A 50 -3.25 5.90 -6.18
CA GLU A 50 -4.62 6.13 -5.71
C GLU A 50 -4.83 5.53 -4.32
N GLU A 51 -4.37 4.29 -4.15
CA GLU A 51 -4.51 3.60 -2.87
C GLU A 51 -3.68 4.29 -1.79
N LEU A 52 -2.49 4.75 -2.16
CA LEU A 52 -1.61 5.43 -1.23
C LEU A 52 -2.24 6.72 -0.71
N ASP A 53 -2.57 7.61 -1.63
CA ASP A 53 -3.19 8.89 -1.26
C ASP A 53 -4.52 8.67 -0.56
N ARG A 54 -5.24 7.63 -0.98
CA ARG A 54 -6.54 7.31 -0.39
C ARG A 54 -6.37 6.84 1.05
N GLY A 55 -5.50 5.86 1.25
CA GLY A 55 -5.26 5.33 2.59
C GLY A 55 -4.56 6.34 3.49
N CYS A 56 -3.76 7.20 2.89
CA CYS A 56 -3.02 8.21 3.64
C CYS A 56 -3.97 9.29 4.18
N ARG A 57 -4.79 9.82 3.29
CA ARG A 57 -5.74 10.86 3.67
C ARG A 57 -6.81 10.30 4.61
N GLU A 58 -7.29 9.10 4.31
CA GLU A 58 -8.30 8.46 5.13
C GLU A 58 -7.78 8.18 6.54
N CYS A 59 -6.66 7.49 6.62
CA CYS A 59 -6.05 7.15 7.90
C CYS A 59 -5.72 8.42 8.69
N LYS A 60 -4.96 9.31 8.07
CA LYS A 60 -4.57 10.56 8.72
C LYS A 60 -5.79 11.31 9.25
N ARG A 61 -6.84 11.37 8.43
CA ARG A 61 -8.06 12.05 8.82
C ARG A 61 -8.65 11.43 10.09
N LYS A 62 -8.99 10.14 10.01
CA LYS A 62 -9.56 9.43 11.14
C LYS A 62 -8.66 9.56 12.37
N VAL A 63 -7.39 9.18 12.21
CA VAL A 63 -6.44 9.25 13.31
C VAL A 63 -6.40 10.64 13.92
N ALA A 64 -6.42 11.66 13.07
CA ALA A 64 -6.39 13.05 13.53
C ALA A 64 -7.59 13.35 14.43
N GLU A 65 -8.79 13.14 13.90
CA GLU A 65 -10.00 13.38 14.66
C GLU A 65 -9.99 12.62 15.98
N CYS A 66 -9.90 11.30 15.89
CA CYS A 66 -9.88 10.45 17.07
C CYS A 66 -8.81 10.92 18.06
N GLN A 67 -7.65 11.30 17.53
CA GLN A 67 -6.55 11.77 18.36
C GLN A 67 -6.98 12.97 19.21
N ARG A 68 -7.43 14.02 18.54
CA ARG A 68 -7.87 15.23 19.24
C ARG A 68 -8.98 14.92 20.23
N LYS A 69 -9.83 13.96 19.87
CA LYS A 69 -10.94 13.57 20.74
C LYS A 69 -10.43 12.87 21.99
N LEU A 70 -9.79 11.72 21.81
CA LEU A 70 -9.24 10.97 22.93
C LEU A 70 -8.26 11.80 23.73
N LYS A 71 -7.66 12.79 23.09
CA LYS A 71 -6.70 13.68 23.74
C LYS A 71 -7.41 14.65 24.67
N GLU A 72 -8.47 15.29 24.16
CA GLU A 72 -9.22 16.25 24.96
C GLU A 72 -9.99 15.55 26.08
N LEU A 73 -10.35 14.29 25.83
CA LEU A 73 -11.08 13.51 26.83
C LEU A 73 -10.14 12.84 27.81
N GLU A 74 -8.92 12.53 27.34
CA GLU A 74 -7.92 11.90 28.18
C GLU A 74 -7.71 12.69 29.47
N VAL A 75 -8.03 13.98 29.43
CA VAL A 75 -7.88 14.84 30.59
C VAL A 75 -9.08 14.73 31.53
N ALA A 76 -10.23 14.41 30.96
CA ALA A 76 -11.45 14.27 31.75
C ALA A 76 -11.41 13.00 32.59
N GLU A 77 -11.97 13.08 33.80
CA GLU A 77 -11.99 11.94 34.71
C GLU A 77 -12.79 10.78 34.11
N GLY A 78 -12.71 9.63 34.74
CA GLY A 78 -13.44 8.46 34.26
C GLY A 78 -12.63 7.18 34.40
N GLY A 79 -13.05 6.32 35.32
CA GLY A 79 -12.35 5.06 35.54
C GLY A 79 -12.33 4.19 34.30
N LYS A 80 -13.45 3.52 34.03
CA LYS A 80 -13.56 2.65 32.87
C LYS A 80 -13.23 3.41 31.58
N ALA A 81 -13.42 4.73 31.61
CA ALA A 81 -13.15 5.56 30.45
C ALA A 81 -11.75 5.31 29.91
N GLU A 82 -10.82 5.01 30.82
CA GLU A 82 -9.43 4.75 30.43
C GLU A 82 -9.36 3.66 29.37
N LEU A 83 -10.21 2.65 29.51
CA LEU A 83 -10.25 1.54 28.56
C LEU A 83 -10.71 2.02 27.18
N GLU A 84 -11.75 2.85 27.17
CA GLU A 84 -12.29 3.39 25.92
C GLU A 84 -11.24 4.21 25.19
N ARG A 85 -10.48 5.01 25.94
CA ARG A 85 -9.45 5.86 25.36
C ARG A 85 -8.33 5.02 24.75
N LEU A 86 -7.73 4.17 25.59
CA LEU A 86 -6.65 3.30 25.14
C LEU A 86 -7.11 2.36 24.03
N GLN A 87 -8.41 2.05 24.04
CA GLN A 87 -8.99 1.17 23.04
C GLN A 87 -9.02 1.83 21.67
N ALA A 88 -9.62 3.02 21.61
CA ALA A 88 -9.71 3.76 20.36
C ALA A 88 -8.33 4.10 19.82
N GLU A 89 -7.43 4.50 20.70
CA GLU A 89 -6.07 4.86 20.31
C GLU A 89 -5.30 3.62 19.82
N ALA A 90 -5.09 2.67 20.73
CA ALA A 90 -4.38 1.45 20.38
C ALA A 90 -4.93 0.83 19.11
N GLN A 91 -6.25 0.89 18.94
CA GLN A 91 -6.91 0.33 17.77
C GLN A 91 -6.65 1.19 16.54
N GLN A 92 -6.57 2.50 16.75
CA GLN A 92 -6.32 3.44 15.66
C GLN A 92 -4.97 3.16 15.00
N LEU A 93 -3.92 3.12 15.81
CA LEU A 93 -2.58 2.87 15.31
C LEU A 93 -2.43 1.43 14.81
N ARG A 94 -2.82 0.48 15.65
CA ARG A 94 -2.75 -0.93 15.30
C ARG A 94 -3.43 -1.20 13.96
N LYS A 95 -4.55 -0.53 13.74
CA LYS A 95 -5.30 -0.69 12.50
C LYS A 95 -4.61 0.04 11.34
N GLU A 96 -4.07 1.22 11.64
CA GLU A 96 -3.37 2.01 10.63
C GLU A 96 -2.14 1.28 10.11
N GLU A 97 -1.35 0.73 11.03
CA GLU A 97 -0.14 0.00 10.66
C GLU A 97 -0.48 -1.34 10.02
N ARG A 98 -1.43 -2.05 10.62
CA ARG A 98 -1.85 -3.35 10.11
C ARG A 98 -2.45 -3.21 8.71
N SER A 99 -3.29 -2.19 8.53
CA SER A 99 -3.93 -1.96 7.24
C SER A 99 -2.91 -1.51 6.20
N TRP A 100 -2.04 -0.59 6.59
CA TRP A 100 -1.00 -0.08 5.69
C TRP A 100 -0.07 -1.20 5.24
N GLU A 101 0.38 -2.00 6.19
CA GLU A 101 1.28 -3.11 5.90
C GLU A 101 0.61 -4.14 4.99
N GLN A 102 -0.55 -4.62 5.42
CA GLN A 102 -1.30 -5.62 4.66
C GLN A 102 -1.62 -5.08 3.27
N LYS A 103 -2.21 -3.90 3.21
CA LYS A 103 -2.58 -3.27 1.94
C LYS A 103 -1.38 -3.24 1.00
N LEU A 104 -0.29 -2.65 1.46
CA LEU A 104 0.93 -2.54 0.66
C LEU A 104 1.34 -3.90 0.12
N GLU A 105 1.55 -4.85 1.03
CA GLU A 105 1.96 -6.20 0.64
C GLU A 105 1.02 -6.77 -0.42
N GLU A 106 -0.27 -6.42 -0.31
CA GLU A 106 -1.27 -6.89 -1.27
C GLU A 106 -1.12 -6.18 -2.61
N MET A 107 -0.87 -4.88 -2.55
CA MET A 107 -0.71 -4.09 -3.77
C MET A 107 0.47 -4.59 -4.59
N ARG A 108 1.56 -4.93 -3.92
CA ARG A 108 2.75 -5.43 -4.59
C ARG A 108 2.59 -6.89 -4.98
N LYS A 109 1.92 -7.65 -4.12
CA LYS A 109 1.70 -9.08 -4.37
C LYS A 109 0.73 -9.27 -5.53
N LYS A 110 -0.20 -8.34 -5.69
CA LYS A 110 -1.18 -8.41 -6.77
C LYS A 110 -0.63 -7.79 -8.05
N GLU A 111 0.01 -6.64 -7.92
CA GLU A 111 0.59 -5.96 -9.07
C GLU A 111 1.69 -6.81 -9.72
N LYS A 112 2.56 -7.38 -8.89
CA LYS A 112 3.64 -8.21 -9.39
C LYS A 112 3.11 -9.46 -10.08
N SER A 113 1.90 -9.87 -9.70
CA SER A 113 1.27 -11.05 -10.28
C SER A 113 0.03 -10.66 -11.08
N MET A 114 -0.01 -9.42 -11.54
CA MET A 114 -1.14 -8.93 -12.33
C MET A 114 -1.45 -9.87 -13.48
N PRO A 115 -2.71 -9.84 -13.94
CA PRO A 115 -3.17 -10.69 -15.05
C PRO A 115 -2.57 -10.28 -16.38
N TRP A 116 -2.23 -8.99 -16.51
CA TRP A 116 -1.64 -8.48 -17.74
C TRP A 116 -0.24 -9.05 -17.95
N ASN A 117 0.44 -9.35 -16.85
CA ASN A 117 1.79 -9.90 -16.92
C ASN A 117 1.76 -11.38 -17.28
N VAL A 118 0.69 -12.07 -16.86
CA VAL A 118 0.55 -13.48 -17.14
C VAL A 118 -0.92 -13.92 -17.05
N ASP A 119 -1.59 -13.95 -18.20
CA ASP A 119 -2.99 -14.34 -18.25
C ASP A 119 -3.14 -15.84 -18.03
N THR A 120 -4.38 -16.29 -17.84
CA THR A 120 -4.66 -17.70 -17.62
C THR A 120 -4.04 -18.18 -16.30
N LEU A 121 -4.89 -18.44 -15.31
CA LEU A 121 -4.42 -18.92 -14.02
C LEU A 121 -3.54 -17.87 -13.34
N SER A 122 -4.10 -17.20 -12.33
CA SER A 122 -3.36 -16.17 -11.61
C SER A 122 -3.58 -16.31 -10.10
N LYS A 123 -3.56 -17.54 -9.62
CA LYS A 123 -3.75 -17.81 -8.20
C LYS A 123 -3.15 -19.16 -7.82
N ASP A 124 -2.71 -19.28 -6.57
CA ASP A 124 -2.12 -20.52 -6.08
C ASP A 124 -2.86 -21.02 -4.84
N GLY A 125 -4.09 -20.55 -4.66
CA GLY A 125 -4.88 -20.96 -3.52
C GLY A 125 -4.23 -20.59 -2.20
N PHE A 126 -3.72 -19.37 -2.12
CA PHE A 126 -3.06 -18.90 -0.91
C PHE A 126 -4.09 -18.54 0.17
N SER A 127 -3.62 -18.38 1.39
CA SER A 127 -4.49 -18.04 2.52
C SER A 127 -5.14 -16.68 2.30
N LYS A 128 -6.35 -16.51 2.84
CA LYS A 128 -7.07 -15.25 2.71
C LYS A 128 -7.16 -14.83 1.24
N MET A 3 11.38 -16.52 5.94
CA MET A 3 12.48 -17.21 6.61
C MET A 3 13.76 -17.12 5.78
N VAL A 4 13.77 -17.79 4.63
CA VAL A 4 14.93 -17.79 3.75
C VAL A 4 15.28 -16.37 3.31
N ASP A 5 16.36 -16.24 2.56
CA ASP A 5 16.81 -14.95 2.07
C ASP A 5 16.40 -14.74 0.61
N TYR A 6 16.00 -13.52 0.28
CA TYR A 6 15.58 -13.19 -1.07
C TYR A 6 16.26 -11.92 -1.57
N SER A 7 16.50 -11.85 -2.88
CA SER A 7 17.15 -10.70 -3.47
C SER A 7 16.16 -9.55 -3.67
N VAL A 8 16.27 -8.53 -2.82
CA VAL A 8 15.39 -7.37 -2.89
C VAL A 8 15.79 -6.45 -4.03
N TRP A 9 17.07 -6.13 -4.10
CA TRP A 9 17.59 -5.25 -5.15
C TRP A 9 17.06 -3.82 -4.97
N ASP A 10 16.40 -3.58 -3.85
CA ASP A 10 15.85 -2.27 -3.55
C ASP A 10 16.38 -1.74 -2.22
N HIS A 11 16.70 -2.66 -1.32
CA HIS A 11 17.22 -2.29 -0.01
C HIS A 11 18.40 -1.32 -0.13
N ILE A 12 19.10 -1.39 -1.26
CA ILE A 12 20.24 -0.52 -1.51
C ILE A 12 19.99 0.39 -2.72
N GLU A 13 19.05 -0.02 -3.57
CA GLU A 13 18.71 0.76 -4.76
C GLU A 13 19.92 0.90 -5.67
N VAL A 14 19.98 0.08 -6.72
CA VAL A 14 21.09 0.13 -7.66
C VAL A 14 20.70 0.89 -8.92
N SER A 15 19.41 0.91 -9.22
CA SER A 15 18.91 1.60 -10.41
C SER A 15 17.47 2.08 -10.19
N ASP A 16 17.10 2.24 -8.93
CA ASP A 16 15.75 2.69 -8.58
C ASP A 16 14.70 1.84 -9.28
N ASP A 17 14.97 0.54 -9.39
CA ASP A 17 14.04 -0.38 -10.03
C ASP A 17 13.75 0.05 -11.46
N GLU A 18 14.81 0.26 -12.25
CA GLU A 18 14.66 0.68 -13.64
C GLU A 18 16.02 0.83 -14.30
N ASP A 19 16.32 -0.07 -15.23
CA ASP A 19 17.59 -0.04 -15.95
C ASP A 19 17.75 1.27 -16.72
N GLU A 20 18.80 1.36 -17.52
CA GLU A 20 19.07 2.56 -18.30
C GLU A 20 18.70 2.34 -19.77
N THR A 21 18.17 1.17 -20.08
CA THR A 21 17.78 0.84 -21.44
C THR A 21 17.21 -0.58 -21.53
N HIS A 22 17.75 -1.47 -20.70
CA HIS A 22 17.30 -2.86 -20.67
C HIS A 22 17.35 -3.46 -22.07
N PRO A 23 18.56 -3.70 -22.59
CA PRO A 23 18.77 -4.28 -23.92
C PRO A 23 18.35 -5.73 -23.99
N ASN A 24 17.22 -6.00 -24.64
CA ASN A 24 16.71 -7.36 -24.78
C ASN A 24 15.45 -7.38 -25.62
N ILE A 25 15.38 -6.49 -26.60
CA ILE A 25 14.23 -6.40 -27.49
C ILE A 25 14.58 -6.90 -28.89
N ASP A 26 13.61 -7.51 -29.57
CA ASP A 26 13.81 -8.03 -30.91
C ASP A 26 12.59 -7.75 -31.79
N THR A 27 11.46 -8.36 -31.43
CA THR A 27 10.23 -8.18 -32.18
C THR A 27 9.01 -8.57 -31.34
N ALA A 28 9.14 -9.67 -30.61
CA ALA A 28 8.05 -10.14 -29.76
C ALA A 28 8.04 -9.42 -28.42
N SER A 29 9.21 -8.96 -27.99
CA SER A 29 9.34 -8.24 -26.72
C SER A 29 8.38 -7.06 -26.67
N LEU A 30 8.18 -6.41 -27.81
CA LEU A 30 7.28 -5.26 -27.88
C LEU A 30 5.87 -5.64 -27.46
N PHE A 31 5.29 -6.62 -28.16
CA PHE A 31 3.94 -7.08 -27.86
C PHE A 31 3.84 -7.57 -26.42
N ARG A 32 4.71 -8.52 -26.07
CA ARG A 32 4.72 -9.08 -24.72
C ARG A 32 4.79 -7.98 -23.67
N TRP A 33 5.73 -7.05 -23.85
CA TRP A 33 5.91 -5.95 -22.93
C TRP A 33 4.62 -5.15 -22.78
N ARG A 34 3.99 -4.83 -23.90
CA ARG A 34 2.75 -4.06 -23.89
C ARG A 34 1.69 -4.77 -23.06
N HIS A 35 1.37 -6.00 -23.43
CA HIS A 35 0.36 -6.79 -22.71
C HIS A 35 0.72 -6.89 -21.23
N GLN A 36 1.91 -7.43 -20.95
CA GLN A 36 2.36 -7.58 -19.57
C GLN A 36 2.26 -6.27 -18.81
N ALA A 37 2.52 -5.16 -19.50
CA ALA A 37 2.46 -3.84 -18.90
C ALA A 37 1.04 -3.51 -18.46
N ARG A 38 0.10 -3.58 -19.39
CA ARG A 38 -1.31 -3.28 -19.10
C ARG A 38 -1.81 -4.14 -17.94
N VAL A 39 -1.60 -5.45 -18.04
CA VAL A 39 -2.03 -6.37 -17.00
C VAL A 39 -1.34 -6.07 -15.67
N GLU A 40 -0.08 -5.68 -15.74
CA GLU A 40 0.69 -5.35 -14.54
C GLU A 40 0.05 -4.20 -13.79
N ARG A 41 -0.06 -3.05 -14.46
CA ARG A 41 -0.66 -1.86 -13.84
C ARG A 41 -2.14 -2.10 -13.52
N MET A 42 -2.76 -3.00 -14.28
CA MET A 42 -4.17 -3.31 -14.09
C MET A 42 -4.40 -3.96 -12.73
N GLU A 43 -3.76 -5.10 -12.50
CA GLU A 43 -3.90 -5.81 -11.24
C GLU A 43 -3.23 -5.05 -10.10
N GLN A 44 -2.16 -4.33 -10.44
CA GLN A 44 -1.43 -3.55 -9.44
C GLN A 44 -2.27 -2.37 -8.94
N PHE A 45 -2.72 -1.55 -9.88
CA PHE A 45 -3.54 -0.38 -9.53
C PHE A 45 -4.86 -0.81 -8.90
N GLN A 46 -5.49 -1.81 -9.49
CA GLN A 46 -6.77 -2.31 -8.99
C GLN A 46 -6.63 -2.84 -7.57
N LYS A 47 -5.62 -3.69 -7.36
CA LYS A 47 -5.37 -4.27 -6.04
C LYS A 47 -5.09 -3.18 -5.01
N GLU A 48 -4.03 -2.41 -5.24
CA GLU A 48 -3.65 -1.33 -4.34
C GLU A 48 -4.82 -0.39 -4.09
N LYS A 49 -5.66 -0.21 -5.11
CA LYS A 49 -6.83 0.66 -5.00
C LYS A 49 -7.81 0.12 -3.97
N GLU A 50 -8.32 -1.08 -4.20
CA GLU A 50 -9.27 -1.70 -3.29
C GLU A 50 -8.73 -1.71 -1.86
N GLU A 51 -7.44 -2.02 -1.73
CA GLU A 51 -6.80 -2.06 -0.43
C GLU A 51 -6.79 -0.68 0.23
N LEU A 52 -6.53 0.35 -0.58
CA LEU A 52 -6.48 1.72 -0.09
C LEU A 52 -7.85 2.14 0.45
N ASP A 53 -8.85 2.10 -0.40
CA ASP A 53 -10.21 2.48 -0.02
C ASP A 53 -10.69 1.63 1.14
N ARG A 54 -10.32 0.36 1.14
CA ARG A 54 -10.72 -0.56 2.20
C ARG A 54 -10.11 -0.16 3.53
N GLY A 55 -8.79 0.02 3.55
CA GLY A 55 -8.11 0.40 4.77
C GLY A 55 -8.46 1.81 5.21
N CYS A 56 -8.77 2.67 4.24
CA CYS A 56 -9.12 4.06 4.53
C CYS A 56 -10.46 4.14 5.24
N ARG A 57 -11.46 3.45 4.71
CA ARG A 57 -12.80 3.45 5.28
C ARG A 57 -12.80 2.72 6.62
N GLU A 58 -12.15 1.56 6.67
CA GLU A 58 -12.08 0.77 7.88
C GLU A 58 -11.40 1.55 9.00
N CYS A 59 -10.19 2.01 8.75
CA CYS A 59 -9.43 2.78 9.73
C CYS A 59 -10.19 4.02 10.16
N LYS A 60 -10.67 4.79 9.18
CA LYS A 60 -11.42 6.01 9.45
C LYS A 60 -12.56 5.74 10.43
N ARG A 61 -13.34 4.69 10.15
CA ARG A 61 -14.46 4.33 11.00
C ARG A 61 -13.99 3.98 12.41
N LYS A 62 -12.94 3.18 12.49
CA LYS A 62 -12.39 2.76 13.78
C LYS A 62 -11.97 3.98 14.60
N VAL A 63 -11.05 4.77 14.05
CA VAL A 63 -10.57 5.96 14.72
C VAL A 63 -11.70 6.94 15.01
N ALA A 64 -12.71 6.92 14.14
CA ALA A 64 -13.85 7.81 14.30
C ALA A 64 -14.62 7.50 15.58
N GLU A 65 -15.02 6.24 15.73
CA GLU A 65 -15.75 5.81 16.92
C GLU A 65 -14.90 5.96 18.17
N CYS A 66 -13.69 5.42 18.13
CA CYS A 66 -12.77 5.49 19.25
C CYS A 66 -12.57 6.93 19.70
N GLN A 67 -12.23 7.80 18.75
CA GLN A 67 -12.01 9.21 19.05
C GLN A 67 -13.24 9.84 19.69
N ARG A 68 -14.40 9.65 19.05
CA ARG A 68 -15.65 10.20 19.56
C ARG A 68 -15.92 9.70 20.98
N LYS A 69 -15.50 8.48 21.26
CA LYS A 69 -15.70 7.88 22.58
C LYS A 69 -14.84 8.58 23.62
N LEU A 70 -13.52 8.46 23.46
CA LEU A 70 -12.58 9.09 24.39
C LEU A 70 -12.81 10.59 24.48
N LYS A 71 -13.31 11.17 23.40
CA LYS A 71 -13.58 12.60 23.34
C LYS A 71 -14.82 12.96 24.16
N GLU A 72 -15.86 12.15 24.02
CA GLU A 72 -17.11 12.37 24.74
C GLU A 72 -16.92 12.10 26.23
N LEU A 73 -16.02 11.18 26.55
CA LEU A 73 -15.75 10.83 27.94
C LEU A 73 -14.73 11.76 28.55
N GLU A 74 -13.83 12.28 27.71
CA GLU A 74 -12.79 13.19 28.17
C GLU A 74 -13.40 14.37 28.94
N VAL A 75 -14.67 14.64 28.67
CA VAL A 75 -15.37 15.74 29.33
C VAL A 75 -15.92 15.30 30.69
N ALA A 76 -16.22 14.02 30.80
CA ALA A 76 -16.74 13.47 32.05
C ALA A 76 -15.65 13.37 33.11
N GLU A 77 -14.79 12.37 32.96
CA GLU A 77 -13.70 12.15 33.91
C GLU A 77 -12.90 13.43 34.11
N GLY A 78 -12.08 13.78 33.12
CA GLY A 78 -11.27 14.98 33.21
C GLY A 78 -10.01 14.78 34.03
N GLY A 79 -9.32 15.86 34.34
CA GLY A 79 -8.11 15.77 35.11
C GLY A 79 -7.12 14.78 34.53
N LYS A 80 -6.63 13.87 35.37
CA LYS A 80 -5.68 12.87 34.93
C LYS A 80 -6.21 12.10 33.72
N ALA A 81 -7.52 11.99 33.62
CA ALA A 81 -8.16 11.29 32.51
C ALA A 81 -7.82 11.95 31.17
N GLU A 82 -7.49 13.24 31.23
CA GLU A 82 -7.15 13.99 30.03
C GLU A 82 -5.98 13.34 29.30
N LEU A 83 -4.99 12.87 30.06
CA LEU A 83 -3.82 12.23 29.49
C LEU A 83 -4.18 10.87 28.88
N GLU A 84 -5.11 10.18 29.52
CA GLU A 84 -5.55 8.87 29.04
C GLU A 84 -6.22 8.98 27.67
N ARG A 85 -7.14 9.93 27.56
CA ARG A 85 -7.86 10.15 26.30
C ARG A 85 -6.92 10.71 25.23
N LEU A 86 -6.08 11.66 25.62
CA LEU A 86 -5.14 12.27 24.70
C LEU A 86 -4.09 11.26 24.23
N GLN A 87 -3.68 10.38 25.13
CA GLN A 87 -2.70 9.35 24.81
C GLN A 87 -3.27 8.33 23.84
N ALA A 88 -4.43 7.78 24.19
CA ALA A 88 -5.08 6.78 23.35
C ALA A 88 -5.43 7.35 21.98
N GLU A 89 -5.87 8.61 21.96
CA GLU A 89 -6.23 9.27 20.72
C GLU A 89 -5.00 9.52 19.85
N ALA A 90 -4.09 10.35 20.35
CA ALA A 90 -2.86 10.66 19.62
C ALA A 90 -2.17 9.40 19.13
N GLN A 91 -2.19 8.36 19.96
CA GLN A 91 -1.56 7.09 19.61
C GLN A 91 -2.39 6.35 18.56
N GLN A 92 -3.71 6.49 18.64
CA GLN A 92 -4.61 5.84 17.69
C GLN A 92 -4.34 6.31 16.27
N LEU A 93 -4.42 7.63 16.07
CA LEU A 93 -4.18 8.21 14.75
C LEU A 93 -2.72 8.04 14.33
N ARG A 94 -1.80 8.42 15.20
CA ARG A 94 -0.38 8.30 14.93
C ARG A 94 -0.03 6.89 14.45
N LYS A 95 -0.64 5.90 15.10
CA LYS A 95 -0.39 4.49 14.76
C LYS A 95 -1.07 4.13 13.44
N GLU A 96 -2.29 4.66 13.24
CA GLU A 96 -3.04 4.38 12.03
C GLU A 96 -2.31 4.94 10.80
N GLU A 97 -1.95 6.21 10.86
CA GLU A 97 -1.24 6.86 9.75
C GLU A 97 0.13 6.23 9.54
N ARG A 98 0.86 6.04 10.64
CA ARG A 98 2.20 5.45 10.57
C ARG A 98 2.14 4.04 9.99
N SER A 99 1.25 3.21 10.53
CA SER A 99 1.09 1.84 10.07
C SER A 99 0.79 1.81 8.58
N TRP A 100 -0.27 2.50 8.18
CA TRP A 100 -0.68 2.55 6.78
C TRP A 100 0.46 3.08 5.91
N GLU A 101 1.07 4.17 6.32
CA GLU A 101 2.16 4.78 5.58
C GLU A 101 3.22 3.74 5.24
N GLN A 102 3.78 3.10 6.27
CA GLN A 102 4.80 2.08 6.08
C GLN A 102 4.31 0.99 5.14
N LYS A 103 3.16 0.41 5.46
CA LYS A 103 2.58 -0.66 4.64
C LYS A 103 2.45 -0.21 3.19
N LEU A 104 2.19 1.08 2.99
CA LEU A 104 2.04 1.63 1.65
C LEU A 104 3.36 1.62 0.90
N GLU A 105 4.37 2.27 1.48
CA GLU A 105 5.68 2.33 0.86
C GLU A 105 6.19 0.94 0.50
N GLU A 106 5.96 -0.02 1.39
CA GLU A 106 6.39 -1.39 1.17
C GLU A 106 5.50 -2.07 0.12
N MET A 107 4.20 -1.78 0.19
CA MET A 107 3.24 -2.36 -0.74
C MET A 107 3.56 -1.95 -2.17
N ARG A 108 3.90 -0.68 -2.36
CA ARG A 108 4.23 -0.16 -3.68
C ARG A 108 5.65 -0.55 -4.09
N LYS A 109 6.55 -0.57 -3.11
CA LYS A 109 7.94 -0.92 -3.37
C LYS A 109 8.06 -2.38 -3.81
N LYS A 110 7.20 -3.23 -3.27
CA LYS A 110 7.20 -4.65 -3.62
C LYS A 110 6.36 -4.91 -4.86
N GLU A 111 5.13 -4.40 -4.85
CA GLU A 111 4.22 -4.57 -5.98
C GLU A 111 4.86 -4.10 -7.27
N LYS A 112 5.53 -2.95 -7.21
CA LYS A 112 6.20 -2.38 -8.37
C LYS A 112 7.16 -3.38 -8.99
N SER A 113 7.65 -4.31 -8.19
CA SER A 113 8.59 -5.33 -8.65
C SER A 113 7.96 -6.72 -8.58
N MET A 114 6.64 -6.76 -8.62
CA MET A 114 5.92 -8.03 -8.56
C MET A 114 6.43 -9.00 -9.62
N PRO A 115 6.26 -10.31 -9.36
CA PRO A 115 6.70 -11.36 -10.27
C PRO A 115 5.87 -11.41 -11.55
N TRP A 116 4.59 -11.08 -11.44
CA TRP A 116 3.71 -11.08 -12.59
C TRP A 116 4.14 -10.05 -13.62
N ASN A 117 4.82 -9.00 -13.15
CA ASN A 117 5.29 -7.94 -14.03
C ASN A 117 6.08 -8.51 -15.20
N VAL A 118 7.31 -8.95 -14.91
CA VAL A 118 8.18 -9.53 -15.93
C VAL A 118 7.55 -10.77 -16.55
N ASP A 119 6.74 -11.48 -15.76
CA ASP A 119 6.08 -12.68 -16.23
C ASP A 119 4.89 -12.35 -17.12
N THR A 120 4.27 -13.37 -17.69
CA THR A 120 3.12 -13.18 -18.57
C THR A 120 1.81 -13.34 -17.81
N LEU A 121 0.71 -12.95 -18.44
CA LEU A 121 -0.60 -13.04 -17.81
C LEU A 121 -1.69 -12.54 -18.77
N SER A 122 -2.95 -12.69 -18.35
CA SER A 122 -4.08 -12.27 -19.16
C SER A 122 -5.38 -12.35 -18.37
N LYS A 123 -6.40 -11.64 -18.84
CA LYS A 123 -7.70 -11.63 -18.18
C LYS A 123 -8.83 -11.57 -19.20
N ASP A 124 -10.05 -11.36 -18.72
CA ASP A 124 -11.21 -11.28 -19.58
C ASP A 124 -11.53 -9.84 -19.94
N GLY A 125 -11.02 -8.91 -19.13
CA GLY A 125 -11.25 -7.50 -19.37
C GLY A 125 -12.72 -7.12 -19.23
N PHE A 126 -13.37 -7.68 -18.23
CA PHE A 126 -14.79 -7.41 -17.99
C PHE A 126 -14.98 -6.01 -17.41
N SER A 127 -15.70 -5.16 -18.14
CA SER A 127 -15.95 -3.79 -17.69
C SER A 127 -17.27 -3.70 -16.95
N LYS A 128 -17.30 -2.89 -15.89
CA LYS A 128 -18.50 -2.71 -15.09
C LYS A 128 -19.00 -4.05 -14.55
N MET A 3 9.09 -4.48 13.32
CA MET A 3 10.02 -3.45 13.80
C MET A 3 11.39 -3.63 13.17
N VAL A 4 11.73 -4.87 12.82
CA VAL A 4 13.02 -5.16 12.20
C VAL A 4 13.20 -4.37 10.91
N ASP A 5 14.41 -4.45 10.35
CA ASP A 5 14.72 -3.74 9.11
C ASP A 5 13.90 -4.29 7.95
N TYR A 6 14.17 -3.79 6.75
CA TYR A 6 13.46 -4.23 5.56
C TYR A 6 14.43 -4.48 4.40
N SER A 7 13.95 -5.17 3.38
CA SER A 7 14.77 -5.47 2.21
C SER A 7 13.90 -5.93 1.04
N VAL A 8 12.96 -6.80 1.33
CA VAL A 8 12.05 -7.32 0.30
C VAL A 8 12.82 -8.15 -0.73
N TRP A 9 14.06 -8.51 -0.40
CA TRP A 9 14.89 -9.30 -1.29
C TRP A 9 14.44 -10.76 -1.30
N ASP A 10 13.82 -11.19 -0.21
CA ASP A 10 13.33 -12.56 -0.10
C ASP A 10 11.99 -12.62 0.61
N HIS A 11 11.57 -13.81 0.99
CA HIS A 11 10.28 -14.00 1.67
C HIS A 11 9.12 -13.90 0.69
N ILE A 12 9.11 -12.83 -0.11
CA ILE A 12 8.05 -12.63 -1.09
C ILE A 12 8.59 -12.75 -2.51
N GLU A 13 9.88 -12.46 -2.68
CA GLU A 13 10.51 -12.54 -3.99
C GLU A 13 9.85 -11.58 -4.98
N VAL A 14 10.52 -10.46 -5.23
CA VAL A 14 9.99 -9.46 -6.16
C VAL A 14 11.01 -9.14 -7.24
N SER A 15 12.09 -9.92 -7.29
CA SER A 15 13.15 -9.71 -8.28
C SER A 15 13.83 -8.37 -8.08
N ASP A 16 14.03 -8.00 -6.81
CA ASP A 16 14.68 -6.74 -6.48
C ASP A 16 13.91 -5.56 -7.06
N ASP A 17 12.61 -5.75 -7.25
CA ASP A 17 11.76 -4.70 -7.80
C ASP A 17 12.26 -4.23 -9.15
N GLU A 18 12.55 -5.19 -10.03
CA GLU A 18 13.05 -4.87 -11.37
C GLU A 18 14.33 -4.04 -11.28
N ASP A 19 14.85 -3.65 -12.45
CA ASP A 19 16.06 -2.85 -12.50
C ASP A 19 15.74 -1.39 -12.80
N GLU A 20 16.77 -0.60 -13.10
CA GLU A 20 16.59 0.82 -13.40
C GLU A 20 16.66 1.07 -14.90
N THR A 21 15.50 1.06 -15.55
CA THR A 21 15.44 1.29 -17.00
C THR A 21 16.15 0.17 -17.76
N HIS A 22 15.41 -0.48 -18.67
CA HIS A 22 15.97 -1.56 -19.47
C HIS A 22 15.23 -1.68 -20.80
N PRO A 23 15.41 -0.68 -21.67
CA PRO A 23 14.77 -0.65 -23.00
C PRO A 23 15.35 -1.71 -23.93
N ASN A 24 14.55 -2.10 -24.93
CA ASN A 24 14.99 -3.10 -25.90
C ASN A 24 13.94 -3.26 -27.01
N ILE A 25 13.28 -2.17 -27.35
CA ILE A 25 12.26 -2.19 -28.39
C ILE A 25 12.86 -2.62 -29.73
N ASP A 26 12.02 -2.64 -30.77
CA ASP A 26 12.46 -3.03 -32.10
C ASP A 26 11.36 -2.83 -33.12
N THR A 27 10.37 -3.73 -33.09
CA THR A 27 9.25 -3.65 -34.02
C THR A 27 7.93 -3.96 -33.32
N ALA A 28 7.72 -5.23 -32.99
CA ALA A 28 6.49 -5.65 -32.32
C ALA A 28 6.43 -5.07 -30.90
N SER A 29 7.59 -4.77 -30.34
CA SER A 29 7.66 -4.22 -28.99
C SER A 29 6.76 -3.00 -28.85
N LEU A 30 6.56 -2.28 -29.95
CA LEU A 30 5.71 -1.10 -29.96
C LEU A 30 4.26 -1.46 -29.61
N PHE A 31 3.67 -2.35 -30.41
CA PHE A 31 2.30 -2.77 -30.19
C PHE A 31 2.16 -3.44 -28.82
N ARG A 32 3.07 -4.35 -28.50
CA ARG A 32 3.05 -5.05 -27.22
C ARG A 32 3.12 -4.06 -26.06
N TRP A 33 4.04 -3.11 -26.16
CA TRP A 33 4.22 -2.11 -25.12
C TRP A 33 2.95 -1.30 -24.92
N ARG A 34 2.35 -0.87 -26.03
CA ARG A 34 1.13 -0.07 -25.98
C ARG A 34 0.01 -0.83 -25.27
N HIS A 35 -0.31 -2.02 -25.78
CA HIS A 35 -1.35 -2.85 -25.18
C HIS A 35 -1.03 -3.16 -23.72
N GLN A 36 0.14 -3.75 -23.49
CA GLN A 36 0.55 -4.11 -22.14
C GLN A 36 0.46 -2.92 -21.20
N ALA A 37 0.93 -1.76 -21.67
CA ALA A 37 0.88 -0.54 -20.87
C ALA A 37 -0.55 -0.21 -20.46
N ARG A 38 -1.42 -0.09 -21.46
CA ARG A 38 -2.82 0.23 -21.20
C ARG A 38 -3.43 -0.73 -20.17
N VAL A 39 -3.25 -2.02 -20.40
CA VAL A 39 -3.78 -3.04 -19.50
C VAL A 39 -3.19 -2.89 -18.10
N GLU A 40 -1.87 -2.75 -18.03
CA GLU A 40 -1.18 -2.60 -16.76
C GLU A 40 -1.71 -1.38 -16.00
N ARG A 41 -1.56 -0.21 -16.59
CA ARG A 41 -2.01 1.03 -15.98
C ARG A 41 -3.49 0.95 -15.61
N MET A 42 -4.25 0.23 -16.43
CA MET A 42 -5.68 0.06 -16.20
C MET A 42 -5.94 -0.65 -14.88
N GLU A 43 -5.43 -1.88 -14.77
CA GLU A 43 -5.60 -2.68 -13.56
C GLU A 43 -5.10 -1.92 -12.33
N GLN A 44 -3.89 -1.39 -12.43
CA GLN A 44 -3.30 -0.64 -11.32
C GLN A 44 -4.14 0.57 -10.97
N PHE A 45 -4.70 1.21 -11.99
CA PHE A 45 -5.53 2.39 -11.80
C PHE A 45 -6.78 2.05 -10.98
N GLN A 46 -7.61 1.15 -11.51
CA GLN A 46 -8.83 0.74 -10.82
C GLN A 46 -8.50 0.12 -9.46
N LYS A 47 -7.49 -0.75 -9.43
CA LYS A 47 -7.08 -1.42 -8.21
C LYS A 47 -6.65 -0.40 -7.16
N GLU A 48 -5.62 0.38 -7.47
CA GLU A 48 -5.11 1.38 -6.55
C GLU A 48 -6.22 2.38 -6.18
N LYS A 49 -7.06 2.71 -7.14
CA LYS A 49 -8.16 3.64 -6.91
C LYS A 49 -9.06 3.15 -5.78
N GLU A 50 -9.58 1.94 -5.93
CA GLU A 50 -10.46 1.36 -4.93
C GLU A 50 -9.75 1.24 -3.58
N GLU A 51 -8.53 0.72 -3.60
CA GLU A 51 -7.74 0.56 -2.38
C GLU A 51 -7.58 1.90 -1.67
N LEU A 52 -7.00 2.87 -2.37
CA LEU A 52 -6.78 4.19 -1.80
C LEU A 52 -8.07 4.76 -1.22
N ASP A 53 -9.07 4.95 -2.08
CA ASP A 53 -10.35 5.49 -1.67
C ASP A 53 -10.91 4.70 -0.49
N ARG A 54 -10.65 3.40 -0.48
CA ARG A 54 -11.13 2.53 0.59
C ARG A 54 -10.43 2.86 1.91
N GLY A 55 -9.10 2.95 1.87
CA GLY A 55 -8.34 3.25 3.06
C GLY A 55 -8.54 4.69 3.52
N CYS A 56 -8.82 5.58 2.58
CA CYS A 56 -9.03 6.98 2.90
C CYS A 56 -10.36 7.18 3.62
N ARG A 57 -11.43 6.65 3.04
CA ARG A 57 -12.76 6.78 3.63
C ARG A 57 -12.85 5.99 4.94
N GLU A 58 -12.27 4.79 4.94
CA GLU A 58 -12.29 3.95 6.13
C GLU A 58 -11.51 4.60 7.28
N CYS A 59 -10.29 4.99 7.00
CA CYS A 59 -9.44 5.63 8.01
C CYS A 59 -10.09 6.90 8.54
N LYS A 60 -10.45 7.81 7.63
CA LYS A 60 -11.08 9.07 7.99
C LYS A 60 -12.30 8.82 8.86
N ARG A 61 -13.13 7.86 8.47
CA ARG A 61 -14.34 7.54 9.20
C ARG A 61 -14.00 7.13 10.63
N LYS A 62 -13.22 6.06 10.77
CA LYS A 62 -12.82 5.56 12.09
C LYS A 62 -12.16 6.67 12.91
N VAL A 63 -11.09 7.23 12.36
CA VAL A 63 -10.36 8.30 13.02
C VAL A 63 -11.30 9.42 13.48
N ALA A 64 -12.24 9.78 12.60
CA ALA A 64 -13.20 10.82 12.91
C ALA A 64 -14.01 10.47 14.16
N GLU A 65 -14.70 9.34 14.11
CA GLU A 65 -15.51 8.89 15.24
C GLU A 65 -14.66 8.76 16.50
N CYS A 66 -13.61 7.96 16.41
CA CYS A 66 -12.72 7.74 17.55
C CYS A 66 -12.25 9.06 18.14
N GLN A 67 -11.74 9.93 17.28
CA GLN A 67 -11.25 11.23 17.72
C GLN A 67 -12.31 11.98 18.51
N ARG A 68 -13.49 12.13 17.93
CA ARG A 68 -14.59 12.82 18.57
C ARG A 68 -14.93 12.16 19.91
N LYS A 69 -14.77 10.84 19.98
CA LYS A 69 -15.05 10.09 21.20
C LYS A 69 -14.03 10.41 22.28
N LEU A 70 -12.76 10.07 22.03
CA LEU A 70 -11.69 10.33 22.98
C LEU A 70 -11.61 11.81 23.32
N LYS A 71 -12.02 12.66 22.38
CA LYS A 71 -11.99 14.10 22.58
C LYS A 71 -13.09 14.54 23.55
N GLU A 72 -14.30 14.04 23.32
CA GLU A 72 -15.43 14.38 24.17
C GLU A 72 -15.26 13.80 25.57
N LEU A 73 -14.55 12.68 25.65
CA LEU A 73 -14.31 12.02 26.93
C LEU A 73 -13.08 12.62 27.63
N GLU A 74 -12.14 13.10 26.83
CA GLU A 74 -10.91 13.69 27.35
C GLU A 74 -11.23 14.79 28.37
N VAL A 75 -12.44 15.35 28.26
CA VAL A 75 -12.88 16.41 29.16
C VAL A 75 -13.44 15.83 30.45
N ALA A 76 -14.00 14.64 30.36
CA ALA A 76 -14.58 13.96 31.52
C ALA A 76 -13.49 13.40 32.43
N GLU A 77 -12.88 12.30 31.99
CA GLU A 77 -11.82 11.66 32.77
C GLU A 77 -10.49 12.40 32.60
N GLY A 78 -9.95 12.87 33.73
CA GLY A 78 -8.69 13.59 33.68
C GLY A 78 -7.56 12.82 34.35
N GLY A 79 -6.51 13.54 34.74
CA GLY A 79 -5.38 12.90 35.39
C GLY A 79 -4.83 11.74 34.59
N LYS A 80 -4.75 10.57 35.23
CA LYS A 80 -4.26 9.37 34.58
C LYS A 80 -4.99 9.12 33.27
N ALA A 81 -6.26 9.51 33.22
CA ALA A 81 -7.08 9.33 32.02
C ALA A 81 -6.43 9.99 30.81
N GLU A 82 -5.65 11.04 31.06
CA GLU A 82 -4.97 11.76 29.99
C GLU A 82 -4.06 10.82 29.20
N LEU A 83 -3.37 9.93 29.90
CA LEU A 83 -2.46 8.99 29.27
C LEU A 83 -3.24 7.94 28.47
N GLU A 84 -4.41 7.56 28.98
CA GLU A 84 -5.25 6.58 28.31
C GLU A 84 -5.74 7.10 26.97
N ARG A 85 -6.25 8.32 26.96
CA ARG A 85 -6.75 8.93 25.75
C ARG A 85 -5.61 9.24 24.78
N LEU A 86 -4.51 9.76 25.32
CA LEU A 86 -3.35 10.10 24.51
C LEU A 86 -2.70 8.85 23.93
N GLN A 87 -2.72 7.76 24.70
CA GLN A 87 -2.13 6.50 24.25
C GLN A 87 -2.97 5.88 23.13
N ALA A 88 -4.27 5.74 23.38
CA ALA A 88 -5.17 5.16 22.38
C ALA A 88 -5.18 6.00 21.11
N GLU A 89 -5.17 7.32 21.26
CA GLU A 89 -5.19 8.23 20.13
C GLU A 89 -3.89 8.14 19.34
N ALA A 90 -2.79 8.54 19.98
CA ALA A 90 -1.48 8.50 19.35
C ALA A 90 -1.23 7.15 18.68
N GLN A 91 -1.66 6.08 19.34
CA GLN A 91 -1.48 4.73 18.82
C GLN A 91 -2.42 4.47 17.64
N GLN A 92 -3.61 5.05 17.72
CA GLN A 92 -4.61 4.88 16.66
C GLN A 92 -4.09 5.42 15.34
N LEU A 93 -3.67 6.69 15.33
CA LEU A 93 -3.15 7.32 14.13
C LEU A 93 -1.81 6.71 13.73
N ARG A 94 -0.89 6.63 14.69
CA ARG A 94 0.43 6.07 14.43
C ARG A 94 0.31 4.70 13.77
N LYS A 95 -0.64 3.90 14.22
CA LYS A 95 -0.87 2.56 13.67
C LYS A 95 -1.53 2.64 12.31
N GLU A 96 -2.48 3.56 12.16
CA GLU A 96 -3.20 3.73 10.90
C GLU A 96 -2.24 4.14 9.79
N GLU A 97 -1.41 5.13 10.08
CA GLU A 97 -0.44 5.63 9.10
C GLU A 97 0.66 4.60 8.86
N ARG A 98 1.17 4.02 9.94
CA ARG A 98 2.23 3.02 9.84
C ARG A 98 1.76 1.80 9.04
N SER A 99 0.58 1.31 9.37
CA SER A 99 0.02 0.15 8.68
C SER A 99 -0.26 0.47 7.22
N TRP A 100 -1.03 1.53 6.98
CA TRP A 100 -1.36 1.94 5.62
C TRP A 100 -0.10 2.19 4.80
N GLU A 101 0.87 2.87 5.40
CA GLU A 101 2.12 3.17 4.71
C GLU A 101 2.83 1.90 4.28
N GLN A 102 3.07 1.00 5.24
CA GLN A 102 3.74 -0.27 4.95
C GLN A 102 2.96 -1.06 3.90
N LYS A 103 1.67 -1.25 4.14
CA LYS A 103 0.82 -1.99 3.22
C LYS A 103 0.94 -1.43 1.81
N LEU A 104 0.98 -0.11 1.69
CA LEU A 104 1.09 0.54 0.39
C LEU A 104 2.41 0.21 -0.28
N GLU A 105 3.51 0.45 0.44
CA GLU A 105 4.84 0.17 -0.08
C GLU A 105 4.93 -1.27 -0.61
N GLU A 106 4.33 -2.20 0.14
CA GLU A 106 4.35 -3.60 -0.23
C GLU A 106 3.42 -3.86 -1.42
N MET A 107 2.24 -3.26 -1.37
CA MET A 107 1.26 -3.41 -2.44
C MET A 107 1.81 -2.90 -3.77
N ARG A 108 2.51 -1.78 -3.72
CA ARG A 108 3.10 -1.19 -4.92
C ARG A 108 4.37 -1.93 -5.32
N LYS A 109 5.14 -2.37 -4.33
CA LYS A 109 6.38 -3.09 -4.58
C LYS A 109 6.11 -4.42 -5.26
N LYS A 110 4.98 -5.04 -4.91
CA LYS A 110 4.60 -6.32 -5.49
C LYS A 110 3.85 -6.14 -6.79
N GLU A 111 2.87 -5.23 -6.78
CA GLU A 111 2.07 -4.95 -7.97
C GLU A 111 2.95 -4.43 -9.10
N LYS A 112 4.02 -3.71 -8.74
CA LYS A 112 4.93 -3.16 -9.73
C LYS A 112 5.50 -4.25 -10.62
N SER A 113 5.53 -5.47 -10.10
CA SER A 113 6.06 -6.61 -10.85
C SER A 113 4.93 -7.37 -11.54
N MET A 114 3.83 -6.67 -11.81
CA MET A 114 2.68 -7.28 -12.47
C MET A 114 3.11 -7.99 -13.75
N PRO A 115 2.25 -8.91 -14.23
CA PRO A 115 2.51 -9.67 -15.46
C PRO A 115 2.44 -8.80 -16.71
N TRP A 116 1.82 -7.62 -16.57
CA TRP A 116 1.68 -6.71 -17.69
C TRP A 116 2.90 -5.79 -17.81
N ASN A 117 3.58 -5.58 -16.68
CA ASN A 117 4.76 -4.73 -16.65
C ASN A 117 6.01 -5.50 -17.08
N VAL A 118 6.49 -6.37 -16.19
CA VAL A 118 7.67 -7.18 -16.49
C VAL A 118 7.45 -8.04 -17.72
N ASP A 119 6.20 -8.35 -18.01
CA ASP A 119 5.86 -9.17 -19.18
C ASP A 119 6.32 -10.60 -18.98
N THR A 120 7.62 -10.83 -19.13
CA THR A 120 8.19 -12.15 -18.96
C THR A 120 8.82 -12.33 -17.59
N LEU A 121 8.26 -13.23 -16.79
CA LEU A 121 8.76 -13.48 -15.44
C LEU A 121 8.83 -14.98 -15.16
N SER A 122 7.78 -15.70 -15.55
CA SER A 122 7.71 -17.14 -15.34
C SER A 122 7.75 -17.47 -13.85
N LYS A 123 6.61 -17.32 -13.19
CA LYS A 123 6.50 -17.61 -11.76
C LYS A 123 6.24 -19.09 -11.52
N ASP A 124 6.01 -19.45 -10.26
CA ASP A 124 5.74 -20.83 -9.90
C ASP A 124 4.24 -21.07 -9.75
N GLY A 125 3.49 -19.99 -9.55
CA GLY A 125 2.06 -20.09 -9.39
C GLY A 125 1.61 -19.87 -7.95
N PHE A 126 2.53 -20.09 -7.01
CA PHE A 126 2.23 -19.90 -5.60
C PHE A 126 1.74 -18.48 -5.32
N SER A 127 0.45 -18.35 -5.05
CA SER A 127 -0.15 -17.05 -4.78
C SER A 127 -0.64 -16.97 -3.34
N LYS A 128 -0.45 -15.80 -2.72
CA LYS A 128 -0.87 -15.59 -1.34
C LYS A 128 -1.41 -14.18 -1.15
N MET A 3 11.09 5.89 17.47
CA MET A 3 11.06 4.44 17.35
C MET A 3 10.48 4.01 16.01
N VAL A 4 10.60 4.88 15.01
CA VAL A 4 10.09 4.60 13.67
C VAL A 4 10.71 3.32 13.11
N ASP A 5 10.14 2.83 12.02
CA ASP A 5 10.64 1.62 11.37
C ASP A 5 11.81 1.94 10.45
N TYR A 6 12.30 0.92 9.76
CA TYR A 6 13.43 1.08 8.84
C TYR A 6 13.07 0.62 7.44
N SER A 7 14.00 0.75 6.51
CA SER A 7 13.77 0.35 5.13
C SER A 7 14.91 -0.53 4.62
N VAL A 8 14.69 -1.84 4.65
CA VAL A 8 15.70 -2.80 4.19
C VAL A 8 15.63 -2.99 2.69
N TRP A 9 14.55 -2.50 2.08
CA TRP A 9 14.36 -2.62 0.64
C TRP A 9 15.52 -1.97 -0.12
N ASP A 10 16.21 -1.05 0.54
CA ASP A 10 17.35 -0.36 -0.07
C ASP A 10 18.62 -0.60 0.73
N HIS A 11 18.50 -1.36 1.82
CA HIS A 11 19.65 -1.67 2.66
C HIS A 11 20.80 -2.23 1.84
N ILE A 12 20.46 -2.95 0.77
CA ILE A 12 21.46 -3.56 -0.10
C ILE A 12 21.32 -3.03 -1.52
N GLU A 13 20.11 -2.65 -1.89
CA GLU A 13 19.84 -2.13 -3.23
C GLU A 13 20.15 -3.18 -4.30
N VAL A 14 19.11 -3.81 -4.82
CA VAL A 14 19.27 -4.84 -5.85
C VAL A 14 18.43 -4.52 -7.07
N SER A 15 17.86 -3.32 -7.10
CA SER A 15 17.02 -2.89 -8.22
C SER A 15 15.76 -3.74 -8.31
N ASP A 16 15.26 -4.18 -7.16
CA ASP A 16 14.06 -5.00 -7.11
C ASP A 16 14.28 -6.34 -7.79
N ASP A 17 15.54 -6.79 -7.82
CA ASP A 17 15.89 -8.05 -8.44
C ASP A 17 15.40 -8.11 -9.88
N GLU A 18 16.05 -7.35 -10.75
CA GLU A 18 15.68 -7.31 -12.16
C GLU A 18 16.58 -6.35 -12.94
N ASP A 19 16.61 -6.51 -14.25
CA ASP A 19 17.43 -5.67 -15.11
C ASP A 19 16.57 -4.96 -16.16
N GLU A 20 17.22 -4.25 -17.06
CA GLU A 20 16.53 -3.51 -18.11
C GLU A 20 16.29 -4.41 -19.33
N THR A 21 16.70 -5.67 -19.23
CA THR A 21 16.54 -6.62 -20.32
C THR A 21 16.03 -7.96 -19.81
N HIS A 22 15.42 -8.73 -20.70
CA HIS A 22 14.87 -10.04 -20.34
C HIS A 22 14.18 -10.68 -21.53
N PRO A 23 13.16 -10.00 -22.06
CA PRO A 23 12.39 -10.49 -23.22
C PRO A 23 13.20 -10.48 -24.51
N ASN A 24 12.54 -10.76 -25.62
CA ASN A 24 13.20 -10.78 -26.91
C ASN A 24 12.24 -10.40 -28.03
N ILE A 25 11.93 -9.10 -28.13
CA ILE A 25 11.03 -8.60 -29.14
C ILE A 25 11.53 -8.93 -30.54
N ASP A 26 10.75 -8.54 -31.55
CA ASP A 26 11.12 -8.79 -32.94
C ASP A 26 10.30 -7.93 -33.89
N THR A 27 9.03 -8.30 -34.06
CA THR A 27 8.14 -7.57 -34.94
C THR A 27 6.81 -7.25 -34.24
N ALA A 28 5.98 -8.27 -34.07
CA ALA A 28 4.69 -8.10 -33.42
C ALA A 28 4.86 -7.69 -31.95
N SER A 29 6.00 -8.05 -31.39
CA SER A 29 6.30 -7.73 -29.99
C SER A 29 6.09 -6.24 -29.72
N LEU A 30 6.32 -5.43 -30.75
CA LEU A 30 6.16 -3.99 -30.62
C LEU A 30 4.74 -3.63 -30.22
N PHE A 31 3.77 -4.03 -31.03
CA PHE A 31 2.37 -3.76 -30.76
C PHE A 31 1.91 -4.45 -29.49
N ARG A 32 2.22 -5.74 -29.38
CA ARG A 32 1.84 -6.52 -28.21
C ARG A 32 2.34 -5.86 -26.93
N TRP A 33 3.60 -5.45 -26.93
CA TRP A 33 4.19 -4.80 -25.76
C TRP A 33 3.52 -3.46 -25.49
N ARG A 34 3.29 -2.68 -26.55
CA ARG A 34 2.65 -1.38 -26.41
C ARG A 34 1.32 -1.50 -25.67
N HIS A 35 0.44 -2.37 -26.18
CA HIS A 35 -0.86 -2.58 -25.57
C HIS A 35 -0.72 -3.10 -24.14
N GLN A 36 0.07 -4.16 -23.99
CA GLN A 36 0.29 -4.76 -22.68
C GLN A 36 0.72 -3.72 -21.66
N ALA A 37 1.79 -2.99 -21.98
CA ALA A 37 2.30 -1.96 -21.08
C ALA A 37 1.22 -0.95 -20.75
N ARG A 38 0.60 -0.37 -21.78
CA ARG A 38 -0.45 0.62 -21.59
C ARG A 38 -1.54 0.08 -20.66
N VAL A 39 -2.01 -1.12 -20.95
CA VAL A 39 -3.05 -1.74 -20.13
C VAL A 39 -2.58 -1.95 -18.70
N GLU A 40 -1.33 -2.39 -18.56
CA GLU A 40 -0.76 -2.63 -17.24
C GLU A 40 -0.81 -1.37 -16.37
N ARG A 41 -0.18 -0.31 -16.86
CA ARG A 41 -0.16 0.96 -16.13
C ARG A 41 -1.57 1.54 -16.01
N MET A 42 -2.42 1.25 -17.00
CA MET A 42 -3.78 1.73 -17.01
C MET A 42 -4.56 1.21 -15.81
N GLU A 43 -4.66 -0.10 -15.70
CA GLU A 43 -5.38 -0.72 -14.59
C GLU A 43 -4.67 -0.46 -13.27
N GLN A 44 -3.35 -0.52 -13.28
CA GLN A 44 -2.56 -0.28 -12.08
C GLN A 44 -2.77 1.14 -11.57
N PHE A 45 -2.88 2.09 -12.49
CA PHE A 45 -3.08 3.48 -12.13
C PHE A 45 -4.49 3.71 -11.58
N GLN A 46 -5.48 3.32 -12.36
CA GLN A 46 -6.88 3.48 -11.94
C GLN A 46 -7.15 2.75 -10.64
N LYS A 47 -6.63 1.52 -10.54
CA LYS A 47 -6.82 0.71 -9.34
C LYS A 47 -6.11 1.34 -8.14
N GLU A 48 -4.79 1.49 -8.25
CA GLU A 48 -4.01 2.08 -7.17
C GLU A 48 -4.58 3.44 -6.76
N LYS A 49 -5.02 4.21 -7.75
CA LYS A 49 -5.59 5.53 -7.49
C LYS A 49 -6.84 5.42 -6.64
N GLU A 50 -7.82 4.66 -7.11
CA GLU A 50 -9.07 4.48 -6.38
C GLU A 50 -8.80 4.04 -4.94
N GLU A 51 -7.90 3.09 -4.78
CA GLU A 51 -7.54 2.58 -3.47
C GLU A 51 -6.90 3.67 -2.61
N LEU A 52 -6.09 4.51 -3.25
CA LEU A 52 -5.40 5.59 -2.55
C LEU A 52 -6.40 6.58 -1.99
N ASP A 53 -7.19 7.19 -2.86
CA ASP A 53 -8.20 8.17 -2.43
C ASP A 53 -9.19 7.53 -1.47
N ARG A 54 -9.51 6.27 -1.70
CA ARG A 54 -10.45 5.55 -0.86
C ARG A 54 -9.88 5.35 0.55
N GLY A 55 -8.67 4.80 0.61
CA GLY A 55 -8.03 4.55 1.89
C GLY A 55 -7.66 5.84 2.60
N CYS A 56 -7.36 6.88 1.82
CA CYS A 56 -6.99 8.17 2.38
C CYS A 56 -8.18 8.84 3.06
N ARG A 57 -9.27 8.97 2.31
CA ARG A 57 -10.48 9.60 2.84
C ARG A 57 -11.07 8.77 3.99
N GLU A 58 -11.12 7.46 3.79
CA GLU A 58 -11.66 6.57 4.82
C GLU A 58 -10.84 6.64 6.10
N CYS A 59 -9.52 6.52 5.96
CA CYS A 59 -8.63 6.56 7.11
C CYS A 59 -8.76 7.89 7.85
N LYS A 60 -8.56 8.99 7.13
CA LYS A 60 -8.67 10.32 7.73
C LYS A 60 -10.00 10.48 8.46
N ARG A 61 -11.07 10.04 7.83
CA ARG A 61 -12.40 10.14 8.42
C ARG A 61 -12.45 9.42 9.77
N LYS A 62 -12.18 8.12 9.75
CA LYS A 62 -12.18 7.32 10.96
C LYS A 62 -11.25 7.90 12.01
N VAL A 63 -10.00 8.13 11.63
CA VAL A 63 -9.01 8.70 12.54
C VAL A 63 -9.53 9.97 13.19
N ALA A 64 -10.15 10.84 12.40
CA ALA A 64 -10.69 12.09 12.90
C ALA A 64 -11.76 11.83 13.96
N GLU A 65 -12.80 11.09 13.59
CA GLU A 65 -13.88 10.78 14.50
C GLU A 65 -13.35 10.09 15.77
N CYS A 66 -12.66 8.97 15.57
CA CYS A 66 -12.10 8.23 16.68
C CYS A 66 -11.27 9.13 17.59
N GLN A 67 -10.36 9.89 16.99
CA GLN A 67 -9.50 10.80 17.74
C GLN A 67 -10.33 11.70 18.64
N ARG A 68 -11.26 12.44 18.05
CA ARG A 68 -12.12 13.34 18.81
C ARG A 68 -12.90 12.59 19.87
N LYS A 69 -13.20 11.32 19.60
CA LYS A 69 -13.95 10.49 20.53
C LYS A 69 -13.09 10.15 21.75
N LEU A 70 -12.01 9.42 21.52
CA LEU A 70 -11.11 9.02 22.60
C LEU A 70 -10.55 10.25 23.31
N LYS A 71 -10.42 11.35 22.59
CA LYS A 71 -9.91 12.59 23.14
C LYS A 71 -10.94 13.25 24.05
N GLU A 72 -12.18 13.27 23.60
CA GLU A 72 -13.26 13.88 24.37
C GLU A 72 -13.58 13.05 25.61
N LEU A 73 -13.38 11.74 25.50
CA LEU A 73 -13.64 10.83 26.61
C LEU A 73 -12.44 10.74 27.54
N GLU A 74 -11.25 10.93 26.98
CA GLU A 74 -10.01 10.88 27.76
C GLU A 74 -10.08 11.82 28.95
N VAL A 75 -10.94 12.84 28.86
CA VAL A 75 -11.11 13.81 29.92
C VAL A 75 -12.09 13.31 30.98
N ALA A 76 -13.02 12.46 30.56
CA ALA A 76 -14.01 11.90 31.47
C ALA A 76 -13.39 10.84 32.37
N GLU A 77 -13.15 9.65 31.79
CA GLU A 77 -12.57 8.54 32.54
C GLU A 77 -11.04 8.68 32.60
N GLY A 78 -10.45 8.06 33.61
CA GLY A 78 -9.01 8.12 33.77
C GLY A 78 -8.45 6.89 34.45
N GLY A 79 -7.17 6.95 34.84
CA GLY A 79 -6.54 5.82 35.49
C GLY A 79 -6.70 4.52 34.71
N LYS A 80 -7.45 3.59 35.28
CA LYS A 80 -7.68 2.30 34.64
C LYS A 80 -8.27 2.49 33.24
N ALA A 81 -8.95 3.61 33.04
CA ALA A 81 -9.56 3.92 31.75
C ALA A 81 -8.56 4.57 30.81
N GLU A 82 -7.58 5.28 31.38
CA GLU A 82 -6.56 5.95 30.58
C GLU A 82 -5.85 4.96 29.66
N LEU A 83 -5.64 3.74 30.16
CA LEU A 83 -4.97 2.71 29.37
C LEU A 83 -5.84 2.27 28.19
N GLU A 84 -7.14 2.09 28.45
CA GLU A 84 -8.06 1.68 27.40
C GLU A 84 -8.14 2.74 26.31
N ARG A 85 -8.14 4.00 26.71
CA ARG A 85 -8.21 5.10 25.75
C ARG A 85 -6.96 5.17 24.89
N LEU A 86 -5.81 5.29 25.54
CA LEU A 86 -4.54 5.36 24.84
C LEU A 86 -4.28 4.09 24.03
N GLN A 87 -4.87 2.98 24.48
CA GLN A 87 -4.71 1.70 23.79
C GLN A 87 -5.46 1.71 22.46
N ALA A 88 -6.75 2.03 22.52
CA ALA A 88 -7.57 2.07 21.32
C ALA A 88 -7.05 3.09 20.32
N GLU A 89 -6.62 4.24 20.83
CA GLU A 89 -6.10 5.32 19.99
C GLU A 89 -4.77 4.90 19.36
N ALA A 90 -3.76 4.70 20.21
CA ALA A 90 -2.44 4.30 19.72
C ALA A 90 -2.54 3.14 18.75
N GLN A 91 -3.44 2.21 19.03
CA GLN A 91 -3.63 1.04 18.17
C GLN A 91 -4.33 1.43 16.88
N GLN A 92 -5.24 2.39 16.97
CA GLN A 92 -5.97 2.85 15.80
C GLN A 92 -5.04 3.43 14.75
N LEU A 93 -4.23 4.39 15.16
CA LEU A 93 -3.28 5.03 14.25
C LEU A 93 -2.18 4.05 13.84
N ARG A 94 -1.55 3.42 14.83
CA ARG A 94 -0.48 2.46 14.57
C ARG A 94 -0.93 1.42 13.56
N LYS A 95 -2.17 0.98 13.67
CA LYS A 95 -2.71 -0.02 12.75
C LYS A 95 -3.02 0.60 11.39
N GLU A 96 -3.54 1.82 11.40
CA GLU A 96 -3.87 2.52 10.17
C GLU A 96 -2.62 2.76 9.33
N GLU A 97 -1.58 3.28 9.96
CA GLU A 97 -0.32 3.58 9.27
C GLU A 97 0.38 2.28 8.88
N ARG A 98 0.43 1.33 9.81
CA ARG A 98 1.08 0.05 9.55
C ARG A 98 0.42 -0.67 8.38
N SER A 99 -0.90 -0.71 8.39
CA SER A 99 -1.65 -1.37 7.32
C SER A 99 -1.45 -0.66 5.99
N TRP A 100 -1.68 0.65 5.99
CA TRP A 100 -1.52 1.44 4.77
C TRP A 100 -0.11 1.30 4.21
N GLU A 101 0.88 1.40 5.09
CA GLU A 101 2.28 1.28 4.68
C GLU A 101 2.54 -0.06 4.01
N GLN A 102 2.25 -1.13 4.73
CA GLN A 102 2.44 -2.48 4.21
C GLN A 102 1.68 -2.69 2.92
N LYS A 103 0.40 -2.33 2.93
CA LYS A 103 -0.45 -2.47 1.75
C LYS A 103 0.16 -1.76 0.55
N LEU A 104 0.74 -0.59 0.79
CA LEU A 104 1.37 0.20 -0.26
C LEU A 104 2.58 -0.53 -0.83
N GLU A 105 3.52 -0.88 0.03
CA GLU A 105 4.73 -1.58 -0.39
C GLU A 105 4.38 -2.81 -1.22
N GLU A 106 3.34 -3.53 -0.80
CA GLU A 106 2.91 -4.73 -1.50
C GLU A 106 2.21 -4.37 -2.80
N MET A 107 1.36 -3.36 -2.76
CA MET A 107 0.62 -2.92 -3.93
C MET A 107 1.58 -2.55 -5.07
N ARG A 108 2.65 -1.84 -4.72
CA ARG A 108 3.64 -1.43 -5.69
C ARG A 108 4.58 -2.59 -6.05
N LYS A 109 4.91 -3.40 -5.06
CA LYS A 109 5.79 -4.54 -5.26
C LYS A 109 5.16 -5.55 -6.21
N LYS A 110 3.84 -5.68 -6.14
CA LYS A 110 3.11 -6.62 -7.00
C LYS A 110 2.78 -5.96 -8.34
N GLU A 111 2.23 -4.75 -8.29
CA GLU A 111 1.86 -4.03 -9.50
C GLU A 111 3.05 -3.92 -10.45
N LYS A 112 4.18 -3.49 -9.92
CA LYS A 112 5.39 -3.35 -10.72
C LYS A 112 5.78 -4.68 -11.37
N SER A 113 5.36 -5.78 -10.76
CA SER A 113 5.67 -7.10 -11.27
C SER A 113 4.40 -7.78 -11.81
N MET A 114 3.43 -6.97 -12.21
CA MET A 114 2.18 -7.48 -12.74
C MET A 114 2.43 -8.48 -13.86
N PRO A 115 1.43 -9.31 -14.16
CA PRO A 115 1.52 -10.33 -15.22
C PRO A 115 1.56 -9.71 -16.61
N TRP A 116 1.15 -8.45 -16.70
CA TRP A 116 1.13 -7.74 -17.98
C TRP A 116 2.52 -7.23 -18.34
N ASN A 117 3.35 -7.01 -17.33
CA ASN A 117 4.71 -6.52 -17.54
C ASN A 117 5.72 -7.64 -17.33
N VAL A 118 5.36 -8.62 -16.50
CA VAL A 118 6.24 -9.75 -16.22
C VAL A 118 5.92 -10.93 -17.13
N ASP A 119 4.67 -11.01 -17.57
CA ASP A 119 4.24 -12.10 -18.44
C ASP A 119 4.36 -13.44 -17.73
N THR A 120 4.16 -13.44 -16.42
CA THR A 120 4.24 -14.65 -15.63
C THR A 120 3.14 -14.70 -14.57
N LEU A 121 2.83 -15.91 -14.10
CA LEU A 121 1.80 -16.07 -13.09
C LEU A 121 2.36 -15.80 -11.70
N SER A 122 1.81 -14.76 -11.04
CA SER A 122 2.26 -14.39 -9.71
C SER A 122 1.46 -13.19 -9.19
N LYS A 123 0.52 -13.46 -8.30
CA LYS A 123 -0.31 -12.41 -7.73
C LYS A 123 -1.30 -12.98 -6.72
N ASP A 124 -1.37 -12.36 -5.54
CA ASP A 124 -2.27 -12.81 -4.49
C ASP A 124 -3.33 -11.74 -4.19
N GLY A 125 -3.04 -10.50 -4.58
CA GLY A 125 -3.96 -9.42 -4.34
C GLY A 125 -4.26 -9.21 -2.87
N PHE A 126 -3.21 -9.24 -2.05
CA PHE A 126 -3.36 -9.05 -0.61
C PHE A 126 -3.89 -7.66 -0.29
N SER A 127 -5.15 -7.59 0.12
CA SER A 127 -5.78 -6.32 0.46
C SER A 127 -6.04 -6.22 1.96
N LYS A 128 -5.42 -5.23 2.60
CA LYS A 128 -5.57 -5.02 4.03
C LYS A 128 -5.14 -6.25 4.82
N MET A 3 11.49 14.26 -7.24
CA MET A 3 10.64 13.73 -8.31
C MET A 3 9.77 12.59 -7.78
N VAL A 4 10.41 11.47 -7.43
CA VAL A 4 9.70 10.31 -6.93
C VAL A 4 8.90 10.66 -5.68
N ASP A 5 7.80 9.95 -5.46
CA ASP A 5 6.96 10.18 -4.30
C ASP A 5 7.35 9.27 -3.14
N TYR A 6 8.54 8.67 -3.25
CA TYR A 6 9.04 7.77 -2.21
C TYR A 6 10.55 7.85 -2.11
N SER A 7 11.07 7.55 -0.92
CA SER A 7 12.50 7.59 -0.68
C SER A 7 13.05 6.19 -0.41
N VAL A 8 13.69 5.61 -1.43
CA VAL A 8 14.27 4.27 -1.31
C VAL A 8 15.02 3.89 -2.57
N TRP A 9 14.54 4.35 -3.72
CA TRP A 9 15.16 4.05 -5.00
C TRP A 9 16.62 4.49 -4.99
N ASP A 10 16.95 5.46 -4.15
CA ASP A 10 18.31 5.96 -4.05
C ASP A 10 19.06 5.30 -2.89
N HIS A 11 18.30 4.76 -1.95
CA HIS A 11 18.88 4.09 -0.79
C HIS A 11 19.91 3.05 -1.22
N ILE A 12 19.71 2.50 -2.40
CA ILE A 12 20.61 1.48 -2.94
C ILE A 12 21.30 1.97 -4.21
N GLU A 13 20.68 2.95 -4.87
CA GLU A 13 21.24 3.50 -6.10
C GLU A 13 21.34 2.43 -7.18
N VAL A 14 20.40 2.46 -8.13
CA VAL A 14 20.38 1.50 -9.22
C VAL A 14 20.38 2.20 -10.58
N SER A 15 20.58 3.51 -10.55
CA SER A 15 20.61 4.30 -11.78
C SER A 15 19.23 4.29 -12.45
N ASP A 16 18.19 4.25 -11.63
CA ASP A 16 16.82 4.24 -12.14
C ASP A 16 16.55 2.99 -12.95
N ASP A 17 17.29 1.92 -12.65
CA ASP A 17 17.12 0.65 -13.35
C ASP A 17 17.32 0.83 -14.85
N GLU A 18 18.07 1.86 -15.22
CA GLU A 18 18.34 2.16 -16.63
C GLU A 18 18.86 0.90 -17.34
N ASP A 19 18.84 0.95 -18.67
CA ASP A 19 19.31 -0.18 -19.48
C ASP A 19 20.83 -0.14 -19.62
N GLU A 20 21.44 -1.32 -19.68
CA GLU A 20 22.89 -1.42 -19.83
C GLU A 20 23.30 -1.40 -21.30
N THR A 21 22.31 -1.22 -22.17
CA THR A 21 22.57 -1.18 -23.61
C THR A 21 21.32 -0.77 -24.38
N HIS A 22 20.16 -1.23 -23.92
CA HIS A 22 18.89 -0.90 -24.56
C HIS A 22 18.84 -1.49 -25.96
N PRO A 23 18.66 -2.82 -26.05
CA PRO A 23 18.59 -3.52 -27.34
C PRO A 23 17.31 -3.21 -28.09
N ASN A 24 17.18 -3.78 -29.28
CA ASN A 24 16.00 -3.56 -30.12
C ASN A 24 15.87 -4.64 -31.18
N ILE A 25 16.43 -5.82 -30.90
CA ILE A 25 16.38 -6.93 -31.82
C ILE A 25 14.97 -7.52 -31.91
N ASP A 26 14.81 -8.53 -32.75
CA ASP A 26 13.51 -9.18 -32.92
C ASP A 26 12.47 -8.21 -33.46
N THR A 27 11.21 -8.63 -33.48
CA THR A 27 10.13 -7.81 -33.98
C THR A 27 8.92 -7.86 -33.06
N ALA A 28 8.22 -8.99 -33.08
CA ALA A 28 7.04 -9.18 -32.24
C ALA A 28 7.43 -9.59 -30.82
N SER A 29 8.57 -10.28 -30.70
CA SER A 29 9.05 -10.72 -29.40
C SER A 29 9.18 -9.55 -28.44
N LEU A 30 9.95 -8.55 -28.83
CA LEU A 30 10.16 -7.37 -28.01
C LEU A 30 8.83 -6.72 -27.63
N PHE A 31 7.90 -6.69 -28.59
CA PHE A 31 6.59 -6.10 -28.36
C PHE A 31 5.87 -6.80 -27.21
N ARG A 32 5.66 -8.11 -27.36
CA ARG A 32 4.98 -8.89 -26.33
C ARG A 32 5.67 -8.74 -24.98
N TRP A 33 6.97 -9.05 -24.95
CA TRP A 33 7.74 -8.95 -23.72
C TRP A 33 7.60 -7.56 -23.10
N ARG A 34 7.96 -6.54 -23.86
CA ARG A 34 7.87 -5.16 -23.38
C ARG A 34 6.45 -4.85 -22.90
N HIS A 35 5.47 -5.49 -23.51
CA HIS A 35 4.07 -5.28 -23.13
C HIS A 35 3.79 -5.80 -21.73
N GLN A 36 3.96 -7.11 -21.54
CA GLN A 36 3.74 -7.73 -20.24
C GLN A 36 4.54 -7.04 -19.16
N ALA A 37 5.76 -6.61 -19.51
CA ALA A 37 6.64 -5.93 -18.56
C ALA A 37 6.05 -4.60 -18.14
N ARG A 38 5.72 -3.76 -19.12
CA ARG A 38 5.16 -2.44 -18.85
C ARG A 38 3.91 -2.56 -17.97
N VAL A 39 2.99 -3.43 -18.37
CA VAL A 39 1.76 -3.64 -17.61
C VAL A 39 2.04 -4.27 -16.25
N GLU A 40 3.10 -5.07 -16.18
CA GLU A 40 3.47 -5.73 -14.93
C GLU A 40 3.88 -4.71 -13.88
N ARG A 41 4.92 -3.94 -14.18
CA ARG A 41 5.41 -2.91 -13.26
C ARG A 41 4.34 -1.84 -13.02
N MET A 42 3.64 -1.47 -14.09
CA MET A 42 2.60 -0.44 -14.01
C MET A 42 1.46 -0.92 -13.12
N GLU A 43 1.17 -2.22 -13.15
CA GLU A 43 0.11 -2.78 -12.35
C GLU A 43 0.50 -2.85 -10.88
N GLN A 44 1.67 -3.40 -10.61
CA GLN A 44 2.17 -3.52 -9.24
C GLN A 44 2.44 -2.14 -8.64
N PHE A 45 2.93 -1.23 -9.46
CA PHE A 45 3.23 0.12 -9.00
C PHE A 45 1.94 0.90 -8.72
N GLN A 46 1.05 0.94 -9.71
CA GLN A 46 -0.22 1.64 -9.57
C GLN A 46 -1.03 1.08 -8.41
N LYS A 47 -1.00 -0.24 -8.26
CA LYS A 47 -1.74 -0.90 -7.18
C LYS A 47 -1.14 -0.55 -5.83
N GLU A 48 0.13 -0.90 -5.63
CA GLU A 48 0.82 -0.62 -4.37
C GLU A 48 0.74 0.86 -4.02
N LYS A 49 0.92 1.70 -5.04
CA LYS A 49 0.86 3.15 -4.84
C LYS A 49 -0.51 3.59 -4.33
N GLU A 50 -1.55 3.23 -5.08
CA GLU A 50 -2.92 3.59 -4.70
C GLU A 50 -3.20 3.16 -3.27
N GLU A 51 -2.84 1.93 -2.93
CA GLU A 51 -3.06 1.41 -1.59
C GLU A 51 -2.25 2.19 -0.56
N LEU A 52 -1.06 2.60 -0.94
CA LEU A 52 -0.19 3.36 -0.04
C LEU A 52 -0.82 4.70 0.32
N ASP A 53 -1.07 5.53 -0.69
CA ASP A 53 -1.68 6.84 -0.47
C ASP A 53 -3.04 6.70 0.19
N ARG A 54 -3.77 5.65 -0.18
CA ARG A 54 -5.09 5.40 0.38
C ARG A 54 -5.00 5.06 1.86
N GLY A 55 -4.16 4.09 2.19
CA GLY A 55 -4.01 3.69 3.57
C GLY A 55 -3.34 4.74 4.42
N CYS A 56 -2.49 5.55 3.78
CA CYS A 56 -1.78 6.61 4.49
C CYS A 56 -2.73 7.73 4.88
N ARG A 57 -3.48 8.23 3.91
CA ARG A 57 -4.44 9.31 4.15
C ARG A 57 -5.56 8.85 5.07
N GLU A 58 -6.05 7.64 4.83
CA GLU A 58 -7.12 7.09 5.64
C GLU A 58 -6.68 6.88 7.09
N CYS A 59 -5.51 6.28 7.26
CA CYS A 59 -4.96 6.03 8.59
C CYS A 59 -4.75 7.34 9.34
N LYS A 60 -3.95 8.22 8.75
CA LYS A 60 -3.66 9.50 9.36
C LYS A 60 -4.94 10.24 9.73
N ARG A 61 -5.89 10.27 8.81
CA ARG A 61 -7.17 10.94 9.03
C ARG A 61 -7.87 10.37 10.27
N LYS A 62 -8.16 9.08 10.24
CA LYS A 62 -8.82 8.41 11.35
C LYS A 62 -8.05 8.61 12.65
N VAL A 63 -6.77 8.20 12.64
CA VAL A 63 -5.92 8.34 13.81
C VAL A 63 -5.94 9.77 14.35
N ALA A 64 -6.00 10.73 13.43
CA ALA A 64 -6.03 12.14 13.81
C ALA A 64 -7.29 12.48 14.59
N GLU A 65 -8.44 12.24 13.96
CA GLU A 65 -9.72 12.52 14.60
C GLU A 65 -9.85 11.78 15.92
N CYS A 66 -9.70 10.47 15.87
CA CYS A 66 -9.79 9.64 17.07
C CYS A 66 -8.88 10.18 18.18
N GLN A 67 -7.63 10.45 17.82
CA GLN A 67 -6.66 10.97 18.79
C GLN A 67 -7.19 12.23 19.47
N ARG A 68 -7.57 13.22 18.67
CA ARG A 68 -8.11 14.47 19.20
C ARG A 68 -9.33 14.22 20.07
N LYS A 69 -10.10 13.19 19.71
CA LYS A 69 -11.30 12.84 20.45
C LYS A 69 -10.95 12.27 21.83
N LEU A 70 -10.28 11.14 21.83
CA LEU A 70 -9.88 10.49 23.08
C LEU A 70 -9.02 11.42 23.93
N LYS A 71 -8.31 12.33 23.26
CA LYS A 71 -7.45 13.29 23.95
C LYS A 71 -8.27 14.38 24.63
N GLU A 72 -9.26 14.89 23.91
CA GLU A 72 -10.13 15.94 24.44
C GLU A 72 -11.01 15.41 25.56
N LEU A 73 -11.36 14.13 25.47
CA LEU A 73 -12.20 13.48 26.48
C LEU A 73 -11.36 12.97 27.64
N GLU A 74 -10.13 12.59 27.34
CA GLU A 74 -9.21 12.08 28.36
C GLU A 74 -9.10 13.06 29.53
N VAL A 75 -9.40 14.33 29.26
CA VAL A 75 -9.33 15.37 30.27
C VAL A 75 -10.59 15.40 31.12
N ALA A 76 -11.70 14.99 30.52
CA ALA A 76 -12.98 14.96 31.22
C ALA A 76 -12.94 14.02 32.41
N GLU A 77 -12.81 12.72 32.13
CA GLU A 77 -12.76 11.71 33.18
C GLU A 77 -12.52 10.32 32.60
N GLY A 78 -12.58 9.31 33.45
CA GLY A 78 -12.37 7.94 33.00
C GLY A 78 -13.47 7.01 33.46
N GLY A 79 -13.18 6.21 34.49
CA GLY A 79 -14.17 5.27 34.99
C GLY A 79 -14.76 4.39 33.90
N LYS A 80 -16.07 4.25 33.91
CA LYS A 80 -16.75 3.42 32.91
C LYS A 80 -16.41 3.88 31.50
N ALA A 81 -16.05 5.15 31.37
CA ALA A 81 -15.69 5.71 30.06
C ALA A 81 -14.22 5.44 29.74
N GLU A 82 -13.42 5.20 30.77
CA GLU A 82 -12.00 4.93 30.59
C GLU A 82 -11.79 3.73 29.67
N LEU A 83 -12.62 2.71 29.85
CA LEU A 83 -12.53 1.50 29.03
C LEU A 83 -12.93 1.78 27.59
N GLU A 84 -13.92 2.65 27.41
CA GLU A 84 -14.39 3.00 26.08
C GLU A 84 -13.29 3.70 25.28
N ARG A 85 -12.66 4.69 25.90
CA ARG A 85 -11.59 5.45 25.25
C ARG A 85 -10.36 4.57 25.04
N LEU A 86 -10.03 3.76 26.04
CA LEU A 86 -8.88 2.88 25.97
C LEU A 86 -9.10 1.79 24.92
N GLN A 87 -10.34 1.33 24.80
CA GLN A 87 -10.68 0.29 23.85
C GLN A 87 -10.59 0.81 22.42
N ALA A 88 -11.26 1.94 22.16
CA ALA A 88 -11.25 2.54 20.83
C ALA A 88 -9.83 2.95 20.42
N GLU A 89 -9.07 3.49 21.37
CA GLU A 89 -7.71 3.92 21.11
C GLU A 89 -6.81 2.71 20.84
N ALA A 90 -6.64 1.88 21.85
CA ALA A 90 -5.80 0.69 21.72
C ALA A 90 -6.14 -0.09 20.46
N GLN A 91 -7.44 -0.18 20.15
CA GLN A 91 -7.90 -0.90 18.97
C GLN A 91 -7.57 -0.13 17.70
N GLN A 92 -7.61 1.20 17.79
CA GLN A 92 -7.31 2.05 16.63
C GLN A 92 -5.89 1.83 16.16
N LEU A 93 -4.93 1.97 17.07
CA LEU A 93 -3.53 1.78 16.74
C LEU A 93 -3.22 0.32 16.41
N ARG A 94 -3.63 -0.58 17.31
CA ARG A 94 -3.40 -2.01 17.11
C ARG A 94 -3.90 -2.44 15.74
N LYS A 95 -5.05 -1.91 15.32
CA LYS A 95 -5.63 -2.26 14.04
C LYS A 95 -4.87 -1.58 12.90
N GLU A 96 -4.46 -0.33 13.12
CA GLU A 96 -3.72 0.42 12.12
C GLU A 96 -2.38 -0.25 11.81
N GLU A 97 -1.66 -0.63 12.86
CA GLU A 97 -0.36 -1.28 12.70
C GLU A 97 -0.53 -2.69 12.17
N ARG A 98 -1.48 -3.43 12.74
CA ARG A 98 -1.73 -4.81 12.32
C ARG A 98 -2.17 -4.86 10.86
N SER A 99 -3.08 -3.96 10.49
CA SER A 99 -3.58 -3.92 9.11
C SER A 99 -2.48 -3.48 8.15
N TRP A 100 -1.75 -2.44 8.54
CA TRP A 100 -0.66 -1.91 7.71
C TRP A 100 0.39 -2.98 7.47
N GLU A 101 0.80 -3.67 8.54
CA GLU A 101 1.81 -4.71 8.44
C GLU A 101 1.33 -5.85 7.55
N GLN A 102 0.17 -6.42 7.89
CA GLN A 102 -0.40 -7.52 7.12
C GLN A 102 -0.59 -7.12 5.66
N LYS A 103 -1.25 -5.99 5.45
CA LYS A 103 -1.51 -5.50 4.09
C LYS A 103 -0.22 -5.44 3.29
N LEU A 104 0.79 -4.75 3.83
CA LEU A 104 2.07 -4.61 3.16
C LEU A 104 2.64 -5.99 2.80
N GLU A 105 2.81 -6.84 3.80
CA GLU A 105 3.35 -8.17 3.58
C GLU A 105 2.56 -8.90 2.49
N GLU A 106 1.26 -8.61 2.41
CA GLU A 106 0.41 -9.24 1.41
C GLU A 106 0.67 -8.65 0.03
N MET A 107 0.78 -7.33 -0.04
CA MET A 107 1.02 -6.64 -1.30
C MET A 107 2.33 -7.10 -1.93
N ARG A 108 3.35 -7.29 -1.09
CA ARG A 108 4.65 -7.74 -1.57
C ARG A 108 4.65 -9.23 -1.85
N LYS A 109 3.98 -10.00 -0.99
CA LYS A 109 3.89 -11.44 -1.15
C LYS A 109 3.08 -11.81 -2.39
N LYS A 110 2.15 -10.94 -2.76
CA LYS A 110 1.31 -11.17 -3.92
C LYS A 110 2.00 -10.66 -5.19
N GLU A 111 2.47 -9.42 -5.16
CA GLU A 111 3.14 -8.82 -6.30
C GLU A 111 4.42 -9.58 -6.64
N LYS A 112 5.04 -10.16 -5.62
CA LYS A 112 6.27 -10.92 -5.79
C LYS A 112 6.12 -11.95 -6.89
N SER A 113 4.90 -12.46 -7.06
CA SER A 113 4.62 -13.46 -8.08
C SER A 113 3.68 -12.91 -9.15
N MET A 114 2.87 -11.92 -8.77
CA MET A 114 1.93 -11.31 -9.69
C MET A 114 0.95 -12.33 -10.23
N PRO A 115 0.06 -12.84 -9.35
CA PRO A 115 -0.94 -13.84 -9.72
C PRO A 115 -2.03 -13.25 -10.62
N TRP A 116 -2.13 -11.93 -10.63
CA TRP A 116 -3.13 -11.26 -11.45
C TRP A 116 -2.87 -11.50 -12.93
N ASN A 117 -1.63 -11.78 -13.27
CA ASN A 117 -1.25 -12.03 -14.66
C ASN A 117 -1.71 -13.42 -15.11
N VAL A 118 -1.29 -14.43 -14.36
CA VAL A 118 -1.65 -15.81 -14.68
C VAL A 118 -3.17 -15.98 -14.69
N ASP A 119 -3.86 -15.22 -13.85
CA ASP A 119 -5.32 -15.29 -13.77
C ASP A 119 -5.85 -14.30 -12.74
N THR A 120 -7.13 -14.42 -12.42
CA THR A 120 -7.76 -13.53 -11.45
C THR A 120 -8.93 -14.23 -10.76
N LEU A 121 -8.89 -14.22 -9.42
CA LEU A 121 -9.95 -14.86 -8.63
C LEU A 121 -10.59 -13.85 -7.68
N SER A 122 -9.76 -13.15 -6.91
CA SER A 122 -10.24 -12.16 -5.96
C SER A 122 -11.12 -11.12 -6.67
N LYS A 123 -11.70 -10.22 -5.88
CA LYS A 123 -12.56 -9.17 -6.42
C LYS A 123 -13.79 -9.77 -7.09
N ASP A 124 -14.93 -9.67 -6.42
CA ASP A 124 -16.18 -10.20 -6.96
C ASP A 124 -16.74 -9.30 -8.05
N GLY A 125 -16.28 -8.05 -8.06
CA GLY A 125 -16.73 -7.10 -9.07
C GLY A 125 -17.88 -6.24 -8.57
N PHE A 126 -17.99 -6.10 -7.25
CA PHE A 126 -19.05 -5.30 -6.65
C PHE A 126 -18.93 -3.85 -7.07
N SER A 127 -19.86 -3.40 -7.91
CA SER A 127 -19.86 -2.02 -8.39
C SER A 127 -20.56 -1.10 -7.40
N LYS A 128 -19.95 0.05 -7.14
CA LYS A 128 -20.51 1.02 -6.20
C LYS A 128 -20.82 0.37 -4.85
N MET A 3 31.32 5.60 6.27
CA MET A 3 31.86 5.76 4.93
C MET A 3 30.99 5.04 3.91
N VAL A 4 30.36 3.95 4.34
CA VAL A 4 29.49 3.17 3.46
C VAL A 4 28.05 3.16 3.98
N ASP A 5 27.11 3.34 3.07
CA ASP A 5 25.69 3.34 3.43
C ASP A 5 25.22 1.95 3.84
N TYR A 6 23.96 1.83 4.21
CA TYR A 6 23.38 0.56 4.61
C TYR A 6 22.73 -0.15 3.44
N SER A 7 23.12 -1.40 3.20
CA SER A 7 22.56 -2.17 2.10
C SER A 7 21.64 -3.27 2.62
N VAL A 8 20.34 -3.08 2.44
CA VAL A 8 19.35 -4.05 2.89
C VAL A 8 18.86 -4.92 1.74
N TRP A 9 18.14 -4.31 0.81
CA TRP A 9 17.61 -5.03 -0.34
C TRP A 9 16.53 -6.02 0.07
N ASP A 10 16.14 -5.97 1.34
CA ASP A 10 15.11 -6.85 1.87
C ASP A 10 13.92 -6.07 2.40
N HIS A 11 14.17 -4.80 2.76
CA HIS A 11 13.11 -3.94 3.28
C HIS A 11 11.93 -3.90 2.32
N ILE A 12 12.19 -4.14 1.04
CA ILE A 12 11.14 -4.13 0.04
C ILE A 12 11.30 -5.30 -0.94
N GLU A 13 12.55 -5.60 -1.29
CA GLU A 13 12.84 -6.69 -2.22
C GLU A 13 12.20 -6.43 -3.57
N VAL A 14 13.01 -6.00 -4.53
CA VAL A 14 12.53 -5.72 -5.88
C VAL A 14 13.35 -6.47 -6.92
N SER A 15 14.20 -7.37 -6.46
CA SER A 15 15.05 -8.16 -7.35
C SER A 15 16.03 -7.26 -8.11
N ASP A 16 16.48 -6.19 -7.44
CA ASP A 16 17.42 -5.26 -8.04
C ASP A 16 16.80 -4.56 -9.23
N ASP A 17 15.47 -4.45 -9.23
CA ASP A 17 14.76 -3.78 -10.31
C ASP A 17 15.10 -4.43 -11.65
N GLU A 18 14.57 -5.62 -11.89
CA GLU A 18 14.83 -6.34 -13.13
C GLU A 18 14.12 -7.69 -13.14
N ASP A 19 14.00 -8.30 -14.32
CA ASP A 19 13.35 -9.59 -14.46
C ASP A 19 14.36 -10.68 -14.79
N GLU A 20 13.87 -11.88 -15.07
CA GLU A 20 14.73 -13.01 -15.40
C GLU A 20 15.00 -13.07 -16.89
N THR A 21 14.48 -12.09 -17.63
CA THR A 21 14.66 -12.02 -19.08
C THR A 21 13.98 -10.80 -19.67
N HIS A 22 14.52 -9.62 -19.39
CA HIS A 22 13.97 -8.37 -19.90
C HIS A 22 13.75 -8.45 -21.41
N PRO A 23 12.83 -7.62 -21.93
CA PRO A 23 12.52 -7.58 -23.35
C PRO A 23 13.65 -6.99 -24.18
N ASN A 24 13.38 -6.75 -25.46
CA ASN A 24 14.39 -6.20 -26.37
C ASN A 24 13.86 -4.94 -27.04
N ILE A 25 14.77 -4.10 -27.51
CA ILE A 25 14.40 -2.86 -28.19
C ILE A 25 14.74 -2.92 -29.68
N ASP A 26 13.72 -2.71 -30.51
CA ASP A 26 13.91 -2.74 -31.96
C ASP A 26 12.87 -1.86 -32.65
N THR A 27 11.62 -2.30 -32.64
CA THR A 27 10.55 -1.54 -33.27
C THR A 27 9.18 -1.95 -32.71
N ALA A 28 8.76 -3.17 -33.00
CA ALA A 28 7.48 -3.68 -32.51
C ALA A 28 7.57 -4.06 -31.04
N SER A 29 8.70 -4.61 -30.64
CA SER A 29 8.92 -5.03 -29.26
C SER A 29 8.69 -3.87 -28.31
N LEU A 30 9.39 -2.76 -28.55
CA LEU A 30 9.28 -1.58 -27.71
C LEU A 30 7.82 -1.16 -27.56
N PHE A 31 7.10 -1.14 -28.68
CA PHE A 31 5.69 -0.76 -28.68
C PHE A 31 4.88 -1.69 -27.78
N ARG A 32 4.94 -2.99 -28.07
CA ARG A 32 4.22 -3.98 -27.29
C ARG A 32 4.53 -3.86 -25.81
N TRP A 33 5.81 -3.92 -25.48
CA TRP A 33 6.26 -3.82 -24.09
C TRP A 33 5.71 -2.54 -23.44
N ARG A 34 5.91 -1.41 -24.11
CA ARG A 34 5.45 -0.13 -23.60
C ARG A 34 3.95 -0.19 -23.26
N HIS A 35 3.17 -0.76 -24.18
CA HIS A 35 1.74 -0.88 -23.98
C HIS A 35 1.42 -1.71 -22.74
N GLN A 36 1.97 -2.92 -22.68
CA GLN A 36 1.74 -3.80 -21.54
C GLN A 36 2.08 -3.10 -20.23
N ALA A 37 3.33 -2.67 -20.10
CA ALA A 37 3.78 -1.99 -18.90
C ALA A 37 2.86 -0.81 -18.56
N ARG A 38 2.62 0.04 -19.55
CA ARG A 38 1.76 1.20 -19.36
C ARG A 38 0.41 0.80 -18.76
N VAL A 39 -0.19 -0.23 -19.32
CA VAL A 39 -1.48 -0.73 -18.85
C VAL A 39 -1.38 -1.20 -17.40
N GLU A 40 -0.31 -1.91 -17.08
CA GLU A 40 -0.10 -2.42 -15.73
C GLU A 40 -0.05 -1.27 -14.72
N ARG A 41 0.91 -0.38 -14.89
CA ARG A 41 1.06 0.75 -13.99
C ARG A 41 -0.20 1.63 -14.00
N MET A 42 -0.85 1.69 -15.16
CA MET A 42 -2.07 2.49 -15.29
C MET A 42 -3.18 1.96 -14.39
N GLU A 43 -3.55 0.69 -14.61
CA GLU A 43 -4.61 0.06 -13.82
C GLU A 43 -4.26 0.11 -12.33
N GLN A 44 -3.03 -0.26 -12.00
CA GLN A 44 -2.57 -0.27 -10.61
C GLN A 44 -2.61 1.14 -10.03
N PHE A 45 -2.32 2.13 -10.86
CA PHE A 45 -2.32 3.52 -10.42
C PHE A 45 -3.72 3.98 -10.04
N GLN A 46 -4.63 3.92 -11.00
CA GLN A 46 -6.01 4.33 -10.77
C GLN A 46 -6.66 3.48 -9.68
N LYS A 47 -6.50 2.16 -9.79
CA LYS A 47 -7.06 1.24 -8.82
C LYS A 47 -6.57 1.57 -7.41
N GLU A 48 -5.26 1.51 -7.21
CA GLU A 48 -4.67 1.81 -5.91
C GLU A 48 -5.02 3.22 -5.46
N LYS A 49 -5.11 4.13 -6.41
CA LYS A 49 -5.44 5.52 -6.12
C LYS A 49 -6.79 5.62 -5.42
N GLU A 50 -7.82 5.03 -6.03
CA GLU A 50 -9.16 5.05 -5.47
C GLU A 50 -9.20 4.30 -4.13
N GLU A 51 -8.68 3.08 -4.13
CA GLU A 51 -8.65 2.26 -2.92
C GLU A 51 -7.98 3.01 -1.77
N LEU A 52 -6.71 3.34 -1.96
CA LEU A 52 -5.94 4.05 -0.94
C LEU A 52 -6.66 5.32 -0.52
N ASP A 53 -7.22 6.04 -1.49
CA ASP A 53 -7.94 7.28 -1.21
C ASP A 53 -9.16 7.02 -0.34
N ARG A 54 -9.85 5.91 -0.61
CA ARG A 54 -11.03 5.55 0.15
C ARG A 54 -10.68 5.25 1.59
N GLY A 55 -9.73 4.32 1.79
CA GLY A 55 -9.32 3.96 3.13
C GLY A 55 -8.63 5.09 3.86
N CYS A 56 -8.00 5.98 3.09
CA CYS A 56 -7.29 7.11 3.67
C CYS A 56 -8.27 8.13 4.24
N ARG A 57 -9.22 8.56 3.43
CA ARG A 57 -10.22 9.52 3.86
C ARG A 57 -11.12 8.94 4.94
N GLU A 58 -11.47 7.66 4.79
CA GLU A 58 -12.33 6.99 5.76
C GLU A 58 -11.63 6.87 7.11
N CYS A 59 -10.47 6.25 7.11
CA CYS A 59 -9.70 6.06 8.33
C CYS A 59 -9.36 7.41 8.97
N LYS A 60 -8.95 8.36 8.15
CA LYS A 60 -8.59 9.69 8.63
C LYS A 60 -9.76 10.34 9.35
N ARG A 61 -10.93 10.34 8.69
CA ARG A 61 -12.13 10.93 9.27
C ARG A 61 -12.51 10.22 10.57
N LYS A 62 -12.36 8.90 10.59
CA LYS A 62 -12.69 8.10 11.76
C LYS A 62 -11.80 8.48 12.94
N VAL A 63 -10.49 8.33 12.76
CA VAL A 63 -9.54 8.65 13.81
C VAL A 63 -9.64 10.11 14.21
N ALA A 64 -10.03 10.97 13.26
CA ALA A 64 -10.17 12.39 13.53
C ALA A 64 -11.31 12.66 14.51
N GLU A 65 -12.50 12.23 14.15
CA GLU A 65 -13.68 12.43 15.00
C GLU A 65 -13.47 11.77 16.37
N CYS A 66 -13.08 10.49 16.35
CA CYS A 66 -12.86 9.75 17.58
C CYS A 66 -11.85 10.47 18.48
N GLN A 67 -10.73 10.86 17.90
CA GLN A 67 -9.68 11.56 18.64
C GLN A 67 -10.25 12.81 19.31
N ARG A 68 -10.88 13.67 18.51
CA ARG A 68 -11.46 14.90 19.03
C ARG A 68 -12.47 14.61 20.13
N LYS A 69 -13.17 13.49 20.00
CA LYS A 69 -14.17 13.09 20.99
C LYS A 69 -13.51 12.72 22.31
N LEU A 70 -12.70 11.67 22.28
CA LEU A 70 -12.00 11.21 23.48
C LEU A 70 -11.12 12.30 24.06
N LYS A 71 -10.68 13.22 23.20
CA LYS A 71 -9.84 14.33 23.62
C LYS A 71 -10.65 15.36 24.42
N GLU A 72 -11.79 15.76 23.87
CA GLU A 72 -12.65 16.73 24.54
C GLU A 72 -13.28 16.14 25.79
N LEU A 73 -13.44 14.82 25.80
CA LEU A 73 -14.03 14.12 26.94
C LEU A 73 -12.98 13.80 27.98
N GLU A 74 -11.74 13.61 27.53
CA GLU A 74 -10.64 13.28 28.43
C GLU A 74 -10.53 14.32 29.54
N VAL A 75 -11.05 15.52 29.28
CA VAL A 75 -11.02 16.60 30.27
C VAL A 75 -12.17 16.48 31.25
N ALA A 76 -13.27 15.88 30.80
CA ALA A 76 -14.44 15.70 31.65
C ALA A 76 -14.35 14.41 32.45
N GLU A 77 -14.09 14.54 33.74
CA GLU A 77 -13.98 13.37 34.62
C GLU A 77 -12.80 12.48 34.19
N GLY A 78 -11.72 12.53 34.96
CA GLY A 78 -10.56 11.73 34.65
C GLY A 78 -10.62 10.34 35.26
N GLY A 79 -9.47 9.78 35.57
CA GLY A 79 -9.43 8.45 36.16
C GLY A 79 -9.24 7.35 35.11
N LYS A 80 -9.97 6.25 35.27
CA LYS A 80 -9.88 5.15 34.34
C LYS A 80 -10.14 5.61 32.91
N ALA A 81 -10.91 6.68 32.77
CA ALA A 81 -11.22 7.23 31.46
C ALA A 81 -9.96 7.48 30.64
N GLU A 82 -8.86 7.74 31.34
CA GLU A 82 -7.58 8.01 30.69
C GLU A 82 -7.17 6.84 29.80
N LEU A 83 -7.39 5.62 30.31
CA LEU A 83 -7.04 4.41 29.57
C LEU A 83 -7.95 4.23 28.36
N GLU A 84 -9.22 4.62 28.52
CA GLU A 84 -10.19 4.49 27.44
C GLU A 84 -9.80 5.39 26.26
N ARG A 85 -9.50 6.65 26.55
CA ARG A 85 -9.12 7.60 25.52
C ARG A 85 -7.77 7.23 24.92
N LEU A 86 -6.83 6.84 25.77
CA LEU A 86 -5.49 6.47 25.32
C LEU A 86 -5.53 5.20 24.50
N GLN A 87 -6.43 4.28 24.87
CA GLN A 87 -6.57 3.02 24.15
C GLN A 87 -7.16 3.24 22.77
N ALA A 88 -8.29 3.93 22.72
CA ALA A 88 -8.95 4.20 21.45
C ALA A 88 -8.06 5.02 20.52
N GLU A 89 -7.35 5.99 21.09
CA GLU A 89 -6.46 6.84 20.31
C GLU A 89 -5.27 6.04 19.79
N ALA A 90 -4.44 5.55 20.73
CA ALA A 90 -3.27 4.77 20.36
C ALA A 90 -3.62 3.67 19.36
N GLN A 91 -4.79 3.06 19.54
CA GLN A 91 -5.24 2.00 18.65
C GLN A 91 -5.67 2.56 17.31
N GLN A 92 -6.26 3.76 17.33
CA GLN A 92 -6.71 4.40 16.11
C GLN A 92 -5.55 4.66 15.15
N LEU A 93 -4.52 5.34 15.65
CA LEU A 93 -3.34 5.64 14.85
C LEU A 93 -2.56 4.37 14.53
N ARG A 94 -2.25 3.60 15.56
CA ARG A 94 -1.50 2.36 15.39
C ARG A 94 -2.14 1.49 14.31
N LYS A 95 -3.47 1.44 14.30
CA LYS A 95 -4.21 0.65 13.32
C LYS A 95 -4.19 1.31 11.96
N GLU A 96 -4.30 2.64 11.94
CA GLU A 96 -4.30 3.40 10.70
C GLU A 96 -2.96 3.25 9.98
N GLU A 97 -1.88 3.38 10.72
CA GLU A 97 -0.54 3.27 10.15
C GLU A 97 -0.22 1.82 9.80
N ARG A 98 -0.54 0.91 10.71
CA ARG A 98 -0.29 -0.51 10.50
C ARG A 98 -1.09 -1.02 9.31
N SER A 99 -2.35 -0.62 9.22
CA SER A 99 -3.21 -1.05 8.12
C SER A 99 -2.76 -0.44 6.80
N TRP A 100 -2.53 0.87 6.81
CA TRP A 100 -2.09 1.57 5.60
C TRP A 100 -0.77 0.99 5.08
N GLU A 101 0.17 0.79 5.98
CA GLU A 101 1.48 0.24 5.61
C GLU A 101 1.33 -1.17 5.04
N GLN A 102 0.74 -2.05 5.83
CA GLN A 102 0.53 -3.44 5.42
C GLN A 102 -0.21 -3.50 4.09
N LYS A 103 -1.37 -2.84 4.04
CA LYS A 103 -2.18 -2.82 2.82
C LYS A 103 -1.34 -2.40 1.61
N LEU A 104 -0.62 -1.29 1.75
CA LEU A 104 0.22 -0.79 0.67
C LEU A 104 1.24 -1.85 0.24
N GLU A 105 2.00 -2.36 1.21
CA GLU A 105 3.00 -3.37 0.92
C GLU A 105 2.40 -4.53 0.13
N GLU A 106 1.18 -4.92 0.49
CA GLU A 106 0.50 -6.01 -0.19
C GLU A 106 0.06 -5.60 -1.58
N MET A 107 -0.48 -4.38 -1.70
CA MET A 107 -0.94 -3.87 -2.98
C MET A 107 0.20 -3.82 -3.99
N ARG A 108 1.37 -3.36 -3.53
CA ARG A 108 2.54 -3.26 -4.39
C ARG A 108 3.18 -4.63 -4.61
N LYS A 109 3.14 -5.46 -3.58
CA LYS A 109 3.71 -6.80 -3.66
C LYS A 109 2.94 -7.67 -4.64
N LYS A 110 1.64 -7.41 -4.75
CA LYS A 110 0.79 -8.17 -5.65
C LYS A 110 0.81 -7.57 -7.06
N GLU A 111 0.58 -6.26 -7.14
CA GLU A 111 0.59 -5.57 -8.43
C GLU A 111 1.92 -5.77 -9.15
N LYS A 112 3.01 -5.71 -8.39
CA LYS A 112 4.34 -5.88 -8.95
C LYS A 112 4.45 -7.20 -9.71
N SER A 113 3.62 -8.17 -9.32
CA SER A 113 3.63 -9.48 -9.97
C SER A 113 2.34 -9.69 -10.78
N MET A 114 1.74 -8.59 -11.21
CA MET A 114 0.51 -8.65 -11.99
C MET A 114 0.68 -9.57 -13.19
N PRO A 115 -0.44 -10.03 -13.76
CA PRO A 115 -0.45 -10.92 -14.92
C PRO A 115 0.01 -10.22 -16.19
N TRP A 116 0.00 -8.89 -16.16
CA TRP A 116 0.43 -8.10 -17.32
C TRP A 116 1.95 -8.02 -17.39
N ASN A 117 2.60 -8.16 -16.24
CA ASN A 117 4.06 -8.09 -16.18
C ASN A 117 4.66 -9.50 -16.13
N VAL A 118 3.93 -10.42 -15.50
CA VAL A 118 4.39 -11.80 -15.37
C VAL A 118 3.64 -12.72 -16.34
N ASP A 119 3.12 -12.14 -17.41
CA ASP A 119 2.38 -12.90 -18.40
C ASP A 119 3.19 -14.10 -18.88
N THR A 120 2.83 -15.28 -18.40
CA THR A 120 3.54 -16.50 -18.77
C THR A 120 2.61 -17.71 -18.72
N LEU A 121 3.16 -18.89 -18.95
CA LEU A 121 2.38 -20.12 -18.92
C LEU A 121 1.78 -20.36 -17.54
N SER A 122 0.49 -20.66 -17.51
CA SER A 122 -0.20 -20.92 -16.24
C SER A 122 -0.18 -19.68 -15.35
N LYS A 123 -1.27 -18.94 -15.34
CA LYS A 123 -1.38 -17.73 -14.54
C LYS A 123 -2.80 -17.15 -14.60
N ASP A 124 -3.49 -17.17 -13.48
CA ASP A 124 -4.86 -16.65 -13.41
C ASP A 124 -4.93 -15.45 -12.47
N GLY A 125 -3.94 -15.34 -11.59
CA GLY A 125 -3.92 -14.24 -10.64
C GLY A 125 -5.14 -14.23 -9.74
N PHE A 126 -5.51 -15.39 -9.23
CA PHE A 126 -6.67 -15.50 -8.35
C PHE A 126 -6.44 -14.76 -7.04
N SER A 127 -7.26 -13.73 -6.78
CA SER A 127 -7.13 -12.93 -5.57
C SER A 127 -8.25 -13.26 -4.59
N LYS A 128 -8.00 -13.02 -3.31
CA LYS A 128 -9.00 -13.28 -2.28
C LYS A 128 -9.14 -12.09 -1.34
#